data_2AQB
#
_entry.id   2AQB
#
_cell.length_a   59.104
_cell.length_b   139.193
_cell.length_c   212.326
_cell.angle_alpha   90.00
_cell.angle_beta   90.00
_cell.angle_gamma   90.00
#
_symmetry.space_group_name_H-M   'P 21 21 21'
#
loop_
_entity.id
_entity.type
_entity.pdbx_description
1 polymer '3-oxoacyl-[acyl-carrier-protein] synthase I'
2 non-polymer (5R)-5-[(1E)-BUTA-1,3-DIENYL]-4-HYDROXY-3,5-DIMETHYLTHIOPHEN-2(5H)-ONE
3 water water
#
_entity_poly.entity_id   1
_entity_poly.type   'polypeptide(L)'
_entity_poly.pdbx_seq_one_letter_code
;MKRAVITGLGIVSSIGNNQQEVLASLREGRSGITFSQELKDSGMRSHVWGNVKLDTTGLIDRKVVRFMSDASIYAFLSME
QAIADAGLSPEAYQNNPRVGLIAGSGGGSPRFQVFGADAMRGPRGLKAVGPYVVTKAMASGVSACLATPFKIHGVNYSIS
SACATSAHCIGNAVEQIQLGKQDIVFAGGGEELCWEMACEFDAMGALSTKYNDTPEKASRTYDAHRDGFVIAGGGGMVVV
EELEHALARGAHIYAEIVGYGATSDGADMVAPSGEGAVRCMKMAMHGVDTPIDYLNSHGTSTPVGDVKELAAIREVFGDK
SPAISATKAMTGHSLGAAGVQEAIYSLLMLEHGFIAPSINIEELDEQAAGLNIVTETTDRELTTVMSNSFGFGGTNATLV
MRKLKD
;
_entity_poly.pdbx_strand_id   A,B,C,D
#
loop_
_chem_comp.id
_chem_comp.type
_chem_comp.name
_chem_comp.formula
TL6 non-polymer (5R)-5-[(1E)-BUTA-1,3-DIENYL]-4-HYDROXY-3,5-DIMETHYLTHIOPHEN-2(5H)-ONE 'C10 H12 O2 S'
#
# COMPACT_ATOMS: atom_id res chain seq x y z
N MET A 1 0.52 32.38 -41.39
CA MET A 1 0.52 31.45 -40.23
C MET A 1 1.28 32.04 -39.04
N LYS A 2 0.74 31.83 -37.85
CA LYS A 2 1.32 32.33 -36.62
C LYS A 2 2.41 31.41 -36.09
N ARG A 3 3.34 31.98 -35.33
CA ARG A 3 4.39 31.20 -34.69
C ARG A 3 3.95 30.80 -33.29
N ALA A 4 4.36 29.61 -32.86
CA ALA A 4 4.02 29.08 -31.54
C ALA A 4 5.28 28.86 -30.71
N VAL A 5 5.20 29.27 -29.44
CA VAL A 5 6.31 29.16 -28.50
C VAL A 5 5.88 28.46 -27.21
N ILE A 6 6.85 27.90 -26.47
CA ILE A 6 6.57 27.30 -25.15
C ILE A 6 6.96 28.28 -24.05
N THR A 7 5.98 28.69 -23.25
CA THR A 7 6.15 29.74 -22.24
C THR A 7 6.02 29.24 -20.81
N GLY A 8 5.87 27.93 -20.66
CA GLY A 8 5.76 27.32 -19.35
C GLY A 8 5.75 25.80 -19.44
N LEU A 9 6.11 25.15 -18.34
CA LEU A 9 6.08 23.69 -18.31
C LEU A 9 5.87 23.13 -16.91
N GLY A 10 5.36 21.91 -16.88
CA GLY A 10 5.10 21.17 -15.65
C GLY A 10 5.24 19.68 -15.90
N ILE A 11 5.71 18.97 -14.88
CA ILE A 11 6.05 17.56 -15.04
C ILE A 11 5.99 16.79 -13.72
N VAL A 12 5.33 15.64 -13.75
CA VAL A 12 5.39 14.67 -12.66
C VAL A 12 5.90 13.36 -13.27
N SER A 13 7.11 12.97 -12.90
CA SER A 13 7.72 11.80 -13.53
C SER A 13 8.51 10.91 -12.59
N SER A 14 8.99 9.81 -13.14
CA SER A 14 9.75 8.80 -12.41
C SER A 14 11.04 9.40 -11.90
N ILE A 15 11.54 10.43 -12.58
CA ILE A 15 12.81 11.06 -12.21
C ILE A 15 12.64 12.47 -11.62
N GLY A 16 11.43 12.83 -11.21
CA GLY A 16 11.17 14.13 -10.56
C GLY A 16 9.73 14.60 -10.56
N ASN A 17 9.34 15.29 -9.49
CA ASN A 17 7.97 15.79 -9.33
C ASN A 17 7.78 17.23 -9.78
N ASN A 18 8.84 17.80 -10.35
CA ASN A 18 8.83 19.13 -10.95
C ASN A 18 10.05 19.26 -11.84
N GLN A 19 10.15 20.38 -12.56
CA GLN A 19 11.25 20.58 -13.50
C GLN A 19 12.64 20.71 -12.87
N GLN A 20 12.70 21.16 -11.61
CA GLN A 20 13.98 21.26 -10.88
C GLN A 20 14.52 19.87 -10.54
N GLU A 21 13.68 19.03 -9.94
CA GLU A 21 14.04 17.64 -9.63
C GLU A 21 14.36 16.82 -10.89
N VAL A 22 13.61 17.05 -11.97
CA VAL A 22 13.87 16.40 -13.25
C VAL A 22 15.21 16.85 -13.86
N LEU A 23 15.50 18.14 -13.79
CA LEU A 23 16.78 18.69 -14.25
C LEU A 23 17.94 18.01 -13.53
N ALA A 24 17.79 17.83 -12.21
CA ALA A 24 18.80 17.21 -11.36
C ALA A 24 19.06 15.75 -11.72
N SER A 25 17.99 15.01 -12.03
CA SER A 25 18.10 13.61 -12.44
C SER A 25 18.71 13.44 -13.83
N LEU A 26 18.38 14.35 -14.75
CA LEU A 26 18.90 14.30 -16.12
C LEU A 26 20.41 14.54 -16.18
N ARG A 27 20.88 15.53 -15.42
CA ARG A 27 22.31 15.84 -15.37
C ARG A 27 23.11 14.76 -14.64
N GLU A 28 22.49 14.14 -13.65
CA GLU A 28 23.12 13.07 -12.88
C GLU A 28 23.06 11.72 -13.59
N GLY A 29 22.17 11.60 -14.57
CA GLY A 29 21.87 10.31 -15.21
C GLY A 29 21.19 9.36 -14.25
N ARG A 30 20.35 9.91 -13.37
CA ARG A 30 19.66 9.12 -12.35
C ARG A 30 18.49 8.31 -12.92
N SER A 31 18.40 7.06 -12.48
CA SER A 31 17.30 6.18 -12.88
C SER A 31 16.09 6.39 -11.98
N GLY A 32 14.90 6.33 -12.59
CA GLY A 32 13.64 6.39 -11.85
C GLY A 32 12.95 5.05 -11.69
N ILE A 33 13.68 3.98 -12.03
CA ILE A 33 13.10 2.64 -12.08
C ILE A 33 13.28 1.88 -10.76
N THR A 34 12.19 1.32 -10.25
CA THR A 34 12.21 0.57 -9.01
C THR A 34 11.52 -0.78 -9.16
N PHE A 35 11.84 -1.71 -8.26
CA PHE A 35 11.12 -2.97 -8.14
C PHE A 35 9.67 -2.70 -7.73
N SER A 36 8.75 -3.44 -8.34
CA SER A 36 7.33 -3.28 -8.08
C SER A 36 6.73 -4.55 -7.52
N GLN A 37 6.35 -4.52 -6.25
CA GLN A 37 5.68 -5.66 -5.62
C GLN A 37 4.32 -5.90 -6.27
N GLU A 38 3.60 -4.83 -6.58
CA GLU A 38 2.31 -4.91 -7.29
C GLU A 38 2.40 -5.68 -8.61
N LEU A 39 3.42 -5.41 -9.42
CA LEU A 39 3.58 -6.13 -10.69
C LEU A 39 3.85 -7.62 -10.48
N LYS A 40 4.82 -7.93 -9.62
CA LYS A 40 5.16 -9.32 -9.27
C LYS A 40 3.93 -10.08 -8.74
N ASP A 41 3.26 -9.48 -7.76
CA ASP A 41 2.03 -10.05 -7.18
C ASP A 41 0.94 -10.41 -8.21
N SER A 42 0.83 -9.64 -9.29
CA SER A 42 -0.22 -9.89 -10.30
C SER A 42 0.04 -11.15 -11.14
N GLY A 43 1.29 -11.62 -11.13
CA GLY A 43 1.69 -12.82 -11.86
C GLY A 43 2.51 -12.47 -13.08
N MET A 44 2.95 -11.21 -13.16
CA MET A 44 3.69 -10.72 -14.31
C MET A 44 5.14 -11.22 -14.30
N ARG A 45 5.80 -11.11 -15.45
CA ARG A 45 7.21 -11.45 -15.59
C ARG A 45 8.11 -10.23 -15.43
N SER A 46 7.58 -9.06 -15.78
CA SER A 46 8.25 -7.78 -15.53
C SER A 46 7.89 -7.34 -14.12
N HIS A 47 8.92 -7.10 -13.30
CA HIS A 47 8.71 -6.67 -11.91
C HIS A 47 9.28 -5.26 -11.64
N VAL A 48 9.54 -4.52 -12.72
CA VAL A 48 10.15 -3.20 -12.64
C VAL A 48 9.24 -2.13 -13.23
N TRP A 49 9.32 -0.91 -12.71
CA TRP A 49 8.53 0.21 -13.26
C TRP A 49 9.11 1.60 -13.00
N GLY A 50 8.67 2.58 -13.79
CA GLY A 50 9.01 3.98 -13.60
C GLY A 50 7.86 4.67 -12.87
N ASN A 51 7.87 4.55 -11.55
CA ASN A 51 6.79 5.03 -10.70
C ASN A 51 6.97 6.48 -10.30
N VAL A 52 5.84 7.14 -10.08
CA VAL A 52 5.83 8.49 -9.54
C VAL A 52 6.02 8.36 -8.04
N LYS A 53 7.04 9.03 -7.49
CA LYS A 53 7.31 8.98 -6.06
C LYS A 53 6.74 10.24 -5.41
N LEU A 54 5.43 10.29 -5.29
CA LEU A 54 4.72 11.45 -4.74
C LEU A 54 3.43 11.03 -4.04
N ASP A 55 3.23 11.55 -2.84
CA ASP A 55 1.97 11.40 -2.13
C ASP A 55 1.02 12.52 -2.59
N THR A 56 0.04 12.16 -3.41
CA THR A 56 -0.88 13.12 -4.02
C THR A 56 -2.11 13.42 -3.15
N THR A 57 -2.13 12.88 -1.94
CA THR A 57 -3.23 13.10 -0.98
C THR A 57 -3.32 14.57 -0.62
N GLY A 58 -4.51 15.15 -0.81
CA GLY A 58 -4.78 16.54 -0.43
C GLY A 58 -4.28 17.61 -1.38
N LEU A 59 -3.60 17.19 -2.45
CA LEU A 59 -3.01 18.11 -3.43
C LEU A 59 -4.05 18.67 -4.42
N ILE A 60 -5.16 17.95 -4.59
CA ILE A 60 -6.27 18.39 -5.44
C ILE A 60 -7.54 18.43 -4.60
N ASP A 61 -8.32 19.49 -4.74
CA ASP A 61 -9.56 19.63 -3.97
C ASP A 61 -10.48 18.42 -4.14
N ARG A 62 -11.09 18.01 -3.01
CA ARG A 62 -11.95 16.84 -2.89
C ARG A 62 -13.01 16.71 -3.99
N LYS A 63 -13.70 17.81 -4.28
CA LYS A 63 -14.78 17.81 -5.26
C LYS A 63 -14.28 17.79 -6.72
N VAL A 64 -12.99 18.05 -6.90
CA VAL A 64 -12.36 17.98 -8.22
C VAL A 64 -11.75 16.60 -8.48
N VAL A 65 -11.08 16.06 -7.48
CA VAL A 65 -10.32 14.82 -7.63
C VAL A 65 -11.24 13.58 -7.70
N ARG A 66 -12.46 13.71 -7.19
CA ARG A 66 -13.43 12.62 -7.16
C ARG A 66 -13.78 12.07 -8.55
N PHE A 67 -13.55 12.88 -9.58
CA PHE A 67 -13.82 12.49 -10.97
C PHE A 67 -12.61 11.87 -11.67
N MET A 68 -11.46 11.90 -10.99
CA MET A 68 -10.16 11.67 -11.64
C MET A 68 -9.54 10.30 -11.41
N SER A 69 -9.01 9.74 -12.49
CA SER A 69 -8.05 8.63 -12.43
C SER A 69 -6.64 9.23 -12.26
N ASP A 70 -5.64 8.36 -12.08
CA ASP A 70 -4.25 8.81 -11.90
C ASP A 70 -3.69 9.60 -13.07
N ALA A 71 -4.01 9.20 -14.30
CA ALA A 71 -3.56 9.94 -15.48
C ALA A 71 -3.98 11.40 -15.42
N SER A 72 -5.23 11.63 -14.99
CA SER A 72 -5.79 12.96 -14.82
C SER A 72 -5.12 13.72 -13.67
N ILE A 73 -4.88 13.03 -12.56
CA ILE A 73 -4.19 13.59 -11.39
C ILE A 73 -2.78 14.08 -11.78
N TYR A 74 -2.04 13.24 -12.50
CA TYR A 74 -0.68 13.57 -12.91
C TYR A 74 -0.67 14.75 -13.86
N ALA A 75 -1.62 14.76 -14.79
CA ALA A 75 -1.76 15.84 -15.77
C ALA A 75 -2.20 17.16 -15.13
N PHE A 76 -3.13 17.08 -14.17
CA PHE A 76 -3.63 18.23 -13.41
C PHE A 76 -2.51 18.95 -12.66
N LEU A 77 -1.71 18.18 -11.95
CA LEU A 77 -0.59 18.72 -11.17
C LEU A 77 0.50 19.34 -12.05
N SER A 78 0.76 18.72 -13.20
CA SER A 78 1.68 19.26 -14.21
C SER A 78 1.14 20.57 -14.74
N MET A 79 -0.17 20.62 -14.95
CA MET A 79 -0.82 21.82 -15.47
C MET A 79 -0.75 22.97 -14.46
N GLU A 80 -0.92 22.68 -13.17
CA GLU A 80 -0.74 23.69 -12.12
C GLU A 80 0.65 24.30 -12.18
N GLN A 81 1.66 23.43 -12.27
CA GLN A 81 3.06 23.83 -12.40
C GLN A 81 3.29 24.69 -13.61
N ALA A 82 2.70 24.27 -14.74
CA ALA A 82 2.88 24.97 -16.01
C ALA A 82 2.24 26.36 -16.00
N ILE A 83 1.07 26.49 -15.37
CA ILE A 83 0.37 27.77 -15.22
C ILE A 83 1.26 28.78 -14.47
N ALA A 84 1.77 28.34 -13.33
CA ALA A 84 2.66 29.12 -12.48
C ALA A 84 3.95 29.44 -13.21
N ASP A 85 4.57 28.44 -13.81
CA ASP A 85 5.82 28.62 -14.53
C ASP A 85 5.67 29.57 -15.72
N ALA A 86 4.46 29.63 -16.27
CA ALA A 86 4.16 30.54 -17.37
C ALA A 86 3.89 31.98 -16.91
N GLY A 87 3.63 32.15 -15.61
CA GLY A 87 3.32 33.47 -15.06
C GLY A 87 1.87 33.87 -15.31
N LEU A 88 1.01 32.88 -15.50
CA LEU A 88 -0.40 33.09 -15.81
C LEU A 88 -1.25 33.07 -14.55
N SER A 89 -2.25 33.96 -14.51
CA SER A 89 -3.21 34.05 -13.41
C SER A 89 -4.62 33.83 -13.96
N PRO A 90 -5.58 33.39 -13.12
CA PRO A 90 -6.95 33.08 -13.58
C PRO A 90 -7.60 34.11 -14.51
N GLU A 91 -7.49 35.39 -14.18
CA GLU A 91 -8.07 36.45 -15.02
C GLU A 91 -7.57 36.41 -16.47
N ALA A 92 -6.41 35.79 -16.69
CA ALA A 92 -5.80 35.70 -18.03
C ALA A 92 -6.19 34.44 -18.80
N TYR A 93 -6.28 33.30 -18.12
CA TYR A 93 -6.50 32.02 -18.82
C TYR A 93 -7.89 31.40 -18.61
N GLN A 94 -8.57 31.80 -17.53
CA GLN A 94 -9.90 31.25 -17.20
C GLN A 94 -11.03 32.02 -17.88
N ASN A 95 -12.08 31.27 -18.25
CA ASN A 95 -13.25 31.82 -18.95
C ASN A 95 -12.87 32.63 -20.18
N ASN A 96 -11.86 32.15 -20.89
CA ASN A 96 -11.28 32.81 -22.05
C ASN A 96 -11.39 31.92 -23.28
N PRO A 97 -12.32 32.26 -24.21
CA PRO A 97 -12.57 31.54 -25.46
C PRO A 97 -11.32 31.27 -26.29
N ARG A 98 -10.28 32.08 -26.10
CA ARG A 98 -9.06 31.97 -26.89
C ARG A 98 -7.95 31.18 -26.18
N VAL A 99 -8.32 30.47 -25.11
CA VAL A 99 -7.40 29.62 -24.35
C VAL A 99 -8.01 28.21 -24.26
N GLY A 100 -7.23 27.22 -24.71
CA GLY A 100 -7.71 25.84 -24.76
C GLY A 100 -6.80 24.82 -24.11
N LEU A 101 -7.19 23.55 -24.27
CA LEU A 101 -6.49 22.41 -23.68
C LEU A 101 -6.63 21.19 -24.61
N ILE A 102 -5.49 20.63 -24.99
CA ILE A 102 -5.44 19.38 -25.74
C ILE A 102 -4.47 18.44 -25.01
N ALA A 103 -5.03 17.44 -24.32
CA ALA A 103 -4.22 16.53 -23.51
C ALA A 103 -4.90 15.17 -23.38
N GLY A 104 -4.11 14.10 -23.44
CA GLY A 104 -4.67 12.74 -23.41
C GLY A 104 -3.80 11.70 -22.74
N SER A 105 -4.33 10.48 -22.68
CA SER A 105 -3.58 9.32 -22.25
C SER A 105 -3.59 8.28 -23.36
N GLY A 106 -2.67 7.32 -23.28
CA GLY A 106 -2.65 6.18 -24.20
C GLY A 106 -3.70 5.13 -23.86
N GLY A 107 -3.99 4.98 -22.57
CA GLY A 107 -4.82 3.88 -22.10
C GLY A 107 -6.08 4.23 -21.34
N GLY A 108 -6.26 5.52 -21.03
CA GLY A 108 -7.42 5.95 -20.23
C GLY A 108 -7.20 5.56 -18.78
N SER A 109 -8.11 4.76 -18.23
CA SER A 109 -7.89 4.12 -16.93
C SER A 109 -8.38 2.66 -16.92
N PRO A 110 -7.49 1.72 -17.30
CA PRO A 110 -7.79 0.31 -17.08
C PRO A 110 -8.15 -0.01 -15.63
N ARG A 111 -7.49 0.65 -14.68
CA ARG A 111 -7.77 0.42 -13.26
C ARG A 111 -9.24 0.67 -12.88
N PHE A 112 -9.79 1.81 -13.27
CA PHE A 112 -11.16 2.13 -12.91
C PHE A 112 -12.18 1.46 -13.83
N GLN A 113 -11.77 1.13 -15.05
CA GLN A 113 -12.56 0.23 -15.89
C GLN A 113 -12.77 -1.12 -15.21
N VAL A 114 -11.68 -1.71 -14.72
CA VAL A 114 -11.71 -2.99 -14.00
C VAL A 114 -12.40 -2.85 -12.63
N PHE A 115 -12.14 -1.76 -11.92
CA PHE A 115 -12.86 -1.49 -10.67
C PHE A 115 -14.37 -1.46 -10.91
N GLY A 116 -14.80 -0.74 -11.95
CA GLY A 116 -16.19 -0.65 -12.36
C GLY A 116 -16.83 -2.01 -12.60
N ALA A 117 -16.14 -2.85 -13.37
CA ALA A 117 -16.64 -4.20 -13.67
C ALA A 117 -16.62 -5.10 -12.44
N ASP A 118 -15.52 -5.09 -11.69
CA ASP A 118 -15.43 -5.85 -10.43
C ASP A 118 -16.54 -5.50 -9.46
N ALA A 119 -16.76 -4.20 -9.26
CA ALA A 119 -17.77 -3.69 -8.33
C ALA A 119 -19.19 -4.05 -8.78
N MET A 120 -19.44 -3.93 -10.09
CA MET A 120 -20.74 -4.28 -10.66
C MET A 120 -21.10 -5.75 -10.45
N ARG A 121 -20.11 -6.64 -10.57
CA ARG A 121 -20.33 -8.08 -10.41
C ARG A 121 -20.44 -8.53 -8.97
N GLY A 122 -20.21 -7.63 -8.02
CA GLY A 122 -20.37 -7.93 -6.61
C GLY A 122 -21.83 -7.83 -6.22
N PRO A 123 -22.16 -8.12 -4.95
CA PRO A 123 -23.56 -8.16 -4.49
C PRO A 123 -24.29 -6.81 -4.49
N ARG A 124 -23.55 -5.69 -4.56
CA ARG A 124 -24.18 -4.36 -4.49
C ARG A 124 -24.34 -3.63 -5.85
N GLY A 125 -23.72 -4.19 -6.90
CA GLY A 125 -23.88 -3.71 -8.28
C GLY A 125 -23.61 -2.23 -8.50
N LEU A 126 -24.61 -1.55 -9.06
CA LEU A 126 -24.57 -0.11 -9.36
C LEU A 126 -24.11 0.74 -8.19
N LYS A 127 -24.58 0.38 -7.00
CA LYS A 127 -24.24 1.08 -5.77
C LYS A 127 -22.75 0.99 -5.43
N ALA A 128 -22.12 -0.13 -5.76
CA ALA A 128 -20.69 -0.30 -5.55
C ALA A 128 -19.85 0.40 -6.63
N VAL A 129 -20.38 0.46 -7.86
CA VAL A 129 -19.74 1.20 -8.94
C VAL A 129 -19.58 2.69 -8.58
N GLY A 130 -20.68 3.31 -8.13
CA GLY A 130 -20.70 4.75 -7.84
C GLY A 130 -20.78 5.59 -9.12
N PRO A 131 -21.01 6.91 -8.98
CA PRO A 131 -21.25 7.80 -10.11
C PRO A 131 -20.03 8.42 -10.81
N TYR A 132 -18.82 7.96 -10.53
CA TYR A 132 -17.60 8.65 -11.01
C TYR A 132 -16.70 7.86 -11.97
N VAL A 133 -17.10 6.64 -12.32
CA VAL A 133 -16.25 5.75 -13.12
C VAL A 133 -16.09 6.22 -14.58
N VAL A 134 -17.15 6.77 -15.17
CA VAL A 134 -17.11 7.26 -16.55
C VAL A 134 -16.01 8.30 -16.77
N THR A 135 -15.98 9.32 -15.90
CA THR A 135 -14.96 10.37 -16.03
C THR A 135 -13.55 9.85 -15.72
N LYS A 136 -13.45 8.82 -14.88
CA LYS A 136 -12.17 8.20 -14.56
C LYS A 136 -11.69 7.34 -15.73
N ALA A 137 -12.62 6.60 -16.34
CA ALA A 137 -12.28 5.56 -17.31
C ALA A 137 -12.36 5.95 -18.77
N MET A 138 -13.16 6.97 -19.11
CA MET A 138 -13.29 7.39 -20.51
C MET A 138 -11.94 7.83 -21.09
N ALA A 139 -11.77 7.59 -22.39
CA ALA A 139 -10.52 7.89 -23.09
C ALA A 139 -10.11 9.37 -22.98
N SER A 140 -11.11 10.24 -22.89
CA SER A 140 -10.89 11.68 -22.82
C SER A 140 -10.82 12.19 -21.37
N GLY A 141 -10.74 11.27 -20.42
CA GLY A 141 -10.61 11.60 -19.00
C GLY A 141 -9.66 12.76 -18.72
N VAL A 142 -8.45 12.69 -19.28
CA VAL A 142 -7.40 13.68 -19.05
C VAL A 142 -7.81 15.11 -19.43
N SER A 143 -8.47 15.29 -20.58
CA SER A 143 -8.88 16.64 -21.01
C SER A 143 -10.12 17.12 -20.24
N ALA A 144 -11.10 16.23 -20.09
CA ALA A 144 -12.33 16.52 -19.37
C ALA A 144 -12.05 16.96 -17.94
N CYS A 145 -11.17 16.21 -17.27
CA CYS A 145 -10.84 16.45 -15.87
C CYS A 145 -10.01 17.72 -15.61
N LEU A 146 -9.38 18.27 -16.64
CA LEU A 146 -8.59 19.49 -16.49
C LEU A 146 -9.32 20.75 -16.96
N ALA A 147 -10.02 20.64 -18.09
CA ALA A 147 -10.68 21.78 -18.71
C ALA A 147 -11.78 22.38 -17.84
N THR A 148 -12.49 21.50 -17.13
CA THR A 148 -13.58 21.89 -16.22
C THR A 148 -13.10 22.72 -15.01
N PRO A 149 -12.23 22.15 -14.14
CA PRO A 149 -11.78 22.94 -12.97
C PRO A 149 -10.91 24.15 -13.29
N PHE A 150 -10.15 24.09 -14.38
CA PHE A 150 -9.35 25.26 -14.83
C PHE A 150 -10.17 26.29 -15.63
N LYS A 151 -11.47 26.04 -15.81
CA LYS A 151 -12.41 26.99 -16.47
C LYS A 151 -11.98 27.35 -17.89
N ILE A 152 -11.59 26.32 -18.64
CA ILE A 152 -11.18 26.49 -20.02
C ILE A 152 -12.41 26.65 -20.90
N HIS A 153 -12.36 27.65 -21.78
CA HIS A 153 -13.47 27.97 -22.68
C HIS A 153 -13.16 27.69 -24.16
N GLY A 154 -11.89 27.53 -24.50
CA GLY A 154 -11.48 27.25 -25.89
C GLY A 154 -11.62 25.79 -26.26
N VAL A 155 -10.68 25.27 -27.04
CA VAL A 155 -10.72 23.85 -27.41
C VAL A 155 -10.58 22.97 -26.17
N ASN A 156 -11.17 21.79 -26.26
CA ASN A 156 -11.15 20.82 -25.18
C ASN A 156 -11.42 19.45 -25.76
N TYR A 157 -10.35 18.68 -25.93
CA TYR A 157 -10.42 17.27 -26.33
C TYR A 157 -9.08 16.60 -26.08
N SER A 158 -9.06 15.29 -26.23
CA SER A 158 -7.86 14.49 -26.08
C SER A 158 -7.47 13.90 -27.43
N ILE A 159 -6.17 13.85 -27.71
CA ILE A 159 -5.68 13.04 -28.80
C ILE A 159 -5.03 11.81 -28.19
N SER A 160 -5.31 10.64 -28.77
CA SER A 160 -4.67 9.38 -28.41
C SER A 160 -3.93 8.83 -29.62
N SER A 161 -2.70 8.39 -29.39
CA SER A 161 -1.90 7.72 -30.42
C SER A 161 -0.83 6.86 -29.77
N ALA A 162 -1.23 6.13 -28.73
CA ALA A 162 -0.32 5.27 -27.97
C ALA A 162 0.92 6.04 -27.51
N CYS A 163 2.10 5.60 -27.94
CA CYS A 163 3.36 6.19 -27.50
C CYS A 163 3.61 7.59 -28.03
N ALA A 164 2.76 8.04 -28.97
CA ALA A 164 2.89 9.36 -29.58
C ALA A 164 1.85 10.37 -29.07
N THR A 165 0.96 9.90 -28.18
CA THR A 165 -0.22 10.67 -27.72
C THR A 165 0.04 12.15 -27.45
N SER A 166 0.89 12.43 -26.47
CA SER A 166 1.07 13.80 -26.00
C SER A 166 1.98 14.63 -26.90
N ALA A 167 2.73 13.98 -27.79
CA ALA A 167 3.45 14.67 -28.84
C ALA A 167 2.48 15.19 -29.91
N HIS A 168 1.50 14.37 -30.29
CA HIS A 168 0.42 14.84 -31.20
C HIS A 168 -0.44 15.92 -30.53
N CYS A 169 -0.64 15.80 -29.22
CA CYS A 169 -1.37 16.82 -28.47
C CYS A 169 -0.70 18.18 -28.62
N ILE A 170 0.63 18.19 -28.45
CA ILE A 170 1.42 19.41 -28.59
C ILE A 170 1.34 19.96 -30.01
N GLY A 171 1.49 19.10 -31.01
CA GLY A 171 1.43 19.50 -32.41
C GLY A 171 0.08 20.05 -32.84
N ASN A 172 -1.00 19.46 -32.33
CA ASN A 172 -2.35 19.97 -32.60
C ASN A 172 -2.59 21.33 -31.95
N ALA A 173 -1.98 21.52 -30.78
CA ALA A 173 -1.97 22.81 -30.10
C ALA A 173 -1.25 23.86 -30.92
N VAL A 174 -0.12 23.48 -31.53
CA VAL A 174 0.60 24.35 -32.47
C VAL A 174 -0.30 24.77 -33.64
N GLU A 175 -0.99 23.80 -34.23
CA GLU A 175 -1.94 24.05 -35.32
C GLU A 175 -3.06 25.01 -34.93
N GLN A 176 -3.53 24.93 -33.68
CA GLN A 176 -4.57 25.85 -33.19
C GLN A 176 -4.10 27.31 -33.23
N ILE A 177 -2.85 27.52 -32.83
CA ILE A 177 -2.18 28.82 -32.89
C ILE A 177 -1.97 29.27 -34.34
N GLN A 178 -1.41 28.39 -35.18
CA GLN A 178 -1.16 28.69 -36.60
C GLN A 178 -2.42 29.08 -37.35
N LEU A 179 -3.56 28.49 -36.97
CA LEU A 179 -4.85 28.80 -37.60
C LEU A 179 -5.51 30.06 -37.03
N GLY A 180 -4.87 30.66 -36.02
CA GLY A 180 -5.38 31.88 -35.38
C GLY A 180 -6.61 31.66 -34.51
N LYS A 181 -6.91 30.40 -34.20
CA LYS A 181 -8.09 30.05 -33.40
C LYS A 181 -7.87 30.21 -31.89
N GLN A 182 -6.63 30.04 -31.43
CA GLN A 182 -6.31 30.13 -29.99
C GLN A 182 -5.04 30.95 -29.75
N ASP A 183 -4.99 31.65 -28.62
CA ASP A 183 -3.77 32.35 -28.18
C ASP A 183 -2.88 31.45 -27.32
N ILE A 184 -3.52 30.68 -26.44
CA ILE A 184 -2.84 29.72 -25.57
C ILE A 184 -3.54 28.37 -25.65
N VAL A 185 -2.75 27.30 -25.79
CA VAL A 185 -3.25 25.95 -25.55
C VAL A 185 -2.30 25.21 -24.62
N PHE A 186 -2.88 24.69 -23.53
CA PHE A 186 -2.16 23.78 -22.65
C PHE A 186 -2.17 22.40 -23.31
N ALA A 187 -0.98 21.86 -23.57
CA ALA A 187 -0.86 20.58 -24.27
C ALA A 187 0.01 19.58 -23.52
N GLY A 188 -0.41 18.33 -23.52
CA GLY A 188 0.34 17.30 -22.82
C GLY A 188 -0.48 16.05 -22.58
N GLY A 189 -0.38 15.53 -21.36
CA GLY A 189 -1.13 14.34 -21.01
C GLY A 189 -0.58 13.65 -19.78
N GLY A 190 -1.11 12.46 -19.52
CA GLY A 190 -0.76 11.68 -18.35
C GLY A 190 -1.09 10.22 -18.58
N GLU A 191 -0.56 9.37 -17.72
CA GLU A 191 -0.74 7.92 -17.84
C GLU A 191 -0.65 7.34 -16.45
N GLU A 192 -1.63 6.51 -16.09
CA GLU A 192 -1.58 5.80 -14.81
C GLU A 192 -0.58 4.64 -14.92
N LEU A 193 -0.19 4.12 -13.77
CA LEU A 193 0.71 2.97 -13.70
C LEU A 193 0.06 1.92 -12.83
N CYS A 194 -0.13 0.74 -13.40
CA CYS A 194 -0.91 -0.33 -12.76
C CYS A 194 -0.70 -1.66 -13.46
N TRP A 195 -0.87 -2.74 -12.72
CA TRP A 195 -0.79 -4.09 -13.28
C TRP A 195 -1.90 -4.31 -14.31
N GLU A 196 -3.08 -3.75 -14.06
CA GLU A 196 -4.24 -3.89 -14.95
C GLU A 196 -3.88 -3.60 -16.40
N MET A 197 -3.11 -2.54 -16.62
CA MET A 197 -2.66 -2.15 -17.95
C MET A 197 -1.35 -2.84 -18.33
N ALA A 198 -0.40 -2.86 -17.41
CA ALA A 198 0.95 -3.34 -17.69
C ALA A 198 0.98 -4.82 -18.11
N CYS A 199 0.06 -5.61 -17.57
CA CYS A 199 -0.03 -7.04 -17.88
C CYS A 199 -0.34 -7.28 -19.36
N GLU A 200 -1.03 -6.32 -19.97
CA GLU A 200 -1.33 -6.35 -21.41
C GLU A 200 -0.06 -6.26 -22.25
N PHE A 201 0.89 -5.43 -21.82
CA PHE A 201 2.17 -5.28 -22.53
C PHE A 201 3.10 -6.48 -22.28
N ASP A 202 2.99 -7.06 -21.10
CA ASP A 202 3.78 -8.24 -20.74
C ASP A 202 3.31 -9.44 -21.58
N ALA A 203 1.99 -9.61 -21.71
CA ALA A 203 1.41 -10.71 -22.49
C ALA A 203 1.74 -10.66 -23.99
N MET A 204 2.14 -9.49 -24.49
CA MET A 204 2.66 -9.39 -25.85
C MET A 204 4.21 -9.44 -25.90
N GLY A 205 4.83 -9.64 -24.73
CA GLY A 205 6.29 -9.74 -24.63
C GLY A 205 7.04 -8.42 -24.80
N ALA A 206 6.34 -7.31 -24.61
CA ALA A 206 6.89 -5.98 -24.84
C ALA A 206 7.79 -5.42 -23.73
N LEU A 207 7.70 -6.01 -22.54
CA LEU A 207 8.37 -5.50 -21.35
C LEU A 207 9.62 -6.29 -20.98
N SER A 208 10.60 -5.59 -20.41
CA SER A 208 11.81 -6.21 -19.86
C SER A 208 11.46 -7.20 -18.76
N THR A 209 12.12 -8.35 -18.76
CA THR A 209 11.81 -9.43 -17.81
C THR A 209 13.07 -10.03 -17.17
N LYS A 210 14.23 -9.78 -17.77
CA LYS A 210 15.48 -10.44 -17.35
C LYS A 210 16.27 -9.69 -16.27
N TYR A 211 15.91 -8.43 -16.00
CA TYR A 211 16.71 -7.57 -15.11
C TYR A 211 15.98 -7.15 -13.84
N ASN A 212 15.04 -7.97 -13.38
CA ASN A 212 14.21 -7.62 -12.22
C ASN A 212 14.97 -7.49 -10.90
N ASP A 213 16.12 -8.16 -10.81
CA ASP A 213 16.96 -8.10 -9.61
C ASP A 213 17.81 -6.84 -9.56
N THR A 214 18.00 -6.22 -10.73
CA THR A 214 18.70 -4.93 -10.84
C THR A 214 17.82 -3.92 -11.60
N PRO A 215 16.81 -3.35 -10.92
CA PRO A 215 15.78 -2.53 -11.58
C PRO A 215 16.30 -1.34 -12.38
N GLU A 216 17.40 -0.73 -11.93
CA GLU A 216 17.95 0.46 -12.60
C GLU A 216 18.73 0.15 -13.87
N LYS A 217 18.88 -1.14 -14.18
CA LYS A 217 19.62 -1.57 -15.38
C LYS A 217 18.71 -2.22 -16.44
N ALA A 218 17.45 -2.42 -16.07
CA ALA A 218 16.44 -3.00 -16.95
C ALA A 218 16.21 -2.20 -18.22
N SER A 219 16.08 -0.87 -18.08
CA SER A 219 15.91 0.00 -19.24
C SER A 219 17.28 0.42 -19.77
N ARG A 220 17.62 -0.09 -20.95
CA ARG A 220 18.99 -0.01 -21.46
C ARG A 220 19.03 0.22 -22.97
N THR A 221 18.36 1.27 -23.43
CA THR A 221 18.24 1.54 -24.87
C THR A 221 19.61 1.44 -25.57
N TYR A 222 19.62 0.75 -26.71
CA TYR A 222 20.82 0.56 -27.56
C TYR A 222 21.83 -0.48 -27.06
N ASP A 223 21.70 -0.94 -25.81
CA ASP A 223 22.52 -2.03 -25.30
C ASP A 223 22.11 -3.33 -25.97
N ALA A 224 23.11 -4.13 -26.39
CA ALA A 224 22.88 -5.35 -27.17
C ALA A 224 22.06 -6.39 -26.41
N HIS A 225 21.91 -6.19 -25.10
CA HIS A 225 21.21 -7.12 -24.23
C HIS A 225 19.89 -6.62 -23.66
N ARG A 226 19.36 -5.55 -24.27
CA ARG A 226 18.01 -5.06 -23.97
C ARG A 226 16.96 -6.16 -24.23
N ASP A 227 15.86 -6.14 -23.48
CA ASP A 227 14.83 -7.16 -23.63
C ASP A 227 13.40 -6.63 -23.53
N GLY A 228 13.18 -5.39 -23.97
CA GLY A 228 11.87 -4.75 -23.90
C GLY A 228 11.86 -3.53 -23.00
N PHE A 229 10.80 -2.73 -23.11
CA PHE A 229 10.74 -1.49 -22.35
C PHE A 229 10.34 -1.66 -20.88
N VAL A 230 10.64 -0.64 -20.08
CA VAL A 230 10.20 -0.57 -18.70
C VAL A 230 9.01 0.38 -18.68
N ILE A 231 7.89 -0.12 -18.18
CA ILE A 231 6.63 0.60 -18.15
C ILE A 231 6.69 1.71 -17.07
N ALA A 232 6.17 2.88 -17.41
CA ALA A 232 6.16 4.02 -16.49
C ALA A 232 4.80 4.74 -16.44
N GLY A 233 4.64 5.60 -15.44
CA GLY A 233 3.49 6.47 -15.31
C GLY A 233 3.90 7.90 -15.00
N GLY A 234 2.95 8.83 -15.09
CA GLY A 234 3.23 10.24 -14.86
C GLY A 234 2.49 11.19 -15.78
N GLY A 235 2.88 12.45 -15.73
CA GLY A 235 2.23 13.47 -16.53
C GLY A 235 3.19 14.54 -16.98
N GLY A 236 2.73 15.33 -17.95
CA GLY A 236 3.46 16.48 -18.44
C GLY A 236 2.49 17.46 -19.07
N MET A 237 2.84 18.75 -19.02
CA MET A 237 2.02 19.80 -19.62
C MET A 237 2.93 20.95 -20.01
N VAL A 238 2.75 21.42 -21.24
CA VAL A 238 3.41 22.65 -21.70
C VAL A 238 2.37 23.68 -22.09
N VAL A 239 2.75 24.95 -21.97
CA VAL A 239 1.91 26.07 -22.38
C VAL A 239 2.37 26.48 -23.79
N VAL A 240 1.54 26.18 -24.79
CA VAL A 240 1.77 26.59 -26.17
C VAL A 240 1.06 27.92 -26.43
N GLU A 241 1.82 28.91 -26.89
CA GLU A 241 1.34 30.28 -26.93
C GLU A 241 1.72 30.96 -28.23
N GLU A 242 0.81 31.78 -28.77
CA GLU A 242 1.12 32.58 -29.95
C GLU A 242 2.25 33.59 -29.63
N LEU A 243 3.16 33.77 -30.59
CA LEU A 243 4.41 34.51 -30.35
C LEU A 243 4.22 35.95 -29.88
N GLU A 244 3.39 36.70 -30.61
CA GLU A 244 3.16 38.11 -30.28
C GLU A 244 2.49 38.26 -28.92
N HIS A 245 1.51 37.39 -28.65
CA HIS A 245 0.83 37.34 -27.36
C HIS A 245 1.81 37.13 -26.21
N ALA A 246 2.77 36.22 -26.41
CA ALA A 246 3.82 35.92 -25.42
C ALA A 246 4.77 37.09 -25.19
N LEU A 247 5.21 37.73 -26.28
CA LEU A 247 6.14 38.85 -26.18
C LEU A 247 5.50 40.07 -25.52
N ALA A 248 4.25 40.35 -25.91
CA ALA A 248 3.47 41.47 -25.37
C ALA A 248 3.26 41.41 -23.85
N ARG A 249 3.27 40.20 -23.28
CA ARG A 249 3.07 40.04 -21.83
C ARG A 249 4.38 39.81 -21.07
N GLY A 250 5.49 39.90 -21.78
CA GLY A 250 6.82 39.67 -21.21
C GLY A 250 7.03 38.24 -20.72
N ALA A 251 6.47 37.27 -21.43
CA ALA A 251 6.58 35.87 -21.06
C ALA A 251 8.02 35.37 -21.16
N HIS A 252 8.37 34.40 -20.33
CA HIS A 252 9.61 33.67 -20.51
C HIS A 252 9.38 32.58 -21.57
N ILE A 253 10.21 32.61 -22.61
CA ILE A 253 10.10 31.69 -23.75
C ILE A 253 11.28 30.70 -23.77
N TYR A 254 10.96 29.42 -23.57
CA TYR A 254 11.94 28.34 -23.66
C TYR A 254 12.40 28.13 -25.10
N ALA A 255 11.43 28.05 -26.01
CA ALA A 255 11.70 27.78 -27.43
C ALA A 255 10.47 28.00 -28.30
N GLU A 256 10.73 28.07 -29.61
CA GLU A 256 9.69 28.05 -30.62
C GLU A 256 9.53 26.62 -31.13
N ILE A 257 8.30 26.20 -31.36
CA ILE A 257 8.06 24.93 -32.05
C ILE A 257 8.14 25.22 -33.54
N VAL A 258 9.28 24.89 -34.15
CA VAL A 258 9.57 25.25 -35.54
C VAL A 258 9.26 24.13 -36.54
N GLY A 259 9.03 22.93 -36.01
CA GLY A 259 8.68 21.78 -36.83
C GLY A 259 7.77 20.81 -36.11
N TYR A 260 6.77 20.31 -36.83
CA TYR A 260 5.89 19.25 -36.33
C TYR A 260 5.66 18.22 -37.43
N GLY A 261 6.12 17.01 -37.20
CA GLY A 261 5.86 15.90 -38.10
C GLY A 261 4.79 14.99 -37.52
N ALA A 262 3.89 14.53 -38.38
CA ALA A 262 2.87 13.55 -38.04
C ALA A 262 2.61 12.68 -39.26
N THR A 263 2.98 11.40 -39.17
CA THR A 263 2.84 10.44 -40.28
C THR A 263 2.37 9.08 -39.79
N SER A 264 2.15 8.17 -40.74
CA SER A 264 1.62 6.84 -40.47
C SER A 264 2.44 5.83 -41.26
N ASP A 265 2.72 4.66 -40.68
CA ASP A 265 3.47 3.60 -41.38
C ASP A 265 2.63 2.91 -42.47
N GLY A 266 1.39 2.57 -42.11
CA GLY A 266 0.52 1.78 -42.98
C GLY A 266 1.14 0.43 -43.32
N ALA A 267 1.68 -0.24 -42.30
CA ALA A 267 2.40 -1.50 -42.48
C ALA A 267 2.12 -2.54 -41.39
N ASP A 268 2.71 -2.34 -40.20
CA ASP A 268 2.61 -3.30 -39.11
C ASP A 268 2.04 -2.68 -37.83
N MET A 269 1.26 -3.47 -37.10
CA MET A 269 0.59 -3.04 -35.87
C MET A 269 1.52 -2.74 -34.70
N VAL A 270 2.50 -3.61 -34.48
CA VAL A 270 3.34 -3.53 -33.29
C VAL A 270 4.84 -3.50 -33.61
N ALA A 271 5.17 -3.30 -34.88
CA ALA A 271 6.56 -3.12 -35.32
C ALA A 271 6.67 -1.90 -36.23
N PRO A 272 7.73 -1.08 -36.05
CA PRO A 272 7.91 0.12 -36.88
C PRO A 272 8.40 -0.23 -38.27
N SER A 273 7.98 0.53 -39.27
CA SER A 273 8.35 0.26 -40.67
C SER A 273 9.63 0.97 -41.10
N GLY A 274 9.99 2.03 -40.37
CA GLY A 274 11.18 2.81 -40.70
C GLY A 274 10.89 3.98 -41.61
N GLU A 275 10.29 3.72 -42.78
CA GLU A 275 10.04 4.77 -43.76
C GLU A 275 9.01 5.81 -43.28
N GLY A 276 8.10 5.39 -42.41
CA GLY A 276 7.15 6.32 -41.78
C GLY A 276 7.86 7.35 -40.90
N ALA A 277 8.84 6.87 -40.13
CA ALA A 277 9.65 7.72 -39.26
C ALA A 277 10.55 8.69 -40.04
N VAL A 278 11.15 8.19 -41.13
CA VAL A 278 11.95 8.99 -42.04
C VAL A 278 11.17 10.20 -42.55
N ARG A 279 9.98 9.93 -43.08
CA ARG A 279 9.10 10.97 -43.58
C ARG A 279 8.70 11.95 -42.47
N CYS A 280 8.47 11.43 -41.27
CA CYS A 280 8.06 12.22 -40.12
C CYS A 280 9.14 13.24 -39.71
N MET A 281 10.39 12.79 -39.59
CA MET A 281 11.51 13.66 -39.23
C MET A 281 11.75 14.73 -40.30
N LYS A 282 11.71 14.32 -41.56
CA LYS A 282 11.82 15.23 -42.71
C LYS A 282 10.76 16.32 -42.68
N MET A 283 9.53 15.95 -42.33
CA MET A 283 8.41 16.87 -42.24
C MET A 283 8.68 17.91 -41.15
N ALA A 284 9.17 17.44 -40.02
CA ALA A 284 9.52 18.29 -38.89
C ALA A 284 10.72 19.20 -39.18
N MET A 285 11.63 18.74 -40.04
CA MET A 285 12.81 19.53 -40.40
C MET A 285 12.58 20.48 -41.57
N HIS A 286 11.38 20.45 -42.15
CA HIS A 286 11.11 21.23 -43.36
C HIS A 286 11.08 22.73 -43.10
N GLY A 287 11.94 23.45 -43.81
CA GLY A 287 12.04 24.91 -43.68
C GLY A 287 12.86 25.37 -42.50
N VAL A 288 13.30 24.45 -41.65
CA VAL A 288 14.14 24.79 -40.50
C VAL A 288 15.58 25.00 -40.97
N ASP A 289 16.02 26.25 -40.94
CA ASP A 289 17.30 26.66 -41.54
C ASP A 289 18.54 26.42 -40.68
N THR A 290 18.35 25.82 -39.51
CA THR A 290 19.44 25.46 -38.61
C THR A 290 19.56 23.94 -38.49
N PRO A 291 20.76 23.42 -38.18
CA PRO A 291 20.94 21.99 -37.96
C PRO A 291 20.33 21.49 -36.65
N ILE A 292 20.02 20.20 -36.59
CA ILE A 292 19.59 19.54 -35.36
C ILE A 292 20.81 19.24 -34.52
N ASP A 293 20.91 19.93 -33.37
CA ASP A 293 22.03 19.76 -32.46
C ASP A 293 21.88 18.53 -31.58
N TYR A 294 20.64 18.25 -31.17
CA TYR A 294 20.38 17.09 -30.33
C TYR A 294 19.04 16.43 -30.66
N LEU A 295 19.04 15.10 -30.59
CA LEU A 295 17.85 14.30 -30.84
C LEU A 295 17.53 13.42 -29.62
N ASN A 296 16.36 13.68 -29.03
CA ASN A 296 15.81 12.83 -27.98
C ASN A 296 15.00 11.72 -28.65
N SER A 297 15.59 10.52 -28.72
CA SER A 297 14.99 9.44 -29.50
C SER A 297 13.81 8.81 -28.79
N HIS A 298 12.92 8.20 -29.57
CA HIS A 298 11.87 7.36 -29.03
C HIS A 298 12.48 6.20 -28.25
N GLY A 299 13.50 5.56 -28.82
CA GLY A 299 14.29 4.52 -28.17
C GLY A 299 13.78 3.94 -26.87
N THR A 300 12.91 2.93 -26.98
CA THR A 300 12.23 2.35 -25.83
C THR A 300 12.98 1.21 -25.14
N SER A 301 14.10 0.78 -25.72
CA SER A 301 14.90 -0.34 -25.20
C SER A 301 14.37 -1.70 -25.69
N THR A 302 13.90 -1.73 -26.94
CA THR A 302 13.40 -2.96 -27.56
C THR A 302 14.33 -3.39 -28.70
N PRO A 303 14.60 -4.71 -28.82
CA PRO A 303 15.48 -5.27 -29.87
C PRO A 303 15.29 -4.69 -31.28
N VAL A 304 14.12 -4.87 -31.88
CA VAL A 304 13.87 -4.40 -33.24
C VAL A 304 13.72 -2.87 -33.32
N GLY A 305 12.90 -2.33 -32.42
CA GLY A 305 12.51 -0.91 -32.45
C GLY A 305 13.63 0.11 -32.32
N ASP A 306 14.57 -0.14 -31.42
CA ASP A 306 15.70 0.77 -31.18
C ASP A 306 16.49 1.02 -32.46
N VAL A 307 16.84 -0.07 -33.14
CA VAL A 307 17.72 0.00 -34.31
C VAL A 307 17.00 0.43 -35.58
N LYS A 308 15.69 0.23 -35.62
CA LYS A 308 14.86 0.69 -36.73
C LYS A 308 14.80 2.22 -36.79
N GLU A 309 14.71 2.85 -35.62
CA GLU A 309 14.77 4.31 -35.51
C GLU A 309 16.15 4.84 -35.94
N LEU A 310 17.21 4.16 -35.48
CA LEU A 310 18.59 4.48 -35.87
C LEU A 310 18.80 4.46 -37.38
N ALA A 311 18.26 3.42 -38.03
CA ALA A 311 18.31 3.31 -39.49
C ALA A 311 17.58 4.47 -40.16
N ALA A 312 16.49 4.91 -39.53
CA ALA A 312 15.73 6.07 -40.00
C ALA A 312 16.52 7.37 -39.85
N ILE A 313 17.14 7.57 -38.68
CA ILE A 313 17.98 8.74 -38.42
C ILE A 313 19.13 8.82 -39.44
N ARG A 314 19.80 7.69 -39.65
CA ARG A 314 20.85 7.57 -40.66
C ARG A 314 20.38 7.97 -42.07
N GLU A 315 19.17 7.55 -42.43
CA GLU A 315 18.59 7.90 -43.74
C GLU A 315 18.32 9.40 -43.88
N VAL A 316 17.80 10.00 -42.81
CA VAL A 316 17.45 11.42 -42.81
C VAL A 316 18.69 12.32 -42.80
N PHE A 317 19.65 11.99 -41.94
CA PHE A 317 20.81 12.85 -41.69
C PHE A 317 22.04 12.48 -42.53
N GLY A 318 22.29 11.18 -42.69
CA GLY A 318 23.45 10.70 -43.42
C GLY A 318 24.66 10.66 -42.49
N ASP A 319 25.72 11.33 -42.90
CA ASP A 319 26.96 11.37 -42.15
C ASP A 319 26.86 12.34 -40.97
N LYS A 320 26.28 13.51 -41.25
CA LYS A 320 26.17 14.59 -40.28
C LYS A 320 24.94 14.45 -39.37
N SER A 321 24.95 13.40 -38.55
CA SER A 321 23.87 13.11 -37.61
C SER A 321 24.04 13.88 -36.29
N PRO A 322 22.93 14.18 -35.60
CA PRO A 322 23.02 14.89 -34.33
C PRO A 322 23.45 14.00 -33.16
N ALA A 323 23.77 14.62 -32.03
CA ALA A 323 23.94 13.90 -30.79
C ALA A 323 22.60 13.25 -30.41
N ILE A 324 22.66 12.01 -29.95
CA ILE A 324 21.46 11.24 -29.63
C ILE A 324 21.53 10.69 -28.22
N SER A 325 20.47 10.87 -27.45
CA SER A 325 20.30 10.11 -26.23
C SER A 325 18.86 9.65 -26.06
N ALA A 326 18.71 8.47 -25.46
CA ALA A 326 17.42 7.93 -25.14
C ALA A 326 17.18 8.01 -23.65
N THR A 327 16.40 9.02 -23.23
CA THR A 327 16.13 9.25 -21.80
C THR A 327 15.24 8.19 -21.14
N LYS A 328 14.60 7.35 -21.95
CA LYS A 328 13.79 6.23 -21.44
C LYS A 328 14.63 5.20 -20.68
N ALA A 329 15.93 5.16 -20.97
CA ALA A 329 16.90 4.36 -20.20
C ALA A 329 16.95 4.79 -18.73
N MET A 330 16.72 6.08 -18.49
CA MET A 330 16.57 6.61 -17.13
C MET A 330 15.13 6.53 -16.63
N THR A 331 14.19 6.99 -17.47
CA THR A 331 12.81 7.27 -17.03
C THR A 331 11.84 6.11 -17.14
N GLY A 332 12.05 5.25 -18.13
CA GLY A 332 11.05 4.24 -18.49
C GLY A 332 10.13 4.79 -19.56
N HIS A 333 9.16 3.97 -19.99
CA HIS A 333 8.23 4.38 -21.04
C HIS A 333 6.86 4.72 -20.43
N SER A 334 6.56 6.02 -20.33
CA SER A 334 5.31 6.48 -19.73
C SER A 334 4.15 6.52 -20.74
N LEU A 335 4.37 5.88 -21.88
CA LEU A 335 3.35 5.65 -22.92
C LEU A 335 2.75 6.94 -23.46
N GLY A 336 1.56 7.30 -22.97
CA GLY A 336 0.87 8.50 -23.43
C GLY A 336 1.47 9.79 -22.90
N ALA A 337 2.18 9.70 -21.78
CA ALA A 337 2.87 10.85 -21.17
C ALA A 337 4.27 11.06 -21.75
N ALA A 338 4.76 10.07 -22.49
CA ALA A 338 6.15 10.08 -23.00
C ALA A 338 6.49 11.29 -23.86
N GLY A 339 5.57 11.65 -24.78
CA GLY A 339 5.79 12.73 -25.74
C GLY A 339 6.02 14.10 -25.12
N VAL A 340 5.18 14.46 -24.15
CA VAL A 340 5.30 15.75 -23.48
C VAL A 340 6.46 15.76 -22.47
N GLN A 341 6.64 14.66 -21.74
CA GLN A 341 7.75 14.56 -20.78
C GLN A 341 9.09 14.67 -21.50
N GLU A 342 9.18 14.07 -22.69
CA GLU A 342 10.40 14.08 -23.49
C GLU A 342 10.62 15.37 -24.26
N ALA A 343 9.52 16.02 -24.64
CA ALA A 343 9.59 17.40 -25.13
C ALA A 343 10.12 18.32 -24.02
N ILE A 344 9.71 18.06 -22.78
CA ILE A 344 10.18 18.82 -21.62
C ILE A 344 11.67 18.54 -21.31
N TYR A 345 12.06 17.27 -21.29
CA TYR A 345 13.49 16.92 -21.11
C TYR A 345 14.37 17.64 -22.12
N SER A 346 13.94 17.63 -23.39
CA SER A 346 14.66 18.29 -24.49
C SER A 346 14.73 19.81 -24.31
N LEU A 347 13.65 20.39 -23.82
CA LEU A 347 13.58 21.83 -23.52
C LEU A 347 14.48 22.22 -22.33
N LEU A 348 14.60 21.32 -21.35
CA LEU A 348 15.47 21.57 -20.21
C LEU A 348 16.94 21.51 -20.64
N MET A 349 17.24 20.59 -21.55
CA MET A 349 18.57 20.52 -22.17
C MET A 349 18.88 21.75 -23.02
N LEU A 350 17.87 22.27 -23.71
CA LEU A 350 18.00 23.48 -24.53
C LEU A 350 18.23 24.69 -23.63
N GLU A 351 17.40 24.80 -22.60
CA GLU A 351 17.43 25.92 -21.64
C GLU A 351 18.72 25.95 -20.81
N HIS A 352 19.20 24.77 -20.42
CA HIS A 352 20.34 24.67 -19.49
C HIS A 352 21.66 24.28 -20.14
N GLY A 353 21.67 24.16 -21.48
CA GLY A 353 22.89 23.90 -22.24
C GLY A 353 23.67 22.63 -21.92
N PHE A 354 23.00 21.48 -22.05
CA PHE A 354 23.64 20.18 -21.81
C PHE A 354 22.92 19.06 -22.53
N ILE A 355 23.57 17.91 -22.61
CA ILE A 355 22.95 16.70 -23.14
C ILE A 355 22.90 15.65 -22.03
N ALA A 356 21.70 15.15 -21.75
CA ALA A 356 21.52 14.06 -20.80
C ALA A 356 22.12 12.76 -21.38
N PRO A 357 22.63 11.87 -20.51
CA PRO A 357 23.27 10.68 -21.04
C PRO A 357 22.29 9.56 -21.40
N SER A 358 22.64 8.79 -22.43
CA SER A 358 21.96 7.56 -22.75
C SER A 358 22.62 6.47 -21.88
N ILE A 359 21.97 6.15 -20.76
CA ILE A 359 22.60 5.27 -19.76
C ILE A 359 22.40 3.77 -20.03
N ASN A 360 23.11 2.96 -19.24
CA ASN A 360 23.04 1.49 -19.31
C ASN A 360 23.48 0.86 -20.63
N ILE A 361 24.33 1.56 -21.37
CA ILE A 361 24.97 0.96 -22.55
C ILE A 361 26.31 0.34 -22.12
N GLU A 362 26.24 -0.94 -21.78
CA GLU A 362 27.40 -1.73 -21.37
C GLU A 362 28.08 -2.36 -22.58
N GLU A 363 27.29 -2.53 -23.64
CA GLU A 363 27.75 -3.07 -24.92
C GLU A 363 26.87 -2.50 -26.02
N LEU A 364 27.40 -1.49 -26.72
CA LEU A 364 26.69 -0.81 -27.81
C LEU A 364 26.31 -1.79 -28.92
N ASP A 365 25.04 -1.74 -29.33
CA ASP A 365 24.56 -2.59 -30.43
C ASP A 365 25.38 -2.36 -31.69
N GLU A 366 25.72 -3.45 -32.37
CA GLU A 366 26.52 -3.39 -33.59
C GLU A 366 25.91 -2.48 -34.67
N GLN A 367 24.59 -2.32 -34.63
CA GLN A 367 23.87 -1.54 -35.63
C GLN A 367 23.79 -0.05 -35.29
N ALA A 368 24.35 0.34 -34.16
CA ALA A 368 24.35 1.73 -33.71
C ALA A 368 25.65 2.46 -34.08
N ALA A 369 26.54 1.76 -34.76
CA ALA A 369 27.85 2.28 -35.17
C ALA A 369 27.75 3.52 -36.06
N GLY A 370 28.68 4.46 -35.86
CA GLY A 370 28.79 5.63 -36.73
C GLY A 370 27.86 6.79 -36.38
N LEU A 371 27.13 6.67 -35.27
CA LEU A 371 26.29 7.76 -34.80
C LEU A 371 26.83 8.30 -33.48
N ASN A 372 26.44 9.54 -33.15
CA ASN A 372 26.86 10.19 -31.93
C ASN A 372 25.88 9.94 -30.78
N ILE A 373 25.92 8.74 -30.22
CA ILE A 373 25.13 8.39 -29.04
C ILE A 373 25.87 8.84 -27.79
N VAL A 374 25.34 9.89 -27.16
CA VAL A 374 25.95 10.50 -25.99
C VAL A 374 25.64 9.66 -24.74
N THR A 375 26.69 9.15 -24.10
CA THR A 375 26.55 8.24 -22.96
C THR A 375 26.99 8.84 -21.61
N GLU A 376 27.56 10.04 -21.64
CA GLU A 376 27.81 10.81 -20.41
C GLU A 376 27.30 12.25 -20.54
N THR A 377 26.89 12.83 -19.41
CA THR A 377 26.39 14.21 -19.37
C THR A 377 27.43 15.18 -19.93
N THR A 378 27.10 15.84 -21.04
CA THR A 378 28.03 16.78 -21.65
C THR A 378 27.39 18.15 -21.88
N ASP A 379 28.03 19.18 -21.33
CA ASP A 379 27.63 20.56 -21.51
C ASP A 379 27.90 21.00 -22.96
N ARG A 380 26.86 21.54 -23.60
CA ARG A 380 26.96 22.07 -24.95
C ARG A 380 25.93 23.19 -25.13
N GLU A 381 26.29 24.21 -25.91
CA GLU A 381 25.37 25.28 -26.26
C GLU A 381 24.47 24.83 -27.42
N LEU A 382 23.32 24.26 -27.08
CA LEU A 382 22.36 23.77 -28.07
C LEU A 382 21.49 24.90 -28.61
N THR A 383 21.11 24.81 -29.88
CA THR A 383 20.19 25.77 -30.48
C THR A 383 18.86 25.11 -30.94
N THR A 384 18.96 23.95 -31.58
CA THR A 384 17.81 23.29 -32.19
C THR A 384 17.74 21.81 -31.80
N VAL A 385 16.65 21.43 -31.13
CA VAL A 385 16.48 20.05 -30.64
C VAL A 385 15.27 19.34 -31.27
N MET A 386 15.38 18.01 -31.37
CA MET A 386 14.35 17.17 -31.99
C MET A 386 13.95 16.01 -31.07
N SER A 387 12.63 15.78 -30.97
CA SER A 387 12.11 14.68 -30.17
C SER A 387 11.20 13.78 -31.01
N ASN A 388 11.45 12.47 -30.94
CA ASN A 388 10.69 11.47 -31.70
C ASN A 388 9.76 10.67 -30.82
N SER A 389 8.54 10.48 -31.30
CA SER A 389 7.55 9.63 -30.61
C SER A 389 6.85 8.71 -31.61
N PHE A 390 7.14 7.42 -31.54
CA PHE A 390 6.54 6.44 -32.45
C PHE A 390 5.71 5.43 -31.68
N GLY A 391 4.43 5.30 -32.02
CA GLY A 391 3.53 4.42 -31.25
C GLY A 391 2.95 3.24 -32.00
N PHE A 392 2.38 2.29 -31.24
CA PHE A 392 1.65 1.16 -31.82
C PHE A 392 0.60 1.65 -32.81
N GLY A 393 0.36 0.86 -33.86
CA GLY A 393 -0.53 1.25 -34.95
C GLY A 393 0.16 2.06 -36.02
N GLY A 394 1.49 2.12 -35.94
CA GLY A 394 2.32 2.81 -36.91
C GLY A 394 2.15 4.31 -36.91
N THR A 395 1.89 4.89 -35.74
CA THR A 395 1.66 6.33 -35.64
C THR A 395 2.93 7.08 -35.21
N ASN A 396 3.30 8.08 -36.01
CA ASN A 396 4.56 8.80 -35.81
C ASN A 396 4.38 10.29 -35.53
N ALA A 397 5.03 10.76 -34.47
CA ALA A 397 5.15 12.19 -34.16
C ALA A 397 6.62 12.63 -33.96
N THR A 398 6.95 13.82 -34.47
CA THR A 398 8.27 14.42 -34.27
C THR A 398 8.11 15.92 -34.00
N LEU A 399 8.79 16.40 -32.96
CA LEU A 399 8.79 17.82 -32.62
C LEU A 399 10.19 18.40 -32.72
N VAL A 400 10.30 19.54 -33.39
CA VAL A 400 11.55 20.29 -33.46
C VAL A 400 11.37 21.63 -32.78
N MET A 401 12.19 21.89 -31.76
CA MET A 401 12.10 23.08 -30.92
C MET A 401 13.41 23.88 -30.98
N ARG A 402 13.29 25.19 -31.12
CA ARG A 402 14.47 26.05 -31.30
C ARG A 402 14.38 27.34 -30.48
N LYS A 403 15.52 27.75 -29.95
CA LYS A 403 15.67 29.06 -29.29
C LYS A 403 15.29 30.20 -30.23
N LEU A 404 14.67 31.24 -29.67
CA LEU A 404 14.35 32.45 -30.45
C LEU A 404 15.59 33.30 -30.73
N LYS B 2 -8.33 27.17 -47.89
CA LYS B 2 -8.67 25.87 -48.56
C LYS B 2 -9.95 25.21 -48.04
N ARG B 3 -10.72 24.63 -48.96
CA ARG B 3 -12.07 24.17 -48.69
C ARG B 3 -12.17 22.65 -48.57
N ALA B 4 -13.02 22.18 -47.65
CA ALA B 4 -13.17 20.75 -47.40
C ALA B 4 -14.58 20.26 -47.68
N VAL B 5 -14.67 19.19 -48.47
CA VAL B 5 -15.95 18.59 -48.84
C VAL B 5 -16.02 17.12 -48.42
N ILE B 6 -17.24 16.60 -48.34
CA ILE B 6 -17.46 15.18 -48.01
C ILE B 6 -17.77 14.44 -49.31
N THR B 7 -16.93 13.45 -49.64
CA THR B 7 -17.05 12.76 -50.92
C THR B 7 -17.43 11.26 -50.79
N GLY B 8 -17.48 10.77 -49.56
CA GLY B 8 -17.87 9.39 -49.34
C GLY B 8 -18.34 9.20 -47.92
N LEU B 9 -19.23 8.23 -47.71
CA LEU B 9 -19.63 7.89 -46.36
C LEU B 9 -19.88 6.40 -46.16
N GLY B 10 -19.78 5.98 -44.91
CA GLY B 10 -19.98 4.58 -44.54
C GLY B 10 -20.48 4.54 -43.12
N ILE B 11 -21.35 3.58 -42.83
CA ILE B 11 -22.03 3.53 -41.53
C ILE B 11 -22.48 2.12 -41.11
N VAL B 12 -22.28 1.81 -39.84
CA VAL B 12 -22.82 0.60 -39.24
C VAL B 12 -23.55 1.06 -37.98
N SER B 13 -24.88 1.10 -38.04
CA SER B 13 -25.63 1.63 -36.91
C SER B 13 -26.80 0.73 -36.51
N SER B 14 -27.42 1.09 -35.40
CA SER B 14 -28.61 0.42 -34.88
C SER B 14 -29.78 0.46 -35.86
N ILE B 15 -29.78 1.44 -36.76
CA ILE B 15 -30.87 1.61 -37.73
C ILE B 15 -30.49 1.24 -39.18
N GLY B 16 -29.31 0.67 -39.38
CA GLY B 16 -28.91 0.25 -40.71
C GLY B 16 -27.43 -0.02 -40.85
N ASN B 17 -27.09 -1.03 -41.65
CA ASN B 17 -25.70 -1.44 -41.87
C ASN B 17 -25.08 -0.84 -43.13
N ASN B 18 -25.82 0.05 -43.80
CA ASN B 18 -25.28 0.89 -44.88
C ASN B 18 -26.16 2.12 -45.08
N GLN B 19 -25.76 3.04 -45.95
CA GLN B 19 -26.50 4.29 -46.10
C GLN B 19 -27.94 4.14 -46.62
N GLN B 20 -28.19 3.09 -47.41
CA GLN B 20 -29.52 2.77 -47.93
C GLN B 20 -30.51 2.27 -46.85
N GLU B 21 -30.06 1.35 -46.00
CA GLU B 21 -30.90 0.87 -44.91
C GLU B 21 -31.16 2.00 -43.91
N VAL B 22 -30.15 2.83 -43.67
CA VAL B 22 -30.25 4.00 -42.79
C VAL B 22 -31.25 5.02 -43.33
N LEU B 23 -31.14 5.33 -44.63
CA LEU B 23 -32.07 6.21 -45.33
C LEU B 23 -33.52 5.81 -45.07
N ALA B 24 -33.83 4.54 -45.30
CA ALA B 24 -35.17 3.99 -45.13
C ALA B 24 -35.65 4.11 -43.69
N SER B 25 -34.78 3.75 -42.74
CA SER B 25 -35.11 3.88 -41.32
C SER B 25 -35.45 5.31 -40.94
N LEU B 26 -34.67 6.26 -41.46
CA LEU B 26 -34.86 7.67 -41.16
C LEU B 26 -36.16 8.19 -41.74
N ARG B 27 -36.42 7.92 -43.02
CA ARG B 27 -37.68 8.34 -43.64
C ARG B 27 -38.91 7.73 -42.95
N GLU B 28 -38.72 6.57 -42.31
CA GLU B 28 -39.84 5.86 -41.67
C GLU B 28 -40.00 6.09 -40.16
N GLY B 29 -39.07 6.81 -39.54
CA GLY B 29 -39.08 7.00 -38.07
C GLY B 29 -38.88 5.69 -37.33
N ARG B 30 -38.04 4.83 -37.90
CA ARG B 30 -37.91 3.46 -37.41
C ARG B 30 -36.89 3.39 -36.29
N SER B 31 -37.31 2.84 -35.15
CA SER B 31 -36.45 2.63 -33.98
C SER B 31 -35.42 1.51 -34.19
N GLY B 32 -34.19 1.75 -33.75
CA GLY B 32 -33.15 0.71 -33.68
C GLY B 32 -32.95 0.15 -32.29
N ILE B 33 -33.85 0.48 -31.37
CA ILE B 33 -33.70 0.09 -29.96
C ILE B 33 -34.38 -1.24 -29.66
N THR B 34 -33.66 -2.12 -28.98
CA THR B 34 -34.19 -3.42 -28.55
C THR B 34 -33.95 -3.69 -27.06
N PHE B 35 -34.61 -4.73 -26.56
CA PHE B 35 -34.38 -5.24 -25.22
C PHE B 35 -33.05 -6.00 -25.20
N SER B 36 -32.28 -5.79 -24.14
CA SER B 36 -30.99 -6.43 -23.97
C SER B 36 -30.95 -7.33 -22.73
N GLN B 37 -30.89 -8.64 -22.95
CA GLN B 37 -30.76 -9.62 -21.87
C GLN B 37 -29.40 -9.43 -21.18
N GLU B 38 -28.36 -9.12 -21.96
CA GLU B 38 -27.02 -8.82 -21.45
C GLU B 38 -26.97 -7.70 -20.41
N LEU B 39 -27.63 -6.56 -20.71
CA LEU B 39 -27.69 -5.48 -19.73
C LEU B 39 -28.49 -5.88 -18.48
N LYS B 40 -29.63 -6.56 -18.69
CA LYS B 40 -30.43 -7.08 -17.57
C LYS B 40 -29.64 -8.07 -16.70
N ASP B 41 -28.99 -9.04 -17.34
CA ASP B 41 -28.20 -10.06 -16.64
C ASP B 41 -27.05 -9.47 -15.82
N SER B 42 -26.57 -8.29 -16.22
CA SER B 42 -25.41 -7.66 -15.56
C SER B 42 -25.75 -6.98 -14.23
N GLY B 43 -27.05 -6.86 -13.94
CA GLY B 43 -27.53 -6.18 -12.73
C GLY B 43 -27.94 -4.73 -12.94
N MET B 44 -27.95 -4.29 -14.20
CA MET B 44 -28.30 -2.91 -14.57
C MET B 44 -29.81 -2.66 -14.40
N ARG B 45 -30.19 -1.38 -14.35
CA ARG B 45 -31.60 -0.98 -14.27
C ARG B 45 -32.15 -0.65 -15.66
N SER B 46 -31.23 -0.25 -16.55
CA SER B 46 -31.51 -0.01 -17.96
C SER B 46 -31.28 -1.30 -18.73
N HIS B 47 -32.33 -1.78 -19.43
CA HIS B 47 -32.24 -3.06 -20.16
C HIS B 47 -32.50 -2.87 -21.65
N VAL B 48 -32.25 -1.65 -22.14
CA VAL B 48 -32.48 -1.32 -23.55
C VAL B 48 -31.22 -0.80 -24.22
N TRP B 49 -31.05 -1.08 -25.51
CA TRP B 49 -29.88 -0.61 -26.25
C TRP B 49 -30.08 -0.49 -27.76
N GLY B 50 -29.20 0.29 -28.39
CA GLY B 50 -29.18 0.44 -29.84
C GLY B 50 -28.09 -0.43 -30.41
N ASN B 51 -28.45 -1.69 -30.67
CA ASN B 51 -27.48 -2.69 -31.11
C ASN B 51 -27.31 -2.74 -32.61
N VAL B 52 -26.09 -3.04 -33.05
CA VAL B 52 -25.82 -3.36 -34.43
C VAL B 52 -26.41 -4.74 -34.73
N LYS B 53 -27.35 -4.79 -35.67
CA LYS B 53 -27.99 -6.06 -36.06
C LYS B 53 -27.17 -6.66 -37.19
N LEU B 54 -25.99 -7.14 -36.83
CA LEU B 54 -25.07 -7.71 -37.81
C LEU B 54 -24.06 -8.60 -37.10
N ASP B 55 -23.93 -9.82 -37.59
CA ASP B 55 -22.85 -10.70 -37.16
C ASP B 55 -21.61 -10.38 -37.98
N THR B 56 -20.59 -9.83 -37.32
CA THR B 56 -19.39 -9.35 -38.01
C THR B 56 -18.31 -10.42 -38.23
N THR B 57 -18.57 -11.65 -37.78
CA THR B 57 -17.66 -12.77 -37.99
C THR B 57 -17.30 -12.97 -39.47
N GLY B 58 -16.00 -12.95 -39.76
CA GLY B 58 -15.50 -13.29 -41.09
C GLY B 58 -15.51 -12.17 -42.12
N LEU B 59 -15.99 -10.99 -41.72
CA LEU B 59 -16.06 -9.86 -42.64
C LEU B 59 -14.71 -9.14 -42.77
N ILE B 60 -13.82 -9.41 -41.82
CA ILE B 60 -12.47 -8.85 -41.83
C ILE B 60 -11.44 -9.99 -41.78
N ASP B 61 -10.39 -9.87 -42.61
CA ASP B 61 -9.25 -10.79 -42.60
C ASP B 61 -8.83 -11.15 -41.16
N ARG B 62 -8.69 -12.45 -40.90
CA ARG B 62 -8.27 -12.99 -39.60
C ARG B 62 -7.05 -12.26 -39.02
N LYS B 63 -6.01 -12.09 -39.84
CA LYS B 63 -4.77 -11.46 -39.42
C LYS B 63 -4.90 -9.97 -39.13
N VAL B 64 -6.02 -9.38 -39.54
CA VAL B 64 -6.29 -7.97 -39.33
C VAL B 64 -7.22 -7.77 -38.12
N VAL B 65 -8.30 -8.57 -38.08
CA VAL B 65 -9.30 -8.48 -37.03
C VAL B 65 -8.79 -8.98 -35.67
N ARG B 66 -7.69 -9.72 -35.67
CA ARG B 66 -7.12 -10.25 -34.43
C ARG B 66 -6.67 -9.15 -33.46
N PHE B 67 -6.32 -7.98 -34.00
CA PHE B 67 -5.94 -6.81 -33.19
C PHE B 67 -7.13 -5.95 -32.74
N MET B 68 -8.33 -6.25 -33.23
CA MET B 68 -9.45 -5.32 -33.13
C MET B 68 -10.49 -5.64 -32.07
N SER B 69 -10.97 -4.59 -31.41
CA SER B 69 -12.21 -4.66 -30.63
C SER B 69 -13.38 -4.23 -31.52
N ASP B 70 -14.59 -4.31 -30.99
CA ASP B 70 -15.81 -3.94 -31.75
C ASP B 70 -15.81 -2.52 -32.31
N ALA B 71 -15.36 -1.54 -31.51
CA ALA B 71 -15.26 -0.15 -31.98
C ALA B 71 -14.46 -0.06 -33.27
N SER B 72 -13.33 -0.77 -33.30
CA SER B 72 -12.47 -0.81 -34.50
C SER B 72 -13.11 -1.58 -35.65
N ILE B 73 -13.80 -2.68 -35.33
CA ILE B 73 -14.53 -3.47 -36.34
C ILE B 73 -15.57 -2.62 -37.07
N TYR B 74 -16.41 -1.92 -36.30
CA TYR B 74 -17.45 -1.05 -36.83
C TYR B 74 -16.89 0.10 -37.69
N ALA B 75 -15.83 0.74 -37.20
CA ALA B 75 -15.17 1.81 -37.95
C ALA B 75 -14.54 1.29 -39.25
N PHE B 76 -13.89 0.14 -39.19
CA PHE B 76 -13.27 -0.50 -40.37
C PHE B 76 -14.30 -0.79 -41.46
N LEU B 77 -15.40 -1.42 -41.07
CA LEU B 77 -16.47 -1.76 -42.00
C LEU B 77 -17.07 -0.50 -42.60
N SER B 78 -17.27 0.52 -41.76
CA SER B 78 -17.69 1.86 -42.20
C SER B 78 -16.71 2.48 -43.19
N MET B 79 -15.42 2.31 -42.93
CA MET B 79 -14.39 2.86 -43.83
C MET B 79 -14.35 2.19 -45.20
N GLU B 80 -14.54 0.88 -45.24
CA GLU B 80 -14.64 0.15 -46.52
C GLU B 80 -15.76 0.73 -47.38
N GLN B 81 -16.91 0.98 -46.76
CA GLN B 81 -18.06 1.56 -47.46
C GLN B 81 -17.76 2.97 -47.98
N ALA B 82 -17.07 3.78 -47.15
CA ALA B 82 -16.71 5.15 -47.51
C ALA B 82 -15.73 5.21 -48.68
N ILE B 83 -14.70 4.36 -48.65
CA ILE B 83 -13.74 4.22 -49.75
C ILE B 83 -14.44 3.92 -51.08
N ALA B 84 -15.31 2.91 -51.05
CA ALA B 84 -16.12 2.52 -52.20
C ALA B 84 -17.11 3.61 -52.63
N ASP B 85 -17.78 4.23 -51.66
CA ASP B 85 -18.71 5.33 -51.94
C ASP B 85 -18.00 6.54 -52.57
N ALA B 86 -16.76 6.78 -52.14
CA ALA B 86 -15.93 7.86 -52.67
C ALA B 86 -15.31 7.52 -54.03
N GLY B 87 -15.38 6.25 -54.44
CA GLY B 87 -14.80 5.80 -55.70
C GLY B 87 -13.28 5.84 -55.70
N LEU B 88 -12.68 5.54 -54.55
CA LEU B 88 -11.23 5.57 -54.44
C LEU B 88 -10.62 4.17 -54.63
N SER B 89 -9.77 4.04 -55.64
CA SER B 89 -9.00 2.82 -55.84
C SER B 89 -7.89 2.78 -54.79
N PRO B 90 -7.32 1.58 -54.52
CA PRO B 90 -6.16 1.50 -53.62
C PRO B 90 -5.02 2.43 -54.01
N GLU B 91 -4.75 2.56 -55.30
CA GLU B 91 -3.66 3.41 -55.79
C GLU B 91 -3.89 4.91 -55.53
N ALA B 92 -5.16 5.29 -55.42
CA ALA B 92 -5.53 6.66 -55.06
C ALA B 92 -5.22 7.02 -53.61
N TYR B 93 -5.51 6.11 -52.67
CA TYR B 93 -5.43 6.46 -51.24
C TYR B 93 -4.36 5.73 -50.41
N GLN B 94 -3.88 4.60 -50.90
CA GLN B 94 -2.90 3.80 -50.17
C GLN B 94 -1.47 4.28 -50.44
N ASN B 95 -0.59 4.04 -49.47
CA ASN B 95 0.82 4.41 -49.58
C ASN B 95 1.00 5.86 -50.04
N ASN B 96 0.16 6.73 -49.48
CA ASN B 96 0.06 8.13 -49.90
C ASN B 96 0.15 9.10 -48.71
N PRO B 97 1.29 9.82 -48.59
CA PRO B 97 1.52 10.82 -47.55
C PRO B 97 0.48 11.94 -47.42
N ARG B 98 -0.27 12.20 -48.49
CA ARG B 98 -1.31 13.25 -48.47
C ARG B 98 -2.68 12.70 -48.04
N VAL B 99 -2.73 11.41 -47.68
CA VAL B 99 -3.98 10.75 -47.26
C VAL B 99 -3.85 10.26 -45.81
N GLY B 100 -4.78 10.69 -44.96
CA GLY B 100 -4.72 10.40 -43.53
C GLY B 100 -5.98 9.82 -42.91
N LEU B 101 -5.94 9.63 -41.59
CA LEU B 101 -7.02 9.01 -40.84
C LEU B 101 -7.09 9.60 -39.43
N ILE B 102 -8.25 10.16 -39.09
CA ILE B 102 -8.51 10.68 -37.74
C ILE B 102 -9.85 10.07 -37.28
N ALA B 103 -9.77 9.09 -36.40
CA ALA B 103 -10.95 8.34 -35.96
C ALA B 103 -10.77 7.85 -34.53
N GLY B 104 -11.81 7.99 -33.72
CA GLY B 104 -11.71 7.66 -32.30
C GLY B 104 -12.90 6.93 -31.73
N SER B 105 -12.83 6.62 -30.44
CA SER B 105 -13.97 6.12 -29.68
C SER B 105 -14.02 6.89 -28.38
N GLY B 106 -15.18 6.90 -27.74
CA GLY B 106 -15.33 7.51 -26.42
C GLY B 106 -14.70 6.69 -25.29
N GLY B 107 -14.80 5.37 -25.39
CA GLY B 107 -14.44 4.48 -24.28
C GLY B 107 -13.29 3.51 -24.50
N GLY B 108 -12.76 3.46 -25.71
CA GLY B 108 -11.73 2.48 -26.06
C GLY B 108 -12.36 1.09 -26.17
N SER B 109 -11.91 0.16 -25.33
CA SER B 109 -12.60 -1.10 -25.16
C SER B 109 -12.61 -1.54 -23.70
N PRO B 110 -13.60 -1.06 -22.93
CA PRO B 110 -13.76 -1.56 -21.56
C PRO B 110 -13.85 -3.10 -21.49
N ARG B 111 -14.52 -3.72 -22.48
CA ARG B 111 -14.59 -5.19 -22.52
C ARG B 111 -13.21 -5.84 -22.46
N PHE B 112 -12.29 -5.41 -23.32
CA PHE B 112 -10.96 -6.03 -23.37
C PHE B 112 -10.01 -5.57 -22.26
N GLN B 113 -10.25 -4.38 -21.71
CA GLN B 113 -9.57 -3.96 -20.49
C GLN B 113 -9.89 -4.95 -19.37
N VAL B 114 -11.18 -5.25 -19.22
CA VAL B 114 -11.69 -6.14 -18.18
C VAL B 114 -11.29 -7.60 -18.43
N PHE B 115 -11.35 -8.02 -19.69
CA PHE B 115 -10.93 -9.38 -20.08
C PHE B 115 -9.47 -9.64 -19.71
N GLY B 116 -8.59 -8.71 -20.06
CA GLY B 116 -7.17 -8.78 -19.71
C GLY B 116 -6.95 -8.95 -18.22
N ALA B 117 -7.62 -8.12 -17.42
CA ALA B 117 -7.51 -8.20 -15.97
C ALA B 117 -8.09 -9.48 -15.38
N ASP B 118 -9.22 -9.94 -15.91
CA ASP B 118 -9.85 -11.21 -15.49
C ASP B 118 -8.99 -12.42 -15.84
N ALA B 119 -8.41 -12.42 -17.03
CA ALA B 119 -7.54 -13.50 -17.51
C ALA B 119 -6.29 -13.60 -16.65
N MET B 120 -5.71 -12.45 -16.34
CA MET B 120 -4.48 -12.35 -15.55
C MET B 120 -4.63 -12.90 -14.14
N ARG B 121 -5.84 -12.79 -13.60
CA ARG B 121 -6.13 -13.23 -12.23
C ARG B 121 -6.51 -14.71 -12.16
N GLY B 122 -6.67 -15.35 -13.32
CA GLY B 122 -6.99 -16.77 -13.39
C GLY B 122 -5.78 -17.67 -13.29
N PRO B 123 -5.98 -18.98 -13.51
CA PRO B 123 -4.94 -19.99 -13.33
C PRO B 123 -3.89 -19.99 -14.44
N ARG B 124 -4.17 -19.30 -15.55
CA ARG B 124 -3.24 -19.26 -16.69
C ARG B 124 -2.46 -17.95 -16.81
N GLY B 125 -2.88 -16.94 -16.05
CA GLY B 125 -2.23 -15.62 -16.08
C GLY B 125 -1.98 -15.10 -17.49
N LEU B 126 -0.71 -14.78 -17.76
CA LEU B 126 -0.30 -14.13 -19.01
C LEU B 126 -0.73 -14.86 -20.29
N LYS B 127 -0.66 -16.19 -20.26
CA LYS B 127 -1.00 -17.01 -21.43
C LYS B 127 -2.48 -16.94 -21.81
N ALA B 128 -3.34 -16.61 -20.84
CA ALA B 128 -4.76 -16.37 -21.09
C ALA B 128 -5.02 -14.97 -21.63
N VAL B 129 -4.21 -14.00 -21.22
CA VAL B 129 -4.36 -12.62 -21.69
C VAL B 129 -4.11 -12.56 -23.20
N GLY B 130 -3.02 -13.19 -23.64
CA GLY B 130 -2.66 -13.20 -25.05
C GLY B 130 -2.04 -11.90 -25.51
N PRO B 131 -1.54 -11.87 -26.76
CA PRO B 131 -0.80 -10.73 -27.29
C PRO B 131 -1.61 -9.61 -27.97
N TYR B 132 -2.94 -9.67 -27.89
CA TYR B 132 -3.79 -8.73 -28.68
C TYR B 132 -4.55 -7.67 -27.89
N VAL B 133 -4.47 -7.73 -26.57
CA VAL B 133 -5.30 -6.88 -25.71
C VAL B 133 -4.95 -5.39 -25.80
N VAL B 134 -3.68 -5.06 -25.98
CA VAL B 134 -3.22 -3.67 -26.07
C VAL B 134 -3.89 -2.91 -27.21
N THR B 135 -3.79 -3.44 -28.43
CA THR B 135 -4.38 -2.79 -29.60
C THR B 135 -5.90 -2.74 -29.53
N LYS B 136 -6.49 -3.70 -28.81
CA LYS B 136 -7.93 -3.72 -28.58
C LYS B 136 -8.37 -2.69 -27.56
N ALA B 137 -7.65 -2.61 -26.45
CA ALA B 137 -8.10 -1.81 -25.30
C ALA B 137 -7.62 -0.36 -25.30
N MET B 138 -6.46 -0.10 -25.94
CA MET B 138 -5.89 1.25 -25.97
C MET B 138 -6.84 2.26 -26.60
N ALA B 139 -6.82 3.48 -26.08
CA ALA B 139 -7.73 4.56 -26.49
C ALA B 139 -7.67 4.89 -27.99
N SER B 140 -6.52 4.64 -28.60
CA SER B 140 -6.30 4.92 -30.02
C SER B 140 -6.54 3.71 -30.92
N GLY B 141 -7.13 2.66 -30.36
CA GLY B 141 -7.44 1.43 -31.09
C GLY B 141 -8.13 1.65 -32.43
N VAL B 142 -9.15 2.52 -32.44
CA VAL B 142 -9.89 2.82 -33.67
C VAL B 142 -9.00 3.32 -34.82
N SER B 143 -8.06 4.23 -34.54
CA SER B 143 -7.18 4.76 -35.58
C SER B 143 -6.09 3.78 -35.94
N ALA B 144 -5.44 3.21 -34.92
CA ALA B 144 -4.37 2.25 -35.10
C ALA B 144 -4.79 1.05 -35.93
N CYS B 145 -5.97 0.51 -35.64
CA CYS B 145 -6.49 -0.68 -36.29
C CYS B 145 -6.97 -0.49 -37.72
N LEU B 146 -7.11 0.77 -38.15
CA LEU B 146 -7.54 1.08 -39.52
C LEU B 146 -6.39 1.61 -40.35
N ALA B 147 -5.56 2.47 -39.75
CA ALA B 147 -4.44 3.09 -40.46
C ALA B 147 -3.53 2.06 -41.11
N THR B 148 -3.27 0.99 -40.37
CA THR B 148 -2.36 -0.08 -40.77
C THR B 148 -2.88 -0.89 -41.99
N PRO B 149 -4.03 -1.60 -41.86
CA PRO B 149 -4.50 -2.39 -43.00
C PRO B 149 -4.89 -1.57 -44.23
N PHE B 150 -5.32 -0.33 -44.03
CA PHE B 150 -5.67 0.53 -45.16
C PHE B 150 -4.44 1.25 -45.75
N LYS B 151 -3.26 0.92 -45.23
CA LYS B 151 -1.99 1.40 -45.78
C LYS B 151 -1.89 2.92 -45.77
N ILE B 152 -2.39 3.53 -44.71
CA ILE B 152 -2.45 4.98 -44.57
C ILE B 152 -1.06 5.54 -44.25
N HIS B 153 -0.67 6.56 -44.99
CA HIS B 153 0.66 7.16 -44.83
C HIS B 153 0.65 8.56 -44.22
N GLY B 154 -0.50 9.24 -44.28
CA GLY B 154 -0.61 10.61 -43.74
C GLY B 154 -0.77 10.67 -42.24
N VAL B 155 -1.67 11.53 -41.75
CA VAL B 155 -1.93 11.59 -40.32
C VAL B 155 -2.61 10.31 -39.82
N ASN B 156 -2.35 9.95 -38.58
CA ASN B 156 -2.88 8.73 -37.98
C ASN B 156 -2.98 8.92 -36.49
N TYR B 157 -4.16 9.31 -36.01
CA TYR B 157 -4.43 9.40 -34.58
C TYR B 157 -5.94 9.50 -34.27
N SER B 158 -6.28 9.42 -32.99
CA SER B 158 -7.67 9.47 -32.56
C SER B 158 -7.91 10.75 -31.78
N ILE B 159 -9.03 11.43 -32.05
CA ILE B 159 -9.52 12.44 -31.13
C ILE B 159 -10.53 11.75 -30.23
N SER B 160 -10.52 12.11 -28.96
CA SER B 160 -11.45 11.55 -28.01
C SER B 160 -12.03 12.68 -27.14
N SER B 161 -13.35 12.70 -27.04
CA SER B 161 -14.05 13.72 -26.29
C SER B 161 -15.48 13.27 -25.93
N ALA B 162 -15.59 12.05 -25.39
CA ALA B 162 -16.90 11.45 -25.07
C ALA B 162 -17.87 11.52 -26.27
N CYS B 163 -19.02 12.16 -26.06
CA CYS B 163 -20.09 12.22 -27.08
C CYS B 163 -19.76 13.09 -28.29
N ALA B 164 -18.72 13.90 -28.19
CA ALA B 164 -18.30 14.77 -29.29
C ALA B 164 -17.17 14.15 -30.12
N THR B 165 -16.67 13.00 -29.67
CA THR B 165 -15.47 12.35 -30.23
C THR B 165 -15.33 12.45 -31.75
N SER B 166 -16.26 11.83 -32.47
CA SER B 166 -16.12 11.69 -33.92
C SER B 166 -16.47 12.95 -34.69
N ALA B 167 -17.18 13.85 -34.03
CA ALA B 167 -17.40 15.21 -34.51
C ALA B 167 -16.09 16.02 -34.53
N HIS B 168 -15.31 15.96 -33.45
CA HIS B 168 -13.99 16.61 -33.41
C HIS B 168 -13.03 15.95 -34.41
N CYS B 169 -13.25 14.67 -34.67
CA CYS B 169 -12.44 13.95 -35.64
C CYS B 169 -12.64 14.53 -37.04
N ILE B 170 -13.91 14.78 -37.39
CA ILE B 170 -14.26 15.41 -38.66
C ILE B 170 -13.71 16.85 -38.76
N GLY B 171 -13.85 17.61 -37.67
CA GLY B 171 -13.40 19.00 -37.63
C GLY B 171 -11.89 19.11 -37.75
N ASN B 172 -11.18 18.19 -37.11
CA ASN B 172 -9.72 18.13 -37.20
C ASN B 172 -9.24 17.75 -38.58
N ALA B 173 -9.96 16.81 -39.21
CA ALA B 173 -9.78 16.48 -40.62
C ALA B 173 -9.91 17.70 -41.54
N VAL B 174 -10.92 18.55 -41.29
CA VAL B 174 -11.09 19.79 -42.05
C VAL B 174 -9.87 20.72 -41.90
N GLU B 175 -9.41 20.85 -40.66
CA GLU B 175 -8.20 21.63 -40.35
C GLU B 175 -6.96 21.14 -41.10
N GLN B 176 -6.84 19.82 -41.27
CA GLN B 176 -5.72 19.23 -42.01
C GLN B 176 -5.76 19.62 -43.48
N ILE B 177 -6.98 19.67 -44.04
CA ILE B 177 -7.18 20.16 -45.40
C ILE B 177 -6.90 21.67 -45.51
N GLN B 178 -7.43 22.45 -44.56
CA GLN B 178 -7.27 23.91 -44.55
C GLN B 178 -5.80 24.35 -44.44
N LEU B 179 -5.02 23.58 -43.68
CA LEU B 179 -3.59 23.84 -43.51
C LEU B 179 -2.75 23.34 -44.69
N GLY B 180 -3.41 22.69 -45.64
CA GLY B 180 -2.72 22.13 -46.82
C GLY B 180 -1.86 20.89 -46.59
N LYS B 181 -1.98 20.29 -45.40
CA LYS B 181 -1.19 19.11 -45.04
C LYS B 181 -1.70 17.80 -45.64
N GLN B 182 -3.00 17.73 -45.92
CA GLN B 182 -3.62 16.52 -46.47
C GLN B 182 -4.61 16.86 -47.59
N ASP B 183 -4.72 15.96 -48.56
CA ASP B 183 -5.75 16.05 -49.60
C ASP B 183 -6.99 15.30 -49.20
N ILE B 184 -6.80 14.18 -48.50
CA ILE B 184 -7.89 13.32 -48.02
C ILE B 184 -7.62 12.91 -46.58
N VAL B 185 -8.65 13.04 -45.73
CA VAL B 185 -8.62 12.46 -44.39
C VAL B 185 -9.90 11.67 -44.15
N PHE B 186 -9.75 10.37 -43.83
CA PHE B 186 -10.88 9.56 -43.42
C PHE B 186 -11.15 9.90 -41.96
N ALA B 187 -12.37 10.36 -41.68
CA ALA B 187 -12.72 10.86 -40.36
C ALA B 187 -13.98 10.16 -39.84
N GLY B 188 -13.96 9.78 -38.57
CA GLY B 188 -15.10 9.12 -37.96
C GLY B 188 -14.81 8.50 -36.62
N GLY B 189 -15.41 7.35 -36.37
CA GLY B 189 -15.23 6.66 -35.10
C GLY B 189 -16.06 5.40 -34.98
N GLY B 190 -15.85 4.69 -33.87
CA GLY B 190 -16.62 3.51 -33.53
C GLY B 190 -16.80 3.43 -32.02
N GLU B 191 -17.77 2.65 -31.59
CA GLU B 191 -17.97 2.38 -30.17
C GLU B 191 -18.52 0.98 -30.02
N GLU B 192 -17.92 0.21 -29.11
CA GLU B 192 -18.46 -1.08 -28.74
C GLU B 192 -19.69 -0.91 -27.86
N LEU B 193 -20.48 -1.98 -27.75
CA LEU B 193 -21.68 -2.01 -26.93
C LEU B 193 -21.60 -3.20 -25.98
N CYS B 194 -21.61 -2.90 -24.67
CA CYS B 194 -21.30 -3.91 -23.66
C CYS B 194 -21.72 -3.43 -22.26
N TRP B 195 -22.08 -4.37 -21.39
CA TRP B 195 -22.44 -4.03 -20.01
C TRP B 195 -21.28 -3.36 -19.25
N GLU B 196 -20.04 -3.77 -19.57
CA GLU B 196 -18.85 -3.26 -18.88
C GLU B 196 -18.84 -1.73 -18.85
N MET B 197 -19.11 -1.12 -20.00
CA MET B 197 -19.18 0.33 -20.12
C MET B 197 -20.55 0.87 -19.72
N ALA B 198 -21.60 0.21 -20.21
CA ALA B 198 -22.99 0.64 -19.97
C ALA B 198 -23.33 0.80 -18.49
N CYS B 199 -22.83 -0.10 -17.65
CA CYS B 199 -23.14 -0.06 -16.22
C CYS B 199 -22.58 1.20 -15.53
N GLU B 200 -21.52 1.77 -16.10
CA GLU B 200 -20.91 3.00 -15.59
C GLU B 200 -21.82 4.21 -15.78
N PHE B 201 -22.45 4.30 -16.95
CA PHE B 201 -23.46 5.31 -17.24
C PHE B 201 -24.73 5.11 -16.40
N ASP B 202 -25.13 3.85 -16.22
CA ASP B 202 -26.27 3.50 -15.36
C ASP B 202 -26.01 3.91 -13.90
N ALA B 203 -24.78 3.69 -13.43
CA ALA B 203 -24.42 3.99 -12.04
C ALA B 203 -24.41 5.47 -11.72
N MET B 204 -24.27 6.31 -12.74
CA MET B 204 -24.40 7.76 -12.55
C MET B 204 -25.81 8.28 -12.88
N GLY B 205 -26.71 7.35 -13.22
CA GLY B 205 -28.11 7.67 -13.49
C GLY B 205 -28.39 8.32 -14.83
N ALA B 206 -27.48 8.14 -15.80
CA ALA B 206 -27.58 8.78 -17.10
C ALA B 206 -28.46 8.01 -18.10
N LEU B 207 -28.74 6.74 -17.80
CA LEU B 207 -29.45 5.85 -18.72
C LEU B 207 -30.94 5.72 -18.37
N SER B 208 -31.76 5.56 -19.41
CA SER B 208 -33.20 5.33 -19.28
C SER B 208 -33.50 3.98 -18.63
N THR B 209 -34.42 3.99 -17.66
CA THR B 209 -34.80 2.78 -16.90
C THR B 209 -36.32 2.50 -16.79
N LYS B 210 -37.17 3.47 -17.12
CA LYS B 210 -38.62 3.34 -16.95
C LYS B 210 -39.35 2.64 -18.09
N TYR B 211 -38.65 2.35 -19.19
CA TYR B 211 -39.32 1.90 -20.42
C TYR B 211 -38.80 0.57 -20.97
N ASN B 212 -38.26 -0.26 -20.08
CA ASN B 212 -37.70 -1.56 -20.46
C ASN B 212 -38.68 -2.53 -21.11
N ASP B 213 -39.97 -2.43 -20.73
CA ASP B 213 -41.03 -3.24 -21.34
C ASP B 213 -41.39 -2.77 -22.76
N THR B 214 -41.14 -1.50 -23.05
CA THR B 214 -41.35 -0.91 -24.38
C THR B 214 -40.06 -0.27 -24.90
N PRO B 215 -39.06 -1.10 -25.30
CA PRO B 215 -37.73 -0.62 -25.69
C PRO B 215 -37.72 0.53 -26.69
N GLU B 216 -38.62 0.48 -27.67
CA GLU B 216 -38.70 1.48 -28.74
C GLU B 216 -39.25 2.85 -28.31
N LYS B 217 -39.82 2.92 -27.11
CA LYS B 217 -40.35 4.17 -26.55
C LYS B 217 -39.40 4.79 -25.51
N ALA B 218 -38.31 4.08 -25.21
CA ALA B 218 -37.35 4.51 -24.18
C ALA B 218 -36.63 5.82 -24.52
N SER B 219 -36.14 5.92 -25.76
CA SER B 219 -35.46 7.11 -26.24
C SER B 219 -36.51 8.07 -26.80
N ARG B 220 -36.62 9.23 -26.18
CA ARG B 220 -37.77 10.09 -26.38
C ARG B 220 -37.42 11.55 -26.14
N THR B 221 -36.45 12.03 -26.90
CA THR B 221 -35.94 13.39 -26.75
C THR B 221 -37.08 14.43 -26.85
N TYR B 222 -37.08 15.34 -25.88
CA TYR B 222 -38.06 16.45 -25.78
C TYR B 222 -39.41 16.04 -25.19
N ASP B 223 -39.60 14.75 -24.92
CA ASP B 223 -40.83 14.28 -24.30
C ASP B 223 -40.78 14.57 -22.80
N ALA B 224 -41.92 15.00 -22.26
CA ALA B 224 -42.04 15.38 -20.84
C ALA B 224 -41.66 14.26 -19.86
N HIS B 225 -41.73 12.99 -20.28
CA HIS B 225 -41.42 11.88 -19.39
C HIS B 225 -40.14 11.10 -19.74
N ARG B 226 -39.24 11.79 -20.46
CA ARG B 226 -37.90 11.28 -20.73
C ARG B 226 -37.15 11.03 -19.40
N ASP B 227 -36.34 9.97 -19.37
CA ASP B 227 -35.62 9.60 -18.14
C ASP B 227 -34.16 9.17 -18.34
N GLY B 228 -33.50 9.71 -19.37
CA GLY B 228 -32.11 9.36 -19.65
C GLY B 228 -31.91 8.76 -21.03
N PHE B 229 -30.66 8.69 -21.48
CA PHE B 229 -30.38 8.19 -22.84
C PHE B 229 -30.35 6.66 -22.94
N VAL B 230 -30.44 6.17 -24.16
CA VAL B 230 -30.37 4.75 -24.43
C VAL B 230 -29.02 4.50 -25.11
N ILE B 231 -28.19 3.71 -24.46
CA ILE B 231 -26.84 3.42 -24.94
C ILE B 231 -26.88 2.64 -26.26
N ALA B 232 -25.92 2.92 -27.14
CA ALA B 232 -25.85 2.24 -28.43
C ALA B 232 -24.41 2.00 -28.83
N GLY B 233 -24.21 1.18 -29.85
CA GLY B 233 -22.90 0.98 -30.45
C GLY B 233 -22.99 1.10 -31.96
N GLY B 234 -21.82 1.13 -32.60
CA GLY B 234 -21.74 1.22 -34.05
C GLY B 234 -20.53 2.01 -34.48
N GLY B 235 -20.52 2.39 -35.76
CA GLY B 235 -19.40 3.10 -36.33
C GLY B 235 -19.85 3.97 -37.49
N GLY B 236 -18.99 4.90 -37.86
CA GLY B 236 -19.23 5.75 -39.02
C GLY B 236 -17.90 6.22 -39.55
N MET B 237 -17.88 6.60 -40.82
CA MET B 237 -16.70 7.16 -41.46
C MET B 237 -17.13 8.00 -42.64
N VAL B 238 -16.52 9.19 -42.76
CA VAL B 238 -16.71 10.05 -43.92
C VAL B 238 -15.37 10.33 -44.58
N VAL B 239 -15.39 10.57 -45.89
CA VAL B 239 -14.17 11.00 -46.60
C VAL B 239 -14.15 12.52 -46.63
N VAL B 240 -13.21 13.12 -45.90
CA VAL B 240 -13.02 14.57 -45.94
C VAL B 240 -11.93 14.83 -46.96
N GLU B 241 -12.26 15.68 -47.94
CA GLU B 241 -11.40 15.86 -49.12
C GLU B 241 -11.29 17.33 -49.52
N GLU B 242 -10.09 17.74 -49.92
CA GLU B 242 -9.87 19.10 -50.40
C GLU B 242 -10.66 19.27 -51.71
N LEU B 243 -11.32 20.42 -51.86
CA LEU B 243 -12.23 20.66 -52.98
C LEU B 243 -11.64 20.47 -54.38
N GLU B 244 -10.50 21.09 -54.67
CA GLU B 244 -9.92 21.00 -56.02
C GLU B 244 -9.57 19.55 -56.37
N HIS B 245 -9.02 18.84 -55.38
CA HIS B 245 -8.76 17.40 -55.50
C HIS B 245 -10.01 16.59 -55.86
N ALA B 246 -11.13 16.89 -55.20
CA ALA B 246 -12.38 16.18 -55.45
C ALA B 246 -12.90 16.46 -56.86
N LEU B 247 -12.90 17.73 -57.24
CA LEU B 247 -13.35 18.18 -58.55
C LEU B 247 -12.53 17.58 -59.70
N ALA B 248 -11.21 17.59 -59.54
CA ALA B 248 -10.27 17.04 -60.53
C ALA B 248 -10.55 15.58 -60.92
N ARG B 249 -10.83 14.74 -59.92
CA ARG B 249 -11.09 13.31 -60.16
C ARG B 249 -12.58 12.97 -60.39
N GLY B 250 -13.44 14.00 -60.37
CA GLY B 250 -14.87 13.82 -60.63
C GLY B 250 -15.66 13.18 -59.49
N ALA B 251 -15.20 13.41 -58.27
CA ALA B 251 -15.86 12.88 -57.07
C ALA B 251 -17.29 13.39 -56.95
N HIS B 252 -18.16 12.56 -56.40
CA HIS B 252 -19.49 13.00 -56.00
C HIS B 252 -19.35 13.70 -54.66
N ILE B 253 -19.81 14.95 -54.58
CA ILE B 253 -19.74 15.71 -53.34
C ILE B 253 -21.12 15.79 -52.68
N TYR B 254 -21.17 15.41 -51.40
CA TYR B 254 -22.40 15.55 -50.62
C TYR B 254 -22.60 17.00 -50.22
N ALA B 255 -21.57 17.58 -49.63
CA ALA B 255 -21.61 18.92 -49.06
C ALA B 255 -20.21 19.42 -48.80
N GLU B 256 -20.09 20.72 -48.60
CA GLU B 256 -18.89 21.32 -48.04
C GLU B 256 -19.09 21.47 -46.53
N ILE B 257 -18.02 21.21 -45.77
CA ILE B 257 -18.00 21.61 -44.37
C ILE B 257 -17.69 23.11 -44.32
N VAL B 258 -18.72 23.92 -44.10
CA VAL B 258 -18.57 25.37 -44.12
C VAL B 258 -18.35 25.97 -42.72
N GLY B 259 -18.59 25.17 -41.69
CA GLY B 259 -18.42 25.63 -40.31
C GLY B 259 -18.09 24.52 -39.34
N TYR B 260 -17.18 24.83 -38.42
CA TYR B 260 -16.76 23.89 -37.39
C TYR B 260 -16.53 24.66 -36.08
N GLY B 261 -17.37 24.38 -35.10
CA GLY B 261 -17.22 24.98 -33.78
C GLY B 261 -16.61 23.97 -32.84
N ALA B 262 -15.68 24.41 -32.00
CA ALA B 262 -15.13 23.56 -30.94
C ALA B 262 -14.87 24.41 -29.70
N THR B 263 -15.63 24.16 -28.64
CA THR B 263 -15.50 24.94 -27.40
C THR B 263 -15.45 24.09 -26.12
N SER B 264 -15.33 24.78 -24.99
CA SER B 264 -15.26 24.14 -23.67
C SER B 264 -16.19 24.89 -22.71
N ASP B 265 -16.89 24.17 -21.84
CA ASP B 265 -17.74 24.79 -20.81
C ASP B 265 -16.94 25.40 -19.66
N GLY B 266 -15.92 24.68 -19.18
CA GLY B 266 -15.17 25.05 -17.98
C GLY B 266 -16.10 25.28 -16.79
N ALA B 267 -17.11 24.40 -16.65
CA ALA B 267 -18.15 24.56 -15.65
C ALA B 267 -18.35 23.29 -14.82
N ASP B 268 -19.16 22.37 -15.35
CA ASP B 268 -19.51 21.13 -14.65
C ASP B 268 -19.08 19.89 -15.44
N MET B 269 -18.81 18.80 -14.72
CA MET B 269 -18.29 17.57 -15.33
C MET B 269 -19.29 16.79 -16.18
N VAL B 270 -20.54 16.72 -15.72
CA VAL B 270 -21.52 15.81 -16.32
C VAL B 270 -22.82 16.49 -16.70
N ALA B 271 -22.91 17.79 -16.43
CA ALA B 271 -24.03 18.62 -16.84
C ALA B 271 -23.55 19.74 -17.77
N PRO B 272 -24.33 20.03 -18.84
CA PRO B 272 -23.93 21.11 -19.77
C PRO B 272 -24.25 22.48 -19.19
N SER B 273 -23.48 23.49 -19.58
CA SER B 273 -23.69 24.87 -19.10
C SER B 273 -24.63 25.68 -20.01
N GLY B 274 -24.71 25.31 -21.28
CA GLY B 274 -25.49 26.05 -22.27
C GLY B 274 -24.67 27.13 -22.93
N GLU B 275 -24.00 27.94 -22.09
CA GLU B 275 -23.06 28.98 -22.48
C GLU B 275 -22.01 28.52 -23.51
N GLY B 276 -21.40 27.37 -23.26
CA GLY B 276 -20.38 26.82 -24.18
C GLY B 276 -20.95 26.38 -25.52
N ALA B 277 -22.16 25.82 -25.49
CA ALA B 277 -22.85 25.39 -26.69
C ALA B 277 -23.24 26.58 -27.57
N VAL B 278 -23.67 27.67 -26.94
CA VAL B 278 -23.96 28.94 -27.63
C VAL B 278 -22.73 29.40 -28.44
N ARG B 279 -21.57 29.49 -27.78
CA ARG B 279 -20.31 29.86 -28.41
C ARG B 279 -19.87 28.88 -29.50
N CYS B 280 -20.13 27.59 -29.28
CA CYS B 280 -19.79 26.55 -30.26
C CYS B 280 -20.56 26.70 -31.57
N MET B 281 -21.87 26.91 -31.46
CA MET B 281 -22.75 27.12 -32.62
C MET B 281 -22.46 28.45 -33.34
N LYS B 282 -22.31 29.52 -32.57
CA LYS B 282 -21.89 30.81 -33.13
C LYS B 282 -20.56 30.69 -33.90
N MET B 283 -19.61 29.94 -33.36
CA MET B 283 -18.31 29.71 -34.02
C MET B 283 -18.45 28.95 -35.34
N ALA B 284 -19.34 27.97 -35.35
CA ALA B 284 -19.64 27.19 -36.56
C ALA B 284 -20.38 28.03 -37.62
N MET B 285 -21.03 29.10 -37.18
CA MET B 285 -21.80 29.98 -38.09
C MET B 285 -21.01 31.18 -38.64
N HIS B 286 -19.78 31.37 -38.17
CA HIS B 286 -18.94 32.49 -38.61
C HIS B 286 -18.69 32.40 -40.12
N GLY B 287 -19.01 33.47 -40.84
CA GLY B 287 -18.86 33.50 -42.30
C GLY B 287 -19.91 32.73 -43.07
N VAL B 288 -20.84 32.07 -42.38
CA VAL B 288 -21.91 31.33 -43.02
C VAL B 288 -23.16 32.21 -43.11
N ASP B 289 -23.45 32.69 -44.32
CA ASP B 289 -24.51 33.66 -44.54
C ASP B 289 -25.79 33.06 -45.16
N THR B 290 -25.84 31.74 -45.28
CA THR B 290 -27.08 31.04 -45.62
C THR B 290 -27.77 30.60 -44.32
N PRO B 291 -29.12 30.48 -44.33
CA PRO B 291 -29.81 30.07 -43.10
C PRO B 291 -29.64 28.57 -42.82
N ILE B 292 -29.73 28.18 -41.55
CA ILE B 292 -29.75 26.78 -41.19
C ILE B 292 -31.14 26.26 -41.47
N ASP B 293 -31.23 25.31 -42.41
CA ASP B 293 -32.49 24.72 -42.81
C ASP B 293 -32.90 23.56 -41.88
N TYR B 294 -31.90 22.89 -41.30
CA TYR B 294 -32.15 21.78 -40.38
C TYR B 294 -31.04 21.64 -39.36
N LEU B 295 -31.44 21.41 -38.11
CA LEU B 295 -30.49 21.17 -37.01
C LEU B 295 -30.71 19.79 -36.40
N ASN B 296 -29.70 18.91 -36.56
CA ASN B 296 -29.67 17.61 -35.89
C ASN B 296 -29.08 17.80 -34.49
N SER B 297 -29.95 17.74 -33.47
CA SER B 297 -29.52 18.10 -32.12
C SER B 297 -28.70 16.99 -31.46
N HIS B 298 -27.95 17.34 -30.44
CA HIS B 298 -27.31 16.37 -29.59
C HIS B 298 -28.41 15.54 -28.90
N GLY B 299 -29.41 16.25 -28.36
CA GLY B 299 -30.65 15.67 -27.85
C GLY B 299 -30.65 14.20 -27.50
N THR B 300 -30.14 13.89 -26.31
CA THR B 300 -29.89 12.51 -25.88
C THR B 300 -31.06 11.84 -25.14
N SER B 301 -32.06 12.65 -24.79
CA SER B 301 -33.24 12.21 -24.03
C SER B 301 -33.04 12.32 -22.51
N THR B 302 -32.21 13.28 -22.10
CA THR B 302 -31.97 13.53 -20.68
C THR B 302 -32.78 14.75 -20.22
N PRO B 303 -33.37 14.70 -19.00
CA PRO B 303 -34.12 15.85 -18.46
C PRO B 303 -33.41 17.20 -18.62
N VAL B 304 -32.22 17.32 -18.02
CA VAL B 304 -31.43 18.55 -18.07
C VAL B 304 -30.86 18.84 -19.46
N GLY B 305 -30.22 17.85 -20.08
CA GLY B 305 -29.50 18.05 -21.34
C GLY B 305 -30.34 18.55 -22.50
N ASP B 306 -31.50 17.94 -22.72
CA ASP B 306 -32.38 18.29 -23.87
C ASP B 306 -32.74 19.77 -23.96
N VAL B 307 -33.20 20.33 -22.83
CA VAL B 307 -33.67 21.71 -22.79
C VAL B 307 -32.54 22.72 -22.65
N LYS B 308 -31.39 22.28 -22.15
CA LYS B 308 -30.22 23.12 -22.09
C LYS B 308 -29.72 23.43 -23.50
N GLU B 309 -29.74 22.42 -24.37
CA GLU B 309 -29.39 22.60 -25.77
C GLU B 309 -30.46 23.43 -26.50
N LEU B 310 -31.73 23.24 -26.15
CA LEU B 310 -32.80 24.02 -26.77
C LEU B 310 -32.67 25.50 -26.46
N ALA B 311 -32.30 25.80 -25.21
CA ALA B 311 -32.05 27.16 -24.76
C ALA B 311 -30.88 27.77 -25.52
N ALA B 312 -29.82 26.99 -25.75
CA ALA B 312 -28.67 27.46 -26.51
C ALA B 312 -29.04 27.76 -27.96
N ILE B 313 -29.90 26.92 -28.54
CA ILE B 313 -30.40 27.10 -29.91
C ILE B 313 -31.17 28.44 -30.01
N ARG B 314 -32.08 28.67 -29.06
CA ARG B 314 -32.85 29.92 -28.98
C ARG B 314 -31.96 31.16 -28.96
N GLU B 315 -30.93 31.12 -28.12
CA GLU B 315 -30.00 32.23 -27.94
C GLU B 315 -29.22 32.52 -29.23
N VAL B 316 -28.78 31.46 -29.90
CA VAL B 316 -28.07 31.59 -31.18
C VAL B 316 -28.99 32.07 -32.31
N PHE B 317 -30.19 31.50 -32.40
CA PHE B 317 -31.05 31.74 -33.55
C PHE B 317 -32.19 32.73 -33.32
N GLY B 318 -32.55 32.97 -32.06
CA GLY B 318 -33.65 33.89 -31.73
C GLY B 318 -34.97 33.46 -32.37
N ASP B 319 -35.54 34.35 -33.16
CA ASP B 319 -36.80 34.07 -33.84
C ASP B 319 -36.60 33.55 -35.27
N LYS B 320 -35.36 33.24 -35.62
CA LYS B 320 -35.05 32.55 -36.88
C LYS B 320 -34.58 31.11 -36.65
N SER B 321 -35.13 30.46 -35.62
CA SER B 321 -34.70 29.10 -35.25
C SER B 321 -35.07 28.08 -36.32
N PRO B 322 -34.16 27.14 -36.62
CA PRO B 322 -34.38 26.23 -37.75
C PRO B 322 -35.28 25.04 -37.36
N ALA B 323 -35.65 24.23 -38.36
CA ALA B 323 -36.29 22.94 -38.11
C ALA B 323 -35.35 22.05 -37.28
N ILE B 324 -35.88 21.38 -36.26
CA ILE B 324 -35.06 20.55 -35.39
C ILE B 324 -35.63 19.13 -35.27
N SER B 325 -34.73 18.14 -35.30
CA SER B 325 -35.08 16.79 -34.81
C SER B 325 -33.92 16.11 -34.11
N ALA B 326 -34.24 15.30 -33.11
CA ALA B 326 -33.26 14.49 -32.40
C ALA B 326 -33.34 13.03 -32.86
N THR B 327 -32.43 12.65 -33.76
CA THR B 327 -32.45 11.29 -34.31
C THR B 327 -32.09 10.20 -33.28
N LYS B 328 -31.50 10.61 -32.16
CA LYS B 328 -31.24 9.69 -31.03
C LYS B 328 -32.51 9.05 -30.48
N ALA B 329 -33.67 9.68 -30.71
CA ALA B 329 -34.96 9.06 -30.32
C ALA B 329 -35.22 7.77 -31.10
N MET B 330 -34.66 7.67 -32.31
CA MET B 330 -34.66 6.45 -33.10
C MET B 330 -33.44 5.55 -32.83
N THR B 331 -32.25 6.16 -32.78
CA THR B 331 -31.00 5.41 -32.88
C THR B 331 -30.36 5.00 -31.55
N GLY B 332 -30.70 5.71 -30.48
CA GLY B 332 -29.91 5.64 -29.26
C GLY B 332 -28.66 6.48 -29.38
N HIS B 333 -27.83 6.43 -28.33
CA HIS B 333 -26.66 7.27 -28.21
C HIS B 333 -25.41 6.41 -28.33
N SER B 334 -24.74 6.48 -29.48
CA SER B 334 -23.57 5.63 -29.75
C SER B 334 -22.24 6.26 -29.31
N LEU B 335 -22.34 7.29 -28.47
CA LEU B 335 -21.18 7.90 -27.80
C LEU B 335 -20.14 8.46 -28.78
N GLY B 336 -18.96 7.85 -28.83
CA GLY B 336 -17.91 8.27 -29.75
C GLY B 336 -18.25 8.18 -31.23
N ALA B 337 -19.21 7.31 -31.57
CA ALA B 337 -19.67 7.15 -32.95
C ALA B 337 -20.81 8.10 -33.34
N ALA B 338 -21.39 8.78 -32.35
CA ALA B 338 -22.56 9.63 -32.58
C ALA B 338 -22.29 10.79 -33.54
N GLY B 339 -21.14 11.46 -33.38
CA GLY B 339 -20.80 12.62 -34.19
C GLY B 339 -20.80 12.35 -35.68
N VAL B 340 -20.10 11.30 -36.09
CA VAL B 340 -20.01 10.92 -37.50
C VAL B 340 -21.32 10.30 -38.04
N GLN B 341 -21.99 9.49 -37.22
CA GLN B 341 -23.28 8.93 -37.62
C GLN B 341 -24.35 10.00 -37.86
N GLU B 342 -24.36 11.01 -37.00
CA GLU B 342 -25.35 12.06 -37.11
C GLU B 342 -25.02 13.09 -38.20
N ALA B 343 -23.73 13.27 -38.46
CA ALA B 343 -23.30 14.01 -39.66
C ALA B 343 -23.78 13.27 -40.91
N ILE B 344 -23.64 11.94 -40.91
CA ILE B 344 -24.15 11.10 -42.01
C ILE B 344 -25.68 11.18 -42.20
N TYR B 345 -26.45 11.05 -41.12
CA TYR B 345 -27.90 11.27 -41.18
C TYR B 345 -28.23 12.63 -41.78
N SER B 346 -27.56 13.67 -41.28
CA SER B 346 -27.74 15.04 -41.78
C SER B 346 -27.41 15.16 -43.27
N LEU B 347 -26.27 14.56 -43.67
CA LEU B 347 -25.86 14.46 -45.07
C LEU B 347 -26.89 13.74 -45.95
N LEU B 348 -27.45 12.64 -45.44
CA LEU B 348 -28.52 11.92 -46.14
C LEU B 348 -29.78 12.76 -46.33
N MET B 349 -30.17 13.52 -45.30
CA MET B 349 -31.31 14.44 -45.40
C MET B 349 -31.05 15.53 -46.43
N LEU B 350 -29.81 16.02 -46.43
CA LEU B 350 -29.36 17.01 -47.40
C LEU B 350 -29.42 16.48 -48.84
N GLU B 351 -28.86 15.28 -49.05
CA GLU B 351 -28.84 14.64 -50.37
C GLU B 351 -30.23 14.30 -50.92
N HIS B 352 -31.13 13.85 -50.05
CA HIS B 352 -32.42 13.31 -50.48
C HIS B 352 -33.62 14.20 -50.21
N GLY B 353 -33.36 15.40 -49.68
CA GLY B 353 -34.39 16.41 -49.46
C GLY B 353 -35.53 16.03 -48.51
N PHE B 354 -35.17 15.64 -47.29
CA PHE B 354 -36.18 15.36 -46.28
C PHE B 354 -35.67 15.67 -44.88
N ILE B 355 -36.61 15.82 -43.95
CA ILE B 355 -36.28 15.96 -42.54
C ILE B 355 -36.78 14.72 -41.80
N ALA B 356 -35.86 14.04 -41.13
CA ALA B 356 -36.20 12.84 -40.35
C ALA B 356 -36.96 13.25 -39.08
N PRO B 357 -37.93 12.42 -38.63
CA PRO B 357 -38.74 12.85 -37.49
C PRO B 357 -38.05 12.70 -36.12
N SER B 358 -38.38 13.62 -35.21
CA SER B 358 -38.04 13.50 -33.81
C SER B 358 -39.18 12.69 -33.18
N ILE B 359 -38.95 11.41 -32.93
CA ILE B 359 -40.03 10.49 -32.55
C ILE B 359 -40.25 10.38 -31.03
N ASN B 360 -41.37 9.78 -30.65
CA ASN B 360 -41.70 9.48 -29.25
C ASN B 360 -42.00 10.68 -28.38
N ILE B 361 -42.37 11.80 -28.99
CA ILE B 361 -42.83 12.96 -28.22
C ILE B 361 -44.35 12.85 -28.04
N GLU B 362 -44.74 12.27 -26.92
CA GLU B 362 -46.14 12.09 -26.55
C GLU B 362 -46.65 13.33 -25.81
N GLU B 363 -45.74 13.97 -25.09
CA GLU B 363 -46.02 15.23 -24.43
C GLU B 363 -44.80 16.15 -24.55
N LEU B 364 -44.92 17.17 -25.39
CA LEU B 364 -43.84 18.12 -25.62
C LEU B 364 -43.54 18.87 -24.31
N ASP B 365 -42.25 18.90 -23.96
CA ASP B 365 -41.77 19.67 -22.81
C ASP B 365 -42.14 21.14 -23.00
N GLU B 366 -42.68 21.76 -21.95
CA GLU B 366 -43.11 23.15 -22.03
C GLU B 366 -41.96 24.14 -22.34
N GLN B 367 -40.73 23.75 -22.02
CA GLN B 367 -39.55 24.55 -22.38
C GLN B 367 -39.26 24.52 -23.89
N ALA B 368 -39.83 23.54 -24.59
CA ALA B 368 -39.66 23.40 -26.04
C ALA B 368 -40.78 24.10 -26.82
N ALA B 369 -41.65 24.83 -26.12
CA ALA B 369 -42.78 25.51 -26.74
C ALA B 369 -42.30 26.60 -27.69
N GLY B 370 -42.99 26.73 -28.83
CA GLY B 370 -42.61 27.71 -29.83
C GLY B 370 -41.76 27.14 -30.94
N LEU B 371 -40.76 26.33 -30.59
CA LEU B 371 -39.74 25.85 -31.52
C LEU B 371 -40.30 24.96 -32.64
N ASN B 372 -39.54 24.83 -33.73
CA ASN B 372 -39.96 23.99 -34.86
C ASN B 372 -39.33 22.59 -34.80
N ILE B 373 -39.79 21.81 -33.83
CA ILE B 373 -39.35 20.43 -33.68
C ILE B 373 -40.23 19.55 -34.57
N VAL B 374 -39.62 19.00 -35.62
CA VAL B 374 -40.39 18.22 -36.58
C VAL B 374 -40.53 16.75 -36.14
N THR B 375 -41.80 16.34 -36.03
CA THR B 375 -42.15 15.04 -35.49
C THR B 375 -42.70 14.10 -36.56
N GLU B 376 -42.65 14.56 -37.81
CA GLU B 376 -43.15 13.79 -38.94
C GLU B 376 -42.20 13.96 -40.10
N THR B 377 -41.91 12.87 -40.81
CA THR B 377 -41.05 12.94 -42.00
C THR B 377 -41.60 13.98 -42.99
N THR B 378 -40.74 14.93 -43.32
CA THR B 378 -41.14 16.09 -44.11
C THR B 378 -40.18 16.26 -45.26
N ASP B 379 -40.73 16.17 -46.46
CA ASP B 379 -39.97 16.46 -47.67
C ASP B 379 -39.73 17.95 -47.75
N ARG B 380 -38.46 18.32 -47.92
CA ARG B 380 -38.05 19.70 -47.99
C ARG B 380 -36.71 19.78 -48.69
N GLU B 381 -36.56 20.76 -49.57
CA GLU B 381 -35.27 21.09 -50.17
C GLU B 381 -34.40 21.78 -49.11
N LEU B 382 -33.38 21.08 -48.64
CA LEU B 382 -32.44 21.66 -47.67
C LEU B 382 -31.16 22.08 -48.39
N THR B 383 -30.49 23.10 -47.86
CA THR B 383 -29.24 23.59 -48.45
C THR B 383 -28.13 23.57 -47.42
N THR B 384 -28.45 24.01 -46.20
CA THR B 384 -27.46 24.12 -45.13
C THR B 384 -27.97 23.45 -43.86
N VAL B 385 -27.14 22.59 -43.28
CA VAL B 385 -27.53 21.79 -42.10
C VAL B 385 -26.51 21.90 -40.97
N MET B 386 -27.00 21.81 -39.74
CA MET B 386 -26.16 21.88 -38.55
C MET B 386 -26.35 20.62 -37.68
N SER B 387 -25.25 20.15 -37.08
CA SER B 387 -25.27 18.97 -36.21
C SER B 387 -24.42 19.23 -34.96
N ASN B 388 -25.03 19.07 -33.78
CA ASN B 388 -24.38 19.34 -32.49
C ASN B 388 -23.93 18.07 -31.75
N SER B 389 -22.76 18.17 -31.13
CA SER B 389 -22.22 17.08 -30.31
C SER B 389 -21.60 17.65 -29.04
N PHE B 390 -22.18 17.30 -27.89
CA PHE B 390 -21.69 17.76 -26.60
C PHE B 390 -21.38 16.56 -25.73
N GLY B 391 -20.17 16.49 -25.17
CA GLY B 391 -19.79 15.34 -24.37
C GLY B 391 -19.63 15.69 -22.91
N PHE B 392 -19.48 14.66 -22.06
CA PHE B 392 -19.10 14.87 -20.66
C PHE B 392 -17.75 15.57 -20.63
N GLY B 393 -17.53 16.37 -19.58
CA GLY B 393 -16.30 17.13 -19.44
C GLY B 393 -16.43 18.50 -20.08
N GLY B 394 -17.64 18.84 -20.51
CA GLY B 394 -17.95 20.16 -21.06
C GLY B 394 -17.32 20.42 -22.42
N THR B 395 -17.22 19.37 -23.24
CA THR B 395 -16.58 19.45 -24.55
C THR B 395 -17.62 19.54 -25.66
N ASN B 396 -17.50 20.56 -26.51
CA ASN B 396 -18.54 20.87 -27.50
C ASN B 396 -18.01 20.90 -28.93
N ALA B 397 -18.77 20.29 -29.84
CA ALA B 397 -18.48 20.36 -31.28
C ALA B 397 -19.75 20.63 -32.09
N THR B 398 -19.63 21.45 -33.12
CA THR B 398 -20.73 21.67 -34.07
C THR B 398 -20.20 21.63 -35.51
N LEU B 399 -20.90 20.91 -36.37
CA LEU B 399 -20.58 20.89 -37.80
C LEU B 399 -21.72 21.49 -38.64
N VAL B 400 -21.35 22.35 -39.58
CA VAL B 400 -22.29 22.97 -40.49
C VAL B 400 -21.93 22.54 -41.91
N MET B 401 -22.90 21.96 -42.60
CA MET B 401 -22.67 21.38 -43.92
C MET B 401 -23.59 22.02 -44.95
N ARG B 402 -23.03 22.35 -46.12
CA ARG B 402 -23.80 23.02 -47.16
C ARG B 402 -23.65 22.38 -48.54
N LYS B 403 -24.79 22.18 -49.19
CA LYS B 403 -24.84 21.75 -50.59
C LYS B 403 -24.04 22.68 -51.49
N LEU B 404 -23.33 22.10 -52.45
CA LEU B 404 -22.63 22.87 -53.47
C LEU B 404 -23.50 22.98 -54.72
N LYS C 2 -2.71 -32.95 22.97
CA LYS C 2 -3.03 -32.26 21.69
C LYS C 2 -1.75 -31.91 20.93
N ARG C 3 -1.84 -31.93 19.60
CA ARG C 3 -0.69 -31.71 18.75
C ARG C 3 -0.73 -30.32 18.11
N ALA C 4 0.46 -29.76 17.87
CA ALA C 4 0.57 -28.39 17.37
C ALA C 4 1.32 -28.35 16.04
N VAL C 5 0.72 -27.69 15.05
CA VAL C 5 1.32 -27.55 13.72
C VAL C 5 1.43 -26.08 13.30
N ILE C 6 2.37 -25.77 12.40
CA ILE C 6 2.50 -24.43 11.85
C ILE C 6 1.75 -24.32 10.52
N THR C 7 0.80 -23.40 10.46
CA THR C 7 -0.11 -23.32 9.30
C THR C 7 -0.03 -21.98 8.55
N GLY C 8 0.95 -21.16 8.92
CA GLY C 8 1.12 -19.86 8.28
C GLY C 8 2.37 -19.21 8.83
N LEU C 9 3.01 -18.38 8.01
CA LEU C 9 4.19 -17.67 8.43
C LEU C 9 4.34 -16.32 7.74
N GLY C 10 5.00 -15.39 8.44
CA GLY C 10 5.23 -14.06 7.91
C GLY C 10 6.51 -13.49 8.45
N ILE C 11 7.21 -12.73 7.64
CA ILE C 11 8.56 -12.30 7.99
C ILE C 11 8.96 -10.96 7.36
N VAL C 12 9.63 -10.14 8.16
CA VAL C 12 10.31 -8.93 7.70
C VAL C 12 11.71 -8.97 8.29
N SER C 13 12.71 -9.19 7.44
CA SER C 13 14.08 -9.34 7.90
C SER C 13 15.11 -8.66 6.99
N SER C 14 16.38 -8.76 7.39
CA SER C 14 17.50 -8.19 6.66
C SER C 14 17.72 -8.82 5.29
N ILE C 15 17.21 -10.05 5.12
CA ILE C 15 17.39 -10.79 3.87
C ILE C 15 16.09 -10.96 3.08
N GLY C 16 15.05 -10.24 3.47
CA GLY C 16 13.77 -10.30 2.76
C GLY C 16 12.57 -9.78 3.51
N ASN C 17 11.62 -9.22 2.74
CA ASN C 17 10.42 -8.58 3.28
C ASN C 17 9.19 -9.47 3.26
N ASN C 18 9.40 -10.68 2.73
CA ASN C 18 8.39 -11.73 2.69
C ASN C 18 9.10 -13.08 2.59
N GLN C 19 8.34 -14.17 2.56
CA GLN C 19 8.97 -15.48 2.56
C GLN C 19 9.66 -15.81 1.24
N GLN C 20 9.15 -15.23 0.15
CA GLN C 20 9.71 -15.43 -1.18
C GLN C 20 11.11 -14.81 -1.31
N GLU C 21 11.27 -13.59 -0.77
CA GLU C 21 12.57 -12.93 -0.78
C GLU C 21 13.55 -13.62 0.16
N VAL C 22 13.03 -14.13 1.28
CA VAL C 22 13.85 -14.87 2.25
C VAL C 22 14.30 -16.21 1.65
N LEU C 23 13.38 -16.89 0.97
CA LEU C 23 13.70 -18.16 0.28
C LEU C 23 14.88 -17.95 -0.66
N ALA C 24 14.76 -16.98 -1.55
CA ALA C 24 15.80 -16.62 -2.53
C ALA C 24 17.13 -16.28 -1.87
N SER C 25 17.09 -15.48 -0.80
CA SER C 25 18.30 -15.09 -0.07
C SER C 25 19.02 -16.29 0.54
N LEU C 26 18.26 -17.16 1.21
CA LEU C 26 18.80 -18.39 1.80
C LEU C 26 19.48 -19.27 0.76
N ARG C 27 18.79 -19.54 -0.36
CA ARG C 27 19.35 -20.37 -1.45
C ARG C 27 20.61 -19.77 -2.08
N GLU C 28 20.69 -18.44 -2.15
CA GLU C 28 21.81 -17.75 -2.79
C GLU C 28 22.95 -17.47 -1.82
N GLY C 29 22.70 -17.66 -0.53
CA GLY C 29 23.67 -17.33 0.51
C GLY C 29 23.90 -15.84 0.62
N ARG C 30 22.84 -15.08 0.36
CA ARG C 30 22.93 -13.62 0.28
C ARG C 30 22.89 -12.94 1.65
N SER C 31 23.91 -12.11 1.88
CA SER C 31 24.04 -11.26 3.07
C SER C 31 23.02 -10.12 3.10
N GLY C 32 22.50 -9.82 4.28
CA GLY C 32 21.63 -8.67 4.49
C GLY C 32 22.31 -7.56 5.27
N ILE C 33 23.64 -7.64 5.37
CA ILE C 33 24.39 -6.71 6.21
C ILE C 33 24.95 -5.56 5.39
N THR C 34 24.62 -4.35 5.84
CA THR C 34 25.03 -3.12 5.18
C THR C 34 25.80 -2.25 6.17
N PHE C 35 26.50 -1.25 5.65
CA PHE C 35 27.16 -0.24 6.47
C PHE C 35 26.10 0.68 7.08
N SER C 36 26.33 1.11 8.33
CA SER C 36 25.41 2.04 8.97
C SER C 36 26.07 3.35 9.35
N GLN C 37 25.64 4.44 8.70
CA GLN C 37 26.09 5.79 9.08
C GLN C 37 25.54 6.19 10.44
N GLU C 38 24.30 5.79 10.74
CA GLU C 38 23.70 6.02 12.06
C GLU C 38 24.59 5.48 13.18
N LEU C 39 25.03 4.23 13.06
CA LEU C 39 25.88 3.60 14.08
C LEU C 39 27.23 4.31 14.19
N LYS C 40 27.80 4.69 13.04
CA LYS C 40 29.03 5.47 13.01
C LYS C 40 28.86 6.86 13.63
N ASP C 41 27.79 7.57 13.24
CA ASP C 41 27.49 8.91 13.77
C ASP C 41 27.35 8.93 15.29
N SER C 42 26.74 7.87 15.83
CA SER C 42 26.51 7.76 17.28
C SER C 42 27.78 7.56 18.09
N GLY C 43 28.90 7.25 17.42
CA GLY C 43 30.20 7.11 18.09
C GLY C 43 30.60 5.68 18.40
N MET C 44 29.87 4.74 17.81
CA MET C 44 30.13 3.32 18.03
C MET C 44 31.37 2.86 17.25
N ARG C 45 31.95 1.73 17.69
CA ARG C 45 33.07 1.11 16.97
C ARG C 45 32.56 0.16 15.89
N SER C 46 31.33 -0.32 16.10
CA SER C 46 30.65 -1.21 15.17
C SER C 46 29.72 -0.40 14.27
N HIS C 47 29.96 -0.44 12.96
CA HIS C 47 29.18 0.36 12.00
C HIS C 47 28.45 -0.52 10.98
N VAL C 48 28.18 -1.76 11.36
CA VAL C 48 27.46 -2.68 10.49
C VAL C 48 26.17 -3.17 11.14
N TRP C 49 25.15 -3.39 10.32
CA TRP C 49 23.89 -3.86 10.84
C TRP C 49 23.05 -4.60 9.81
N GLY C 50 22.12 -5.42 10.31
CA GLY C 50 21.17 -6.13 9.47
C GLY C 50 19.87 -5.34 9.43
N ASN C 51 19.82 -4.38 8.51
CA ASN C 51 18.68 -3.46 8.43
C ASN C 51 17.50 -4.03 7.66
N VAL C 52 16.30 -3.59 8.04
CA VAL C 52 15.10 -3.86 7.26
C VAL C 52 15.10 -2.87 6.10
N LYS C 53 15.11 -3.40 4.88
CA LYS C 53 15.15 -2.59 3.66
C LYS C 53 13.74 -2.45 3.09
N LEU C 54 12.88 -1.76 3.84
CA LEU C 54 11.49 -1.56 3.46
C LEU C 54 11.01 -0.18 3.90
N ASP C 55 10.30 0.50 3.01
CA ASP C 55 9.61 1.72 3.38
C ASP C 55 8.24 1.34 3.94
N THR C 56 8.05 1.61 5.23
CA THR C 56 6.83 1.21 5.94
C THR C 56 5.77 2.32 5.99
N THR C 57 6.07 3.48 5.39
CA THR C 57 5.12 4.60 5.33
C THR C 57 3.78 4.15 4.75
N GLY C 58 2.71 4.39 5.51
CA GLY C 58 1.34 4.09 5.06
C GLY C 58 1.00 2.62 4.89
N LEU C 59 1.85 1.73 5.42
CA LEU C 59 1.56 0.30 5.40
C LEU C 59 0.56 -0.09 6.50
N ILE C 60 0.49 0.72 7.55
CA ILE C 60 -0.40 0.50 8.68
C ILE C 60 -1.27 1.76 8.89
N ASP C 61 -2.56 1.55 9.15
CA ASP C 61 -3.50 2.65 9.41
C ASP C 61 -2.98 3.60 10.49
N ARG C 62 -3.11 4.91 10.22
CA ARG C 62 -2.66 5.98 11.12
C ARG C 62 -3.05 5.76 12.58
N LYS C 63 -4.30 5.37 12.83
CA LYS C 63 -4.83 5.19 14.18
C LYS C 63 -4.32 3.92 14.88
N VAL C 64 -3.70 3.03 14.12
CA VAL C 64 -3.10 1.82 14.67
C VAL C 64 -1.59 2.02 14.88
N VAL C 65 -0.89 2.51 13.85
CA VAL C 65 0.56 2.72 13.91
C VAL C 65 1.00 3.82 14.89
N ARG C 66 0.07 4.68 15.32
CA ARG C 66 0.39 5.76 16.26
C ARG C 66 0.85 5.22 17.62
N PHE C 67 0.46 3.99 17.93
CA PHE C 67 0.80 3.36 19.20
C PHE C 67 2.10 2.55 19.15
N MET C 68 2.66 2.40 17.94
CA MET C 68 3.72 1.42 17.70
C MET C 68 5.13 1.99 17.60
N SER C 69 6.07 1.22 18.16
CA SER C 69 7.49 1.33 17.84
C SER C 69 7.80 0.40 16.66
N ASP C 70 9.04 0.43 16.16
CA ASP C 70 9.46 -0.38 15.01
C ASP C 70 9.33 -1.89 15.22
N ALA C 71 9.55 -2.36 16.46
CA ALA C 71 9.37 -3.78 16.79
C ALA C 71 7.95 -4.25 16.51
N SER C 72 6.96 -3.46 16.94
CA SER C 72 5.55 -3.78 16.72
C SER C 72 5.15 -3.68 15.25
N ILE C 73 5.69 -2.68 14.56
CA ILE C 73 5.48 -2.47 13.13
C ILE C 73 5.88 -3.74 12.34
N TYR C 74 7.11 -4.18 12.55
CA TYR C 74 7.65 -5.38 11.89
C TYR C 74 6.85 -6.64 12.25
N ALA C 75 6.44 -6.76 13.51
CA ALA C 75 5.65 -7.92 13.95
C ALA C 75 4.25 -7.91 13.33
N PHE C 76 3.69 -6.70 13.21
CA PHE C 76 2.37 -6.48 12.59
C PHE C 76 2.36 -6.91 11.13
N LEU C 77 3.34 -6.44 10.37
CA LEU C 77 3.46 -6.76 8.95
C LEU C 77 3.68 -8.26 8.75
N SER C 78 4.49 -8.86 9.62
CA SER C 78 4.68 -10.31 9.67
C SER C 78 3.39 -11.05 9.97
N MET C 79 2.61 -10.53 10.93
CA MET C 79 1.33 -11.15 11.27
C MET C 79 0.33 -11.09 10.12
N GLU C 80 0.33 -9.96 9.38
CA GLU C 80 -0.50 -9.82 8.17
C GLU C 80 -0.16 -10.89 7.14
N GLN C 81 1.13 -11.07 6.86
CA GLN C 81 1.61 -12.10 5.95
C GLN C 81 1.20 -13.49 6.44
N ALA C 82 1.38 -13.72 7.74
CA ALA C 82 1.05 -15.01 8.36
C ALA C 82 -0.43 -15.35 8.28
N ILE C 83 -1.29 -14.34 8.46
CA ILE C 83 -2.74 -14.51 8.33
C ILE C 83 -3.15 -14.88 6.90
N ALA C 84 -2.62 -14.15 5.92
CA ALA C 84 -2.90 -14.42 4.50
C ALA C 84 -2.41 -15.81 4.11
N ASP C 85 -1.19 -16.14 4.54
CA ASP C 85 -0.58 -17.44 4.29
C ASP C 85 -1.41 -18.60 4.86
N ALA C 86 -2.02 -18.37 6.03
CA ALA C 86 -2.84 -19.38 6.69
C ALA C 86 -4.25 -19.52 6.11
N GLY C 87 -4.62 -18.58 5.22
CA GLY C 87 -5.97 -18.55 4.64
C GLY C 87 -7.03 -18.30 5.70
N LEU C 88 -6.70 -17.42 6.64
CA LEU C 88 -7.59 -17.06 7.74
C LEU C 88 -8.34 -15.78 7.40
N SER C 89 -9.65 -15.88 7.22
CA SER C 89 -10.49 -14.70 7.05
C SER C 89 -10.63 -14.02 8.41
N PRO C 90 -10.98 -12.71 8.42
CA PRO C 90 -11.33 -12.03 9.68
C PRO C 90 -12.29 -12.85 10.55
N GLU C 91 -13.29 -13.47 9.93
CA GLU C 91 -14.31 -14.24 10.62
C GLU C 91 -13.70 -15.41 11.41
N ALA C 92 -12.58 -15.92 10.91
CA ALA C 92 -11.98 -17.13 11.46
C ALA C 92 -11.17 -16.89 12.73
N TYR C 93 -10.47 -15.75 12.82
CA TYR C 93 -9.53 -15.51 13.92
C TYR C 93 -9.91 -14.35 14.85
N GLN C 94 -10.72 -13.42 14.35
CA GLN C 94 -11.11 -12.24 15.11
C GLN C 94 -12.26 -12.52 16.08
N ASN C 95 -12.30 -11.75 17.18
CA ASN C 95 -13.34 -11.85 18.21
C ASN C 95 -13.62 -13.29 18.66
N ASN C 96 -12.54 -14.04 18.87
CA ASN C 96 -12.61 -15.47 19.10
C ASN C 96 -11.76 -15.86 20.32
N PRO C 97 -12.42 -16.23 21.45
CA PRO C 97 -11.73 -16.61 22.70
C PRO C 97 -10.71 -17.75 22.55
N ARG C 98 -10.82 -18.52 21.46
CA ARG C 98 -9.94 -19.64 21.20
C ARG C 98 -8.73 -19.24 20.36
N VAL C 99 -8.63 -17.95 20.04
CA VAL C 99 -7.52 -17.43 19.22
C VAL C 99 -6.71 -16.39 20.00
N GLY C 100 -5.40 -16.63 20.10
CA GLY C 100 -4.52 -15.81 20.93
C GLY C 100 -3.26 -15.29 20.26
N LEU C 101 -2.48 -14.55 21.03
CA LEU C 101 -1.25 -13.92 20.55
C LEU C 101 -0.20 -13.94 21.66
N ILE C 102 0.97 -14.49 21.32
CA ILE C 102 2.13 -14.46 22.22
C ILE C 102 3.35 -14.04 21.42
N ALA C 103 3.77 -12.78 21.63
CA ALA C 103 4.84 -12.19 20.85
C ALA C 103 5.54 -11.09 21.65
N GLY C 104 6.87 -11.08 21.62
CA GLY C 104 7.63 -10.09 22.36
C GLY C 104 8.83 -9.54 21.63
N SER C 105 9.66 -8.80 22.37
CA SER C 105 10.96 -8.35 21.89
C SER C 105 12.01 -8.48 22.99
N GLY C 106 13.28 -8.43 22.59
CA GLY C 106 14.39 -8.40 23.54
C GLY C 106 14.55 -7.09 24.28
N GLY C 107 14.31 -5.96 23.61
CA GLY C 107 14.58 -4.65 24.20
C GLY C 107 13.40 -3.73 24.45
N GLY C 108 12.22 -4.10 23.95
CA GLY C 108 11.08 -3.18 23.96
C GLY C 108 11.30 -2.12 22.90
N SER C 109 11.33 -0.86 23.34
CA SER C 109 11.78 0.25 22.50
C SER C 109 12.72 1.19 23.26
N PRO C 110 14.02 0.85 23.28
CA PRO C 110 15.05 1.79 23.73
C PRO C 110 14.89 3.18 23.10
N ARG C 111 14.61 3.24 21.79
CA ARG C 111 14.43 4.52 21.09
C ARG C 111 13.41 5.42 21.78
N PHE C 112 12.24 4.87 22.07
CA PHE C 112 11.15 5.63 22.66
C PHE C 112 11.22 5.81 24.18
N GLN C 113 11.90 4.91 24.87
CA GLN C 113 12.24 5.15 26.28
C GLN C 113 13.07 6.43 26.36
N VAL C 114 14.08 6.50 25.50
CA VAL C 114 14.98 7.65 25.39
C VAL C 114 14.28 8.90 24.86
N PHE C 115 13.41 8.74 23.86
CA PHE C 115 12.63 9.86 23.35
C PHE C 115 11.82 10.53 24.47
N GLY C 116 11.07 9.71 25.20
CA GLY C 116 10.26 10.20 26.32
C GLY C 116 11.06 11.04 27.29
N ALA C 117 12.26 10.57 27.62
CA ALA C 117 13.18 11.27 28.52
C ALA C 117 13.68 12.59 27.94
N ASP C 118 14.15 12.57 26.70
CA ASP C 118 14.60 13.78 25.99
C ASP C 118 13.48 14.82 25.89
N ALA C 119 12.30 14.37 25.48
CA ALA C 119 11.12 15.24 25.32
C ALA C 119 10.72 15.90 26.63
N MET C 120 10.77 15.14 27.73
CA MET C 120 10.45 15.67 29.06
C MET C 120 11.44 16.74 29.53
N ARG C 121 12.72 16.61 29.15
CA ARG C 121 13.75 17.58 29.55
C ARG C 121 13.76 18.85 28.69
N GLY C 122 12.91 18.88 27.66
CA GLY C 122 12.84 20.01 26.74
C GLY C 122 11.76 21.03 27.10
N PRO C 123 11.59 22.06 26.25
CA PRO C 123 10.71 23.20 26.51
C PRO C 123 9.21 22.88 26.52
N ARG C 124 8.84 21.74 25.95
CA ARG C 124 7.43 21.35 25.87
C ARG C 124 7.03 20.29 26.90
N GLY C 125 8.02 19.71 27.60
CA GLY C 125 7.77 18.70 28.62
C GLY C 125 6.78 17.63 28.22
N LEU C 126 5.68 17.54 28.95
CA LEU C 126 4.64 16.53 28.73
C LEU C 126 4.04 16.53 27.32
N LYS C 127 3.86 17.71 26.73
CA LYS C 127 3.25 17.83 25.41
C LYS C 127 4.13 17.29 24.28
N ALA C 128 5.45 17.37 24.47
CA ALA C 128 6.39 16.76 23.52
C ALA C 128 6.44 15.23 23.68
N VAL C 129 6.25 14.76 24.92
CA VAL C 129 6.23 13.32 25.18
C VAL C 129 5.06 12.70 24.43
N GLY C 130 3.90 13.35 24.50
CA GLY C 130 2.68 12.83 23.87
C GLY C 130 2.14 11.62 24.61
N PRO C 131 0.93 11.17 24.22
CA PRO C 131 0.25 10.06 24.88
C PRO C 131 0.56 8.66 24.32
N TYR C 132 1.60 8.53 23.49
CA TYR C 132 1.87 7.26 22.81
C TYR C 132 3.15 6.53 23.24
N VAL C 133 3.89 7.09 24.19
CA VAL C 133 5.19 6.53 24.55
C VAL C 133 5.10 5.21 25.33
N VAL C 134 4.10 5.08 26.22
CA VAL C 134 3.96 3.85 27.01
C VAL C 134 3.75 2.62 26.11
N THR C 135 2.81 2.72 25.17
CA THR C 135 2.54 1.60 24.26
C THR C 135 3.74 1.28 23.36
N LYS C 136 4.56 2.28 23.09
CA LYS C 136 5.77 2.10 22.29
C LYS C 136 6.91 1.50 23.11
N ALA C 137 7.08 1.97 24.34
CA ALA C 137 8.26 1.65 25.15
C ALA C 137 8.09 0.46 26.13
N MET C 138 6.87 0.18 26.56
CA MET C 138 6.62 -0.91 27.51
C MET C 138 7.06 -2.25 26.92
N ALA C 139 7.52 -3.15 27.79
CA ALA C 139 8.10 -4.42 27.36
C ALA C 139 7.14 -5.26 26.52
N SER C 140 5.85 -5.12 26.80
CA SER C 140 4.80 -5.88 26.13
C SER C 140 4.23 -5.15 24.91
N GLY C 141 4.96 -4.14 24.43
CA GLY C 141 4.55 -3.37 23.24
C GLY C 141 4.12 -4.21 22.05
N VAL C 142 4.93 -5.21 21.70
CA VAL C 142 4.65 -6.06 20.54
C VAL C 142 3.31 -6.79 20.64
N SER C 143 3.00 -7.37 21.80
CA SER C 143 1.74 -8.09 21.94
C SER C 143 0.56 -7.13 22.00
N ALA C 144 0.70 -6.05 22.76
CA ALA C 144 -0.40 -5.10 22.96
C ALA C 144 -0.79 -4.41 21.65
N CYS C 145 0.20 -4.10 20.82
CA CYS C 145 -0.04 -3.38 19.57
C CYS C 145 -0.61 -4.23 18.44
N LEU C 146 -0.55 -5.56 18.59
CA LEU C 146 -1.10 -6.46 17.58
C LEU C 146 -2.44 -7.07 18.02
N ALA C 147 -2.51 -7.46 19.29
CA ALA C 147 -3.71 -8.08 19.84
C ALA C 147 -4.96 -7.19 19.72
N THR C 148 -4.77 -5.89 19.88
CA THR C 148 -5.87 -4.91 19.78
C THR C 148 -6.44 -4.75 18.35
N PRO C 149 -5.61 -4.34 17.36
CA PRO C 149 -6.13 -4.20 15.99
C PRO C 149 -6.60 -5.52 15.34
N PHE C 150 -5.90 -6.62 15.62
CA PHE C 150 -6.28 -7.93 15.08
C PHE C 150 -7.45 -8.58 15.83
N LYS C 151 -8.00 -7.85 16.81
CA LYS C 151 -9.22 -8.23 17.54
C LYS C 151 -9.06 -9.59 18.22
N ILE C 152 -7.94 -9.78 18.90
CA ILE C 152 -7.63 -11.05 19.55
C ILE C 152 -8.36 -11.15 20.89
N HIS C 153 -9.06 -12.25 21.10
CA HIS C 153 -9.83 -12.45 22.34
C HIS C 153 -9.23 -13.48 23.31
N GLY C 154 -8.27 -14.26 22.83
CA GLY C 154 -7.61 -15.30 23.65
C GLY C 154 -6.45 -14.75 24.46
N VAL C 155 -5.38 -15.53 24.56
CA VAL C 155 -4.21 -15.09 25.32
C VAL C 155 -3.56 -13.88 24.65
N ASN C 156 -3.04 -12.99 25.47
CA ASN C 156 -2.41 -11.77 24.99
C ASN C 156 -1.35 -11.38 26.00
N TYR C 157 -0.09 -11.62 25.64
CA TYR C 157 1.07 -11.18 26.41
C TYR C 157 2.37 -11.43 25.65
N SER C 158 3.47 -10.89 26.19
CA SER C 158 4.79 -11.03 25.59
C SER C 158 5.68 -11.88 26.48
N ILE C 159 6.48 -12.75 25.85
CA ILE C 159 7.59 -13.37 26.56
C ILE C 159 8.82 -12.58 26.16
N SER C 160 9.72 -12.35 27.12
CA SER C 160 11.02 -11.77 26.85
C SER C 160 12.11 -12.65 27.46
N SER C 161 13.11 -13.00 26.65
CA SER C 161 14.29 -13.74 27.11
C SER C 161 15.47 -13.51 26.16
N ALA C 162 15.73 -12.24 25.88
CA ALA C 162 16.81 -11.84 24.97
C ALA C 162 16.80 -12.64 23.66
N CYS C 163 17.90 -13.31 23.33
CA CYS C 163 18.06 -14.03 22.06
C CYS C 163 17.07 -15.18 21.85
N ALA C 164 16.41 -15.59 22.94
CA ALA C 164 15.48 -16.74 22.90
C ALA C 164 14.01 -16.30 22.92
N THR C 165 13.79 -14.99 23.01
CA THR C 165 12.46 -14.39 23.18
C THR C 165 11.33 -15.02 22.35
N SER C 166 11.44 -14.96 21.03
CA SER C 166 10.35 -15.40 20.15
C SER C 166 10.28 -16.91 19.98
N ALA C 167 11.35 -17.61 20.38
CA ALA C 167 11.35 -19.06 20.40
C ALA C 167 10.56 -19.59 21.59
N HIS C 168 10.74 -18.95 22.74
CA HIS C 168 9.87 -19.19 23.91
C HIS C 168 8.42 -18.79 23.62
N CYS C 169 8.23 -17.73 22.81
CA CYS C 169 6.88 -17.33 22.41
C CYS C 169 6.17 -18.47 21.65
N ILE C 170 6.88 -19.08 20.68
CA ILE C 170 6.33 -20.20 19.91
C ILE C 170 6.09 -21.44 20.79
N GLY C 171 7.04 -21.75 21.66
CA GLY C 171 6.92 -22.87 22.57
C GLY C 171 5.76 -22.74 23.53
N ASN C 172 5.58 -21.54 24.08
CA ASN C 172 4.43 -21.20 24.93
C ASN C 172 3.10 -21.28 24.18
N ALA C 173 3.15 -20.93 22.89
CA ALA C 173 2.00 -21.06 22.00
C ALA C 173 1.60 -22.53 21.88
N VAL C 174 2.61 -23.40 21.70
CA VAL C 174 2.43 -24.85 21.64
C VAL C 174 1.78 -25.39 22.91
N GLU C 175 2.25 -24.91 24.07
CA GLU C 175 1.70 -25.29 25.38
C GLU C 175 0.22 -24.95 25.54
N GLN C 176 -0.19 -23.78 25.03
CA GLN C 176 -1.61 -23.38 25.05
C GLN C 176 -2.46 -24.35 24.25
N ILE C 177 -1.94 -24.81 23.11
CA ILE C 177 -2.60 -25.83 22.30
C ILE C 177 -2.69 -27.15 23.08
N GLN C 178 -1.56 -27.59 23.65
CA GLN C 178 -1.50 -28.84 24.43
C GLN C 178 -2.45 -28.86 25.62
N LEU C 179 -2.58 -27.72 26.29
CA LEU C 179 -3.49 -27.57 27.42
C LEU C 179 -4.95 -27.51 27.01
N GLY C 180 -5.19 -27.44 25.69
CA GLY C 180 -6.54 -27.36 25.13
C GLY C 180 -7.21 -26.01 25.29
N LYS C 181 -6.42 -25.00 25.62
CA LYS C 181 -6.92 -23.66 25.96
C LYS C 181 -7.15 -22.79 24.73
N GLN C 182 -6.35 -23.01 23.69
CA GLN C 182 -6.43 -22.25 22.45
C GLN C 182 -6.40 -23.21 21.25
N ASP C 183 -7.02 -22.78 20.15
CA ASP C 183 -7.02 -23.54 18.90
C ASP C 183 -5.95 -22.98 17.99
N ILE C 184 -5.82 -21.66 18.01
CA ILE C 184 -4.81 -20.93 17.25
C ILE C 184 -4.11 -19.94 18.17
N VAL C 185 -2.79 -19.90 18.09
CA VAL C 185 -2.01 -18.83 18.71
C VAL C 185 -1.01 -18.29 17.69
N PHE C 186 -1.10 -16.98 17.46
CA PHE C 186 -0.09 -16.27 16.70
C PHE C 186 1.13 -16.07 17.60
N ALA C 187 2.29 -16.53 17.13
CA ALA C 187 3.50 -16.50 17.94
C ALA C 187 4.70 -15.96 17.17
N GLY C 188 5.45 -15.06 17.79
CA GLY C 188 6.62 -14.49 17.15
C GLY C 188 7.21 -13.32 17.91
N GLY C 189 7.54 -12.27 17.18
CA GLY C 189 8.10 -11.07 17.79
C GLY C 189 8.74 -10.11 16.81
N GLY C 190 9.24 -9.01 17.34
CA GLY C 190 9.89 -7.99 16.53
C GLY C 190 10.99 -7.34 17.35
N GLU C 191 11.87 -6.61 16.65
CA GLU C 191 12.93 -5.86 17.31
C GLU C 191 13.29 -4.65 16.46
N GLU C 192 13.35 -3.48 17.09
CA GLU C 192 13.82 -2.28 16.41
C GLU C 192 15.33 -2.31 16.27
N LEU C 193 15.82 -1.52 15.32
CA LEU C 193 17.25 -1.41 15.08
C LEU C 193 17.64 0.05 15.25
N CYS C 194 18.52 0.33 16.21
CA CYS C 194 18.82 1.69 16.61
C CYS C 194 20.13 1.76 17.39
N TRP C 195 20.78 2.91 17.29
CA TRP C 195 22.02 3.14 18.04
C TRP C 195 21.80 3.09 19.55
N GLU C 196 20.60 3.52 20.00
CA GLU C 196 20.27 3.59 21.43
C GLU C 196 20.46 2.26 22.14
N MET C 197 20.04 1.18 21.50
CA MET C 197 20.21 -0.17 22.00
C MET C 197 21.55 -0.77 21.55
N ALA C 198 21.91 -0.53 20.29
CA ALA C 198 23.14 -1.09 19.70
C ALA C 198 24.41 -0.70 20.45
N CYS C 199 24.51 0.56 20.86
CA CYS C 199 25.69 1.08 21.57
C CYS C 199 25.94 0.38 22.91
N GLU C 200 24.88 -0.14 23.53
CA GLU C 200 24.99 -0.87 24.80
C GLU C 200 25.67 -2.23 24.61
N PHE C 201 25.43 -2.87 23.47
CA PHE C 201 26.08 -4.13 23.13
C PHE C 201 27.53 -3.90 22.73
N ASP C 202 27.78 -2.78 22.04
CA ASP C 202 29.13 -2.38 21.63
C ASP C 202 29.95 -2.03 22.87
N ALA C 203 29.28 -1.41 23.85
CA ALA C 203 29.92 -1.02 25.10
C ALA C 203 30.43 -2.20 25.93
N MET C 204 29.82 -3.36 25.76
CA MET C 204 30.30 -4.58 26.42
C MET C 204 31.18 -5.46 25.53
N GLY C 205 31.46 -4.98 24.31
CA GLY C 205 32.35 -5.67 23.38
C GLY C 205 31.73 -6.83 22.61
N ALA C 206 30.40 -6.86 22.55
CA ALA C 206 29.67 -7.99 21.96
C ALA C 206 29.55 -7.93 20.43
N LEU C 207 29.75 -6.73 19.87
CA LEU C 207 29.54 -6.47 18.45
C LEU C 207 30.81 -6.51 17.61
N SER C 208 30.66 -6.91 16.36
CA SER C 208 31.74 -6.98 15.38
C SER C 208 32.23 -5.58 15.00
N THR C 209 33.54 -5.34 15.19
CA THR C 209 34.12 -4.01 14.92
C THR C 209 35.23 -3.98 13.87
N LYS C 210 35.79 -5.14 13.52
CA LYS C 210 36.95 -5.21 12.61
C LYS C 210 36.63 -5.13 11.11
N TYR C 211 35.36 -5.30 10.74
CA TYR C 211 35.00 -5.49 9.33
C TYR C 211 34.07 -4.43 8.75
N ASN C 212 34.17 -3.20 9.28
CA ASN C 212 33.32 -2.11 8.81
C ASN C 212 33.45 -1.81 7.31
N ASP C 213 34.68 -1.91 6.80
CA ASP C 213 34.97 -1.67 5.38
C ASP C 213 34.34 -2.74 4.48
N THR C 214 34.13 -3.94 5.04
CA THR C 214 33.51 -5.04 4.31
C THR C 214 32.33 -5.62 5.13
N PRO C 215 31.18 -4.91 5.13
CA PRO C 215 30.03 -5.27 5.96
C PRO C 215 29.48 -6.69 5.77
N GLU C 216 29.53 -7.19 4.54
CA GLU C 216 28.98 -8.51 4.22
C GLU C 216 29.84 -9.68 4.73
N LYS C 217 31.04 -9.37 5.19
CA LYS C 217 31.97 -10.36 5.71
C LYS C 217 32.09 -10.28 7.23
N ALA C 218 31.34 -9.37 7.84
CA ALA C 218 31.41 -9.14 9.28
C ALA C 218 30.81 -10.29 10.12
N SER C 219 29.63 -10.74 9.73
CA SER C 219 28.98 -11.86 10.43
C SER C 219 29.50 -13.17 9.85
N ARG C 220 30.20 -13.93 10.69
CA ARG C 220 30.99 -15.08 10.21
C ARG C 220 31.08 -16.20 11.25
N THR C 221 29.92 -16.75 11.58
CA THR C 221 29.83 -17.79 12.60
C THR C 221 30.76 -18.96 12.28
N TYR C 222 31.52 -19.38 13.30
CA TYR C 222 32.45 -20.51 13.21
C TYR C 222 33.78 -20.19 12.52
N ASP C 223 33.88 -19.00 11.91
CA ASP C 223 35.16 -18.56 11.35
C ASP C 223 36.14 -18.16 12.45
N ALA C 224 37.41 -18.51 12.24
CA ALA C 224 38.47 -18.29 13.22
C ALA C 224 38.75 -16.82 13.52
N HIS C 225 38.28 -15.94 12.65
CA HIS C 225 38.54 -14.50 12.77
C HIS C 225 37.28 -13.67 13.08
N ARG C 226 36.25 -14.35 13.59
CA ARG C 226 35.02 -13.70 14.03
C ARG C 226 35.34 -12.78 15.21
N ASP C 227 34.64 -11.66 15.32
CA ASP C 227 34.92 -10.71 16.39
C ASP C 227 33.67 -10.08 17.04
N GLY C 228 32.57 -10.84 17.05
CA GLY C 228 31.31 -10.38 17.63
C GLY C 228 30.13 -10.46 16.68
N PHE C 229 28.92 -10.39 17.21
CA PHE C 229 27.73 -10.45 16.35
C PHE C 229 27.43 -9.15 15.63
N VAL C 230 26.65 -9.24 14.56
CA VAL C 230 26.18 -8.08 13.82
C VAL C 230 24.70 -7.86 14.18
N ILE C 231 24.40 -6.72 14.81
CA ILE C 231 23.05 -6.42 15.26
C ILE C 231 22.08 -6.25 14.08
N ALA C 232 20.86 -6.77 14.26
CA ALA C 232 19.83 -6.66 13.24
C ALA C 232 18.49 -6.31 13.84
N GLY C 233 17.54 -5.97 12.98
CA GLY C 233 16.16 -5.71 13.38
C GLY C 233 15.21 -6.41 12.44
N GLY C 234 13.94 -6.47 12.81
CA GLY C 234 12.93 -7.09 11.97
C GLY C 234 11.89 -7.77 12.82
N GLY C 235 11.05 -8.57 12.18
CA GLY C 235 10.03 -9.32 12.87
C GLY C 235 9.69 -10.65 12.21
N GLY C 236 8.91 -11.44 12.91
CA GLY C 236 8.41 -12.71 12.39
C GLY C 236 7.19 -13.13 13.17
N MET C 237 6.32 -13.90 12.52
CA MET C 237 5.14 -14.46 13.16
C MET C 237 4.83 -15.79 12.50
N VAL C 238 4.48 -16.79 13.29
CA VAL C 238 3.97 -18.05 12.75
C VAL C 238 2.59 -18.32 13.33
N VAL C 239 1.76 -19.04 12.58
CA VAL C 239 0.46 -19.45 13.08
C VAL C 239 0.60 -20.83 13.69
N VAL C 240 0.47 -20.89 15.01
CA VAL C 240 0.54 -22.15 15.73
C VAL C 240 -0.90 -22.61 15.93
N GLU C 241 -1.20 -23.82 15.47
CA GLU C 241 -2.57 -24.30 15.38
C GLU C 241 -2.67 -25.75 15.83
N GLU C 242 -3.75 -26.08 16.53
CA GLU C 242 -4.06 -27.46 16.93
C GLU C 242 -4.32 -28.31 15.68
N LEU C 243 -3.82 -29.55 15.69
CA LEU C 243 -3.83 -30.40 14.49
C LEU C 243 -5.21 -30.63 13.87
N GLU C 244 -6.15 -31.09 14.68
CA GLU C 244 -7.50 -31.42 14.18
C GLU C 244 -8.21 -30.20 13.63
N HIS C 245 -8.01 -29.05 14.29
CA HIS C 245 -8.56 -27.77 13.86
C HIS C 245 -7.98 -27.37 12.51
N ALA C 246 -6.69 -27.61 12.33
CA ALA C 246 -5.96 -27.22 11.11
C ALA C 246 -6.41 -28.06 9.91
N LEU C 247 -6.52 -29.37 10.13
CA LEU C 247 -6.98 -30.31 9.11
C LEU C 247 -8.44 -30.07 8.74
N ALA C 248 -9.28 -29.83 9.76
CA ALA C 248 -10.71 -29.63 9.55
C ALA C 248 -11.03 -28.49 8.58
N ARG C 249 -10.18 -27.47 8.57
CA ARG C 249 -10.40 -26.28 7.73
C ARG C 249 -9.60 -26.26 6.41
N GLY C 250 -8.92 -27.38 6.11
CA GLY C 250 -8.14 -27.50 4.87
C GLY C 250 -6.90 -26.62 4.83
N ALA C 251 -6.30 -26.39 6.00
CA ALA C 251 -5.09 -25.59 6.11
C ALA C 251 -3.87 -26.28 5.48
N HIS C 252 -2.98 -25.49 4.92
CA HIS C 252 -1.67 -25.97 4.50
C HIS C 252 -0.74 -26.02 5.72
N ILE C 253 -0.40 -27.24 6.13
CA ILE C 253 0.49 -27.46 7.27
C ILE C 253 1.96 -27.55 6.80
N TYR C 254 2.81 -26.69 7.35
CA TYR C 254 4.23 -26.71 7.07
C TYR C 254 4.91 -27.86 7.80
N ALA C 255 4.62 -27.97 9.10
CA ALA C 255 5.27 -28.94 9.98
C ALA C 255 4.54 -29.01 11.30
N GLU C 256 4.74 -30.11 12.03
CA GLU C 256 4.35 -30.22 13.43
C GLU C 256 5.51 -29.77 14.32
N ILE C 257 5.19 -29.10 15.44
CA ILE C 257 6.18 -28.86 16.49
C ILE C 257 6.20 -30.10 17.38
N VAL C 258 7.22 -30.93 17.21
CA VAL C 258 7.29 -32.20 17.92
C VAL C 258 8.20 -32.11 19.16
N GLY C 259 8.93 -31.01 19.28
CA GLY C 259 9.81 -30.79 20.44
C GLY C 259 9.99 -29.34 20.84
N TYR C 260 10.01 -29.10 22.14
CA TYR C 260 10.23 -27.77 22.68
C TYR C 260 11.03 -27.92 23.98
N GLY C 261 12.25 -27.39 23.96
CA GLY C 261 13.10 -27.40 25.13
C GLY C 261 13.23 -26.00 25.66
N ALA C 262 13.11 -25.86 26.97
CA ALA C 262 13.31 -24.58 27.65
C ALA C 262 14.07 -24.81 28.96
N THR C 263 15.31 -24.32 29.00
CA THR C 263 16.17 -24.53 30.17
C THR C 263 16.94 -23.25 30.57
N SER C 264 17.68 -23.39 31.67
CA SER C 264 18.43 -22.30 32.26
C SER C 264 19.84 -22.80 32.58
N ASP C 265 20.85 -21.97 32.35
CA ASP C 265 22.24 -22.28 32.71
C ASP C 265 22.45 -22.24 34.22
N GLY C 266 21.99 -21.15 34.84
CA GLY C 266 22.17 -20.93 36.27
C GLY C 266 23.63 -20.88 36.66
N ALA C 267 24.46 -20.29 35.79
CA ALA C 267 25.91 -20.27 35.95
C ALA C 267 26.48 -18.86 35.78
N ASP C 268 26.63 -18.41 34.53
CA ASP C 268 27.18 -17.08 34.22
C ASP C 268 26.25 -16.19 33.40
N MET C 269 26.39 -14.88 33.57
CA MET C 269 25.49 -13.89 32.95
C MET C 269 25.61 -13.76 31.44
N VAL C 270 26.82 -13.48 30.96
CA VAL C 270 27.02 -13.18 29.54
C VAL C 270 27.71 -14.30 28.78
N ALA C 271 28.22 -15.29 29.52
CA ALA C 271 28.84 -16.47 28.93
C ALA C 271 27.91 -17.69 29.04
N PRO C 272 27.60 -18.34 27.89
CA PRO C 272 26.83 -19.59 27.91
C PRO C 272 27.64 -20.75 28.53
N SER C 273 26.99 -21.54 29.38
CA SER C 273 27.66 -22.62 30.10
C SER C 273 28.00 -23.81 29.20
N GLY C 274 27.13 -24.07 28.22
CA GLY C 274 27.25 -25.24 27.35
C GLY C 274 26.36 -26.38 27.81
N GLU C 275 26.39 -26.67 29.12
CA GLU C 275 25.55 -27.71 29.71
C GLU C 275 24.05 -27.41 29.58
N GLY C 276 23.69 -26.14 29.76
CA GLY C 276 22.30 -25.70 29.64
C GLY C 276 21.76 -25.90 28.24
N ALA C 277 22.62 -25.69 27.25
CA ALA C 277 22.31 -25.91 25.84
C ALA C 277 22.10 -27.41 25.54
N VAL C 278 23.00 -28.23 26.08
CA VAL C 278 22.90 -29.70 26.02
C VAL C 278 21.55 -30.17 26.55
N ARG C 279 21.22 -29.77 27.78
CA ARG C 279 19.94 -30.12 28.40
C ARG C 279 18.74 -29.66 27.58
N CYS C 280 18.83 -28.46 27.02
CA CYS C 280 17.76 -27.87 26.21
C CYS C 280 17.50 -28.64 24.92
N MET C 281 18.57 -28.98 24.21
CA MET C 281 18.48 -29.79 22.99
C MET C 281 17.96 -31.21 23.27
N LYS C 282 18.45 -31.83 24.34
CA LYS C 282 17.98 -33.15 24.75
C LYS C 282 16.50 -33.14 25.12
N MET C 283 16.07 -32.08 25.81
CA MET C 283 14.66 -31.90 26.17
C MET C 283 13.76 -31.82 24.95
N ALA C 284 14.22 -31.08 23.93
CA ALA C 284 13.48 -30.93 22.68
C ALA C 284 13.42 -32.21 21.85
N MET C 285 14.45 -33.04 21.95
CA MET C 285 14.56 -34.29 21.17
C MET C 285 13.87 -35.48 21.82
N HIS C 286 13.59 -35.37 23.12
CA HIS C 286 12.97 -36.45 23.87
C HIS C 286 11.65 -36.93 23.26
N GLY C 287 11.59 -38.23 22.95
CA GLY C 287 10.39 -38.83 22.36
C GLY C 287 10.21 -38.60 20.86
N VAL C 288 11.15 -37.89 20.24
CA VAL C 288 11.16 -37.72 18.78
C VAL C 288 11.83 -38.94 18.13
N ASP C 289 11.05 -39.72 17.39
CA ASP C 289 11.51 -41.03 16.90
C ASP C 289 12.21 -41.01 15.53
N THR C 290 12.59 -39.82 15.08
CA THR C 290 13.34 -39.64 13.84
C THR C 290 14.62 -38.85 14.13
N PRO C 291 15.66 -39.02 13.30
CA PRO C 291 16.89 -38.25 13.52
C PRO C 291 16.74 -36.77 13.13
N ILE C 292 17.55 -35.90 13.73
CA ILE C 292 17.64 -34.50 13.33
C ILE C 292 18.44 -34.42 12.03
N ASP C 293 17.78 -33.98 10.96
CA ASP C 293 18.40 -33.89 9.63
C ASP C 293 19.18 -32.59 9.47
N TYR C 294 18.61 -31.51 9.98
CA TYR C 294 19.24 -30.19 9.91
C TYR C 294 19.06 -29.43 11.23
N LEU C 295 20.13 -28.74 11.63
CA LEU C 295 20.14 -27.91 12.82
C LEU C 295 20.45 -26.45 12.43
N ASN C 296 19.51 -25.56 12.69
CA ASN C 296 19.74 -24.12 12.57
C ASN C 296 20.32 -23.64 13.90
N SER C 297 21.60 -23.30 13.89
CA SER C 297 22.30 -23.00 15.14
C SER C 297 22.03 -21.59 15.64
N HIS C 298 22.15 -21.42 16.97
CA HIS C 298 22.10 -20.10 17.58
C HIS C 298 23.23 -19.20 17.03
N GLY C 299 24.45 -19.73 17.08
CA GLY C 299 25.62 -19.18 16.38
C GLY C 299 25.66 -17.71 15.95
N THR C 300 26.00 -16.83 16.88
CA THR C 300 25.95 -15.39 16.68
C THR C 300 27.23 -14.76 16.09
N SER C 301 28.30 -15.54 15.99
CA SER C 301 29.61 -15.08 15.47
C SER C 301 30.46 -14.40 16.56
N THR C 302 30.28 -14.86 17.79
CA THR C 302 31.12 -14.43 18.92
C THR C 302 32.22 -15.48 19.16
N PRO C 303 33.41 -15.03 19.59
CA PRO C 303 34.50 -15.97 19.88
C PRO C 303 34.10 -17.12 20.83
N VAL C 304 33.46 -16.79 21.95
CA VAL C 304 33.18 -17.77 23.00
C VAL C 304 31.85 -18.52 22.78
N GLY C 305 30.80 -17.78 22.44
CA GLY C 305 29.48 -18.37 22.22
C GLY C 305 29.45 -19.50 21.20
N ASP C 306 30.09 -19.28 20.05
CA ASP C 306 30.09 -20.23 18.93
C ASP C 306 30.61 -21.62 19.30
N VAL C 307 31.74 -21.66 20.01
CA VAL C 307 32.38 -22.92 20.33
C VAL C 307 31.72 -23.63 21.51
N LYS C 308 31.12 -22.84 22.41
CA LYS C 308 30.29 -23.38 23.47
C LYS C 308 29.07 -24.14 22.89
N GLU C 309 28.43 -23.58 21.87
CA GLU C 309 27.32 -24.27 21.21
C GLU C 309 27.80 -25.50 20.40
N LEU C 310 28.95 -25.38 19.75
CA LEU C 310 29.51 -26.49 19.00
C LEU C 310 29.85 -27.68 19.91
N ALA C 311 30.43 -27.38 21.08
CA ALA C 311 30.74 -28.40 22.06
C ALA C 311 29.47 -29.07 22.57
N ALA C 312 28.43 -28.27 22.82
CA ALA C 312 27.11 -28.78 23.17
C ALA C 312 26.49 -29.65 22.08
N ILE C 313 26.62 -29.24 20.82
CA ILE C 313 26.13 -30.02 19.67
C ILE C 313 26.82 -31.40 19.62
N ARG C 314 28.14 -31.42 19.74
CA ARG C 314 28.93 -32.67 19.75
C ARG C 314 28.57 -33.58 20.92
N GLU C 315 28.28 -32.99 22.08
CA GLU C 315 27.84 -33.74 23.26
C GLU C 315 26.49 -34.41 23.01
N VAL C 316 25.59 -33.68 22.36
CA VAL C 316 24.24 -34.18 22.10
C VAL C 316 24.24 -35.31 21.03
N PHE C 317 24.92 -35.06 19.92
CA PHE C 317 24.84 -35.94 18.75
C PHE C 317 26.02 -36.90 18.61
N GLY C 318 27.07 -36.67 19.37
CA GLY C 318 28.28 -37.48 19.28
C GLY C 318 28.84 -37.38 17.89
N ASP C 319 29.04 -38.54 17.26
CA ASP C 319 29.59 -38.62 15.91
C ASP C 319 28.53 -38.60 14.81
N LYS C 320 27.28 -38.36 15.21
CA LYS C 320 26.15 -38.34 14.29
C LYS C 320 25.57 -36.93 14.10
N SER C 321 26.44 -35.96 13.85
CA SER C 321 26.06 -34.57 13.60
C SER C 321 24.94 -34.46 12.56
N PRO C 322 23.96 -33.57 12.80
CA PRO C 322 23.08 -33.21 11.70
C PRO C 322 23.83 -32.28 10.76
N ALA C 323 23.24 -31.93 9.62
CA ALA C 323 23.75 -30.84 8.80
C ALA C 323 23.52 -29.56 9.60
N ILE C 324 24.52 -28.69 9.64
CA ILE C 324 24.47 -27.48 10.44
C ILE C 324 24.83 -26.26 9.61
N SER C 325 24.00 -25.23 9.70
CA SER C 325 24.39 -23.89 9.26
C SER C 325 23.86 -22.83 10.22
N ALA C 326 24.66 -21.79 10.39
CA ALA C 326 24.25 -20.61 11.14
C ALA C 326 23.81 -19.53 10.17
N THR C 327 22.51 -19.30 10.08
CA THR C 327 21.98 -18.30 9.15
C THR C 327 22.31 -16.85 9.57
N LYS C 328 22.77 -16.65 10.80
CA LYS C 328 23.17 -15.32 11.28
C LYS C 328 24.37 -14.75 10.51
N ALA C 329 25.15 -15.61 9.87
CA ALA C 329 26.26 -15.15 9.02
C ALA C 329 25.73 -14.39 7.82
N MET C 330 24.51 -14.73 7.41
CA MET C 330 23.77 -13.97 6.40
C MET C 330 23.00 -12.79 7.02
N THR C 331 22.20 -13.08 8.04
CA THR C 331 21.13 -12.19 8.50
C THR C 331 21.51 -11.22 9.62
N GLY C 332 22.61 -11.50 10.30
CA GLY C 332 22.93 -10.80 11.55
C GLY C 332 22.02 -11.29 12.66
N HIS C 333 22.13 -10.67 13.83
CA HIS C 333 21.41 -11.09 15.02
C HIS C 333 20.29 -10.10 15.40
N SER C 334 19.05 -10.51 15.13
CA SER C 334 17.87 -9.66 15.33
C SER C 334 17.27 -9.79 16.72
N LEU C 335 18.03 -10.43 17.62
CA LEU C 335 17.73 -10.52 19.05
C LEU C 335 16.36 -11.16 19.33
N GLY C 336 15.39 -10.35 19.72
CA GLY C 336 14.04 -10.85 20.03
C GLY C 336 13.29 -11.44 18.85
N ALA C 337 13.64 -11.03 17.63
CA ALA C 337 13.04 -11.58 16.42
C ALA C 337 13.77 -12.82 15.89
N ALA C 338 14.95 -13.10 16.44
CA ALA C 338 15.81 -14.19 15.96
C ALA C 338 15.14 -15.56 16.04
N GLY C 339 14.46 -15.83 17.15
CA GLY C 339 13.83 -17.12 17.41
C GLY C 339 12.80 -17.52 16.37
N VAL C 340 11.85 -16.63 16.11
CA VAL C 340 10.81 -16.86 15.10
C VAL C 340 11.34 -16.80 13.67
N GLN C 341 12.31 -15.92 13.41
CA GLN C 341 12.85 -15.75 12.07
C GLN C 341 13.63 -16.98 11.63
N GLU C 342 14.40 -17.54 12.57
CA GLU C 342 15.19 -18.75 12.33
C GLU C 342 14.32 -20.00 12.29
N ALA C 343 13.26 -20.02 13.08
CA ALA C 343 12.22 -21.03 12.95
C ALA C 343 11.67 -21.03 11.52
N ILE C 344 11.40 -19.83 10.98
CA ILE C 344 10.89 -19.66 9.62
C ILE C 344 11.91 -20.10 8.55
N TYR C 345 13.19 -19.77 8.73
CA TYR C 345 14.23 -20.25 7.81
C TYR C 345 14.29 -21.77 7.79
N SER C 346 14.22 -22.37 8.98
CA SER C 346 14.19 -23.83 9.14
C SER C 346 12.96 -24.45 8.46
N LEU C 347 11.80 -23.85 8.67
CA LEU C 347 10.55 -24.23 8.01
C LEU C 347 10.62 -24.19 6.48
N LEU C 348 11.25 -23.15 5.93
CA LEU C 348 11.39 -22.95 4.48
C LEU C 348 12.36 -23.97 3.87
N MET C 349 13.42 -24.32 4.62
CA MET C 349 14.33 -25.40 4.23
C MET C 349 13.64 -26.76 4.24
N LEU C 350 12.81 -26.98 5.26
CA LEU C 350 12.00 -28.19 5.36
C LEU C 350 10.99 -28.28 4.22
N GLU C 351 10.29 -27.17 3.96
CA GLU C 351 9.26 -27.10 2.92
C GLU C 351 9.83 -27.23 1.50
N HIS C 352 10.98 -26.59 1.26
CA HIS C 352 11.53 -26.52 -0.11
C HIS C 352 12.73 -27.45 -0.36
N GLY C 353 13.08 -28.25 0.64
CA GLY C 353 14.08 -29.31 0.49
C GLY C 353 15.49 -28.85 0.18
N PHE C 354 16.05 -28.02 1.06
CA PHE C 354 17.43 -27.56 0.89
C PHE C 354 18.06 -27.17 2.23
N ILE C 355 19.39 -27.09 2.24
CA ILE C 355 20.14 -26.60 3.38
C ILE C 355 20.78 -25.26 3.02
N ALA C 356 20.44 -24.22 3.78
CA ALA C 356 21.06 -22.89 3.63
C ALA C 356 22.53 -22.96 4.02
N PRO C 357 23.40 -22.23 3.29
CA PRO C 357 24.83 -22.31 3.56
C PRO C 357 25.25 -21.49 4.77
N SER C 358 26.24 -22.00 5.51
CA SER C 358 26.86 -21.23 6.57
C SER C 358 28.02 -20.43 5.96
N ILE C 359 27.79 -19.14 5.75
CA ILE C 359 28.71 -18.32 4.92
C ILE C 359 29.83 -17.64 5.71
N ASN C 360 30.81 -17.10 4.96
CA ASN C 360 31.94 -16.34 5.50
C ASN C 360 32.93 -17.15 6.34
N ILE C 361 32.91 -18.47 6.18
CA ILE C 361 33.90 -19.32 6.83
C ILE C 361 35.12 -19.50 5.91
N GLU C 362 36.08 -18.59 6.03
CA GLU C 362 37.34 -18.67 5.29
C GLU C 362 38.24 -19.72 5.94
N GLU C 363 38.22 -19.73 7.28
CA GLU C 363 39.01 -20.68 8.08
C GLU C 363 38.15 -21.19 9.24
N LEU C 364 37.80 -22.47 9.16
CA LEU C 364 36.88 -23.09 10.10
C LEU C 364 37.51 -23.33 11.47
N ASP C 365 36.79 -23.00 12.54
CA ASP C 365 37.30 -23.15 13.90
C ASP C 365 37.58 -24.61 14.24
N GLU C 366 38.64 -24.84 15.00
CA GLU C 366 39.06 -26.18 15.43
C GLU C 366 37.91 -27.02 15.98
N GLN C 367 37.09 -26.40 16.82
CA GLN C 367 36.09 -27.12 17.60
C GLN C 367 34.85 -27.49 16.79
N ALA C 368 34.90 -27.23 15.49
CA ALA C 368 33.85 -27.65 14.57
C ALA C 368 34.24 -28.95 13.84
N ALA C 369 35.45 -29.43 14.10
CA ALA C 369 35.91 -30.72 13.60
C ALA C 369 35.06 -31.84 14.15
N GLY C 370 34.63 -32.75 13.27
CA GLY C 370 33.78 -33.86 13.67
C GLY C 370 32.30 -33.60 13.43
N LEU C 371 31.98 -32.36 13.07
CA LEU C 371 30.59 -31.99 12.81
C LEU C 371 30.36 -31.75 11.32
N ASN C 372 29.09 -31.61 10.94
CA ASN C 372 28.72 -31.35 9.55
C ASN C 372 28.25 -29.90 9.33
N ILE C 373 29.21 -28.97 9.28
CA ILE C 373 28.95 -27.58 8.92
C ILE C 373 28.85 -27.45 7.40
N VAL C 374 27.65 -27.14 6.93
CA VAL C 374 27.39 -27.02 5.51
C VAL C 374 27.62 -25.57 5.06
N THR C 375 28.59 -25.38 4.15
CA THR C 375 28.98 -24.05 3.68
C THR C 375 28.50 -23.73 2.25
N GLU C 376 27.81 -24.67 1.61
CA GLU C 376 27.22 -24.44 0.29
C GLU C 376 25.78 -24.93 0.25
N THR C 377 24.93 -24.19 -0.48
CA THR C 377 23.51 -24.52 -0.62
C THR C 377 23.34 -25.93 -1.17
N THR C 378 22.56 -26.74 -0.47
CA THR C 378 22.44 -28.17 -0.78
C THR C 378 20.98 -28.61 -0.83
N ASP C 379 20.53 -29.09 -2.00
CA ASP C 379 19.21 -29.71 -2.12
C ASP C 379 19.22 -31.07 -1.40
N ARG C 380 18.19 -31.32 -0.59
CA ARG C 380 18.04 -32.56 0.16
C ARG C 380 16.64 -32.65 0.77
N GLU C 381 16.02 -33.82 0.67
CA GLU C 381 14.77 -34.11 1.39
C GLU C 381 15.02 -34.15 2.89
N LEU C 382 14.51 -33.14 3.57
CA LEU C 382 14.57 -33.05 5.02
C LEU C 382 13.22 -33.48 5.58
N THR C 383 13.25 -34.07 6.78
CA THR C 383 12.04 -34.54 7.44
C THR C 383 11.90 -33.89 8.83
N THR C 384 13.01 -33.83 9.58
CA THR C 384 13.04 -33.26 10.94
C THR C 384 14.12 -32.17 11.06
N VAL C 385 13.71 -30.97 11.50
CA VAL C 385 14.66 -29.85 11.70
C VAL C 385 14.67 -29.30 13.14
N MET C 386 15.80 -28.74 13.54
CA MET C 386 15.97 -28.19 14.89
C MET C 386 16.52 -26.76 14.84
N SER C 387 16.07 -25.91 15.75
CA SER C 387 16.55 -24.55 15.83
C SER C 387 16.86 -24.16 17.28
N ASN C 388 18.08 -23.69 17.52
CA ASN C 388 18.56 -23.30 18.86
C ASN C 388 18.56 -21.79 19.09
N SER C 389 18.15 -21.39 20.28
CA SER C 389 18.19 -19.99 20.69
C SER C 389 18.69 -19.93 22.13
N PHE C 390 19.91 -19.42 22.31
CA PHE C 390 20.53 -19.36 23.64
C PHE C 390 20.80 -17.91 24.01
N GLY C 391 19.99 -17.37 24.91
CA GLY C 391 20.04 -15.94 25.23
C GLY C 391 20.86 -15.52 26.44
N PHE C 392 21.31 -14.26 26.41
CA PHE C 392 21.92 -13.58 27.57
C PHE C 392 21.11 -13.84 28.84
N GLY C 393 21.81 -14.13 29.93
CA GLY C 393 21.16 -14.50 31.19
C GLY C 393 20.95 -16.00 31.31
N GLY C 394 21.62 -16.76 30.44
CA GLY C 394 21.57 -18.23 30.49
C GLY C 394 20.20 -18.81 30.22
N THR C 395 19.48 -18.22 29.27
CA THR C 395 18.14 -18.69 28.93
C THR C 395 18.11 -19.37 27.56
N ASN C 396 17.68 -20.63 27.56
CA ASN C 396 17.79 -21.49 26.39
C ASN C 396 16.43 -21.98 25.88
N ALA C 397 16.27 -21.93 24.55
CA ALA C 397 15.12 -22.51 23.88
C ALA C 397 15.57 -23.31 22.67
N THR C 398 14.98 -24.49 22.50
CA THR C 398 15.16 -25.27 21.28
C THR C 398 13.82 -25.71 20.73
N LEU C 399 13.64 -25.60 19.42
CA LEU C 399 12.44 -26.04 18.73
C LEU C 399 12.77 -27.14 17.72
N VAL C 400 11.99 -28.22 17.76
CA VAL C 400 12.12 -29.30 16.77
C VAL C 400 10.83 -29.40 15.94
N MET C 401 10.98 -29.26 14.63
CA MET C 401 9.86 -29.28 13.72
C MET C 401 10.00 -30.44 12.73
N ARG C 402 8.87 -31.08 12.41
CA ARG C 402 8.89 -32.27 11.57
C ARG C 402 7.72 -32.30 10.61
N LYS C 403 7.99 -32.71 9.38
CA LYS C 403 6.93 -32.99 8.40
C LYS C 403 5.87 -33.92 8.98
N LEU C 404 4.63 -33.72 8.55
CA LEU C 404 3.49 -34.46 9.08
C LEU C 404 3.23 -35.73 8.26
N LYS D 2 -2.58 -32.35 37.44
CA LYS D 2 -1.62 -31.96 38.53
C LYS D 2 -1.91 -30.59 39.10
N ARG D 3 -1.84 -30.50 40.43
CA ARG D 3 -2.31 -29.34 41.18
C ARG D 3 -1.15 -28.48 41.66
N ALA D 4 -1.35 -27.16 41.61
CA ALA D 4 -0.32 -26.18 41.99
C ALA D 4 -0.71 -25.39 43.23
N VAL D 5 0.23 -25.29 44.16
CA VAL D 5 0.02 -24.58 45.42
C VAL D 5 1.12 -23.52 45.60
N ILE D 6 0.84 -22.55 46.47
CA ILE D 6 1.84 -21.55 46.85
C ILE D 6 2.42 -21.88 48.22
N THR D 7 3.74 -22.09 48.28
CA THR D 7 4.40 -22.61 49.48
C THR D 7 5.43 -21.65 50.08
N GLY D 8 5.49 -20.44 49.53
CA GLY D 8 6.43 -19.44 49.99
C GLY D 8 6.18 -18.14 49.28
N LEU D 9 6.40 -17.03 49.99
CA LEU D 9 6.23 -15.70 49.42
C LEU D 9 7.28 -14.71 49.90
N GLY D 10 7.49 -13.66 49.12
CA GLY D 10 8.41 -12.61 49.47
C GLY D 10 7.99 -11.34 48.77
N ILE D 11 8.19 -10.20 49.42
CA ILE D 11 7.66 -8.94 48.91
C ILE D 11 8.51 -7.76 49.38
N VAL D 12 8.77 -6.83 48.45
CA VAL D 12 9.39 -5.53 48.76
C VAL D 12 8.43 -4.49 48.21
N SER D 13 7.76 -3.79 49.12
CA SER D 13 6.56 -3.03 48.77
C SER D 13 6.59 -1.61 49.34
N SER D 14 5.77 -0.72 48.79
CA SER D 14 5.59 0.63 49.32
C SER D 14 5.01 0.61 50.74
N ILE D 15 4.29 -0.46 51.06
CA ILE D 15 3.70 -0.63 52.40
C ILE D 15 4.44 -1.64 53.29
N GLY D 16 5.64 -2.05 52.89
CA GLY D 16 6.43 -2.96 53.73
C GLY D 16 7.53 -3.71 53.01
N ASN D 17 8.63 -3.94 53.72
CA ASN D 17 9.82 -4.56 53.14
C ASN D 17 9.90 -6.09 53.33
N ASN D 18 8.84 -6.65 53.91
CA ASN D 18 8.67 -8.10 54.10
C ASN D 18 7.21 -8.37 54.43
N GLN D 19 6.83 -9.64 54.54
CA GLN D 19 5.42 -9.98 54.76
C GLN D 19 4.86 -9.53 56.11
N GLN D 20 5.70 -9.48 57.13
CA GLN D 20 5.30 -8.98 58.45
C GLN D 20 4.93 -7.49 58.41
N GLU D 21 5.76 -6.69 57.75
CA GLU D 21 5.47 -5.27 57.57
C GLU D 21 4.24 -5.06 56.69
N VAL D 22 4.14 -5.82 55.60
CA VAL D 22 2.99 -5.72 54.72
C VAL D 22 1.69 -6.07 55.47
N LEU D 23 1.71 -7.16 56.24
CA LEU D 23 0.57 -7.59 57.05
C LEU D 23 0.06 -6.47 57.94
N ALA D 24 0.96 -5.87 58.72
CA ALA D 24 0.62 -4.76 59.61
C ALA D 24 0.05 -3.55 58.85
N SER D 25 0.64 -3.23 57.70
CA SER D 25 0.14 -2.11 56.87
C SER D 25 -1.28 -2.34 56.35
N LEU D 26 -1.54 -3.54 55.85
CA LEU D 26 -2.88 -3.90 55.33
C LEU D 26 -3.94 -3.86 56.42
N ARG D 27 -3.60 -4.36 57.60
CA ARG D 27 -4.50 -4.33 58.76
C ARG D 27 -4.76 -2.91 59.25
N GLU D 28 -3.74 -2.06 59.19
CA GLU D 28 -3.88 -0.68 59.65
C GLU D 28 -4.49 0.28 58.63
N GLY D 29 -4.67 -0.19 57.40
CA GLY D 29 -5.10 0.69 56.31
C GLY D 29 -4.04 1.74 55.96
N ARG D 30 -2.79 1.39 56.21
CA ARG D 30 -1.67 2.34 56.10
C ARG D 30 -1.28 2.65 54.65
N SER D 31 -1.27 3.94 54.31
CA SER D 31 -0.79 4.40 53.02
C SER D 31 0.73 4.23 52.86
N GLY D 32 1.15 3.82 51.66
CA GLY D 32 2.57 3.76 51.31
C GLY D 32 2.99 4.90 50.38
N ILE D 33 2.09 5.87 50.18
CA ILE D 33 2.29 6.95 49.22
C ILE D 33 2.88 8.17 49.89
N THR D 34 3.90 8.74 49.25
CA THR D 34 4.58 9.94 49.73
C THR D 34 4.77 10.96 48.59
N PHE D 35 5.13 12.19 48.96
CA PHE D 35 5.47 13.23 48.00
C PHE D 35 6.83 12.91 47.39
N SER D 36 6.96 13.13 46.07
CA SER D 36 8.21 12.88 45.38
C SER D 36 8.85 14.14 44.77
N GLN D 37 9.95 14.59 45.38
CA GLN D 37 10.74 15.71 44.86
C GLN D 37 11.34 15.40 43.48
N GLU D 38 11.72 14.14 43.25
CA GLU D 38 12.21 13.70 41.93
C GLU D 38 11.18 13.92 40.83
N LEU D 39 9.95 13.45 41.05
CA LEU D 39 8.88 13.61 40.08
C LEU D 39 8.57 15.08 39.82
N LYS D 40 8.50 15.87 40.89
CA LYS D 40 8.26 17.31 40.75
C LYS D 40 9.36 18.04 39.95
N ASP D 41 10.62 17.78 40.30
CA ASP D 41 11.78 18.37 39.61
C ASP D 41 11.83 18.05 38.10
N SER D 42 11.31 16.90 37.70
CA SER D 42 11.33 16.49 36.29
C SER D 42 10.35 17.30 35.44
N GLY D 43 9.42 18.00 36.10
CA GLY D 43 8.42 18.82 35.41
C GLY D 43 7.07 18.15 35.29
N MET D 44 6.91 17.00 35.95
CA MET D 44 5.66 16.26 35.95
C MET D 44 4.56 16.98 36.73
N ARG D 45 3.30 16.64 36.44
CA ARG D 45 2.14 17.15 37.16
C ARG D 45 1.76 16.26 38.35
N SER D 46 2.12 14.98 38.26
CA SER D 46 1.95 14.04 39.36
C SER D 46 3.20 14.09 40.22
N HIS D 47 3.06 14.45 41.50
CA HIS D 47 4.23 14.60 42.41
C HIS D 47 4.20 13.58 43.54
N VAL D 48 3.47 12.49 43.34
CA VAL D 48 3.24 11.53 44.41
C VAL D 48 3.59 10.12 43.92
N TRP D 49 4.13 9.29 44.83
CA TRP D 49 4.53 7.93 44.45
C TRP D 49 4.52 6.91 45.57
N GLY D 50 4.35 5.64 45.19
CA GLY D 50 4.48 4.51 46.09
C GLY D 50 5.92 4.00 46.07
N ASN D 51 6.77 4.66 46.83
CA ASN D 51 8.20 4.33 46.92
C ASN D 51 8.51 3.17 47.86
N VAL D 52 9.56 2.44 47.54
CA VAL D 52 10.13 1.44 48.43
C VAL D 52 11.01 2.18 49.44
N LYS D 53 10.68 2.01 50.72
CA LYS D 53 11.42 2.66 51.80
C LYS D 53 12.41 1.68 52.41
N LEU D 54 13.40 1.29 51.61
CA LEU D 54 14.42 0.34 52.02
C LEU D 54 15.76 0.74 51.42
N ASP D 55 16.79 0.78 52.27
CA ASP D 55 18.14 0.98 51.78
C ASP D 55 18.67 -0.38 51.32
N THR D 56 18.72 -0.57 50.00
CA THR D 56 19.13 -1.85 49.41
C THR D 56 20.66 -2.00 49.31
N THR D 57 21.38 -0.95 49.71
CA THR D 57 22.84 -0.93 49.68
C THR D 57 23.43 -2.08 50.50
N GLY D 58 24.30 -2.86 49.86
CA GLY D 58 24.98 -3.99 50.49
C GLY D 58 24.14 -5.24 50.70
N LEU D 59 22.90 -5.24 50.22
CA LEU D 59 22.00 -6.37 50.43
C LEU D 59 22.23 -7.50 49.44
N ILE D 60 22.96 -7.20 48.37
CA ILE D 60 23.23 -8.17 47.31
C ILE D 60 24.72 -8.14 46.96
N ASP D 61 25.29 -9.32 46.75
CA ASP D 61 26.70 -9.46 46.35
C ASP D 61 27.04 -8.64 45.12
N ARG D 62 28.20 -7.98 45.17
CA ARG D 62 28.67 -7.08 44.11
C ARG D 62 28.63 -7.73 42.73
N LYS D 63 29.01 -9.01 42.65
CA LYS D 63 29.13 -9.70 41.36
C LYS D 63 27.77 -10.02 40.72
N VAL D 64 26.71 -10.03 41.52
CA VAL D 64 25.39 -10.25 40.93
C VAL D 64 24.61 -8.93 40.77
N VAL D 65 24.76 -8.00 41.71
CA VAL D 65 24.04 -6.72 41.65
C VAL D 65 24.54 -5.76 40.55
N ARG D 66 25.80 -5.91 40.14
CA ARG D 66 26.37 -5.10 39.05
C ARG D 66 25.61 -5.26 37.72
N PHE D 67 24.84 -6.34 37.60
CA PHE D 67 24.07 -6.58 36.38
C PHE D 67 22.65 -6.05 36.46
N MET D 68 22.27 -5.58 37.65
CA MET D 68 20.86 -5.38 38.00
C MET D 68 20.38 -3.94 37.95
N SER D 69 19.15 -3.77 37.46
CA SER D 69 18.41 -2.54 37.67
C SER D 69 17.55 -2.72 38.92
N ASP D 70 16.83 -1.68 39.33
CA ASP D 70 15.98 -1.72 40.53
C ASP D 70 14.91 -2.81 40.52
N ALA D 71 14.27 -3.00 39.36
CA ALA D 71 13.28 -4.08 39.19
C ALA D 71 13.85 -5.45 39.61
N SER D 72 15.04 -5.76 39.11
CA SER D 72 15.75 -7.00 39.46
C SER D 72 16.15 -7.05 40.93
N ILE D 73 16.60 -5.93 41.48
CA ILE D 73 16.96 -5.86 42.90
C ILE D 73 15.74 -6.22 43.77
N TYR D 74 14.62 -5.57 43.51
CA TYR D 74 13.37 -5.79 44.26
C TYR D 74 12.89 -7.24 44.13
N ALA D 75 12.96 -7.78 42.91
CA ALA D 75 12.60 -9.18 42.65
C ALA D 75 13.54 -10.19 43.33
N PHE D 76 14.84 -9.93 43.29
CA PHE D 76 15.85 -10.75 43.96
C PHE D 76 15.60 -10.85 45.46
N LEU D 77 15.41 -9.71 46.10
CA LEU D 77 15.19 -9.65 47.55
C LEU D 77 13.91 -10.40 47.93
N SER D 78 12.86 -10.18 47.13
CA SER D 78 11.60 -10.91 47.26
C SER D 78 11.76 -12.43 47.13
N MET D 79 12.58 -12.86 46.18
CA MET D 79 12.87 -14.28 45.99
C MET D 79 13.67 -14.89 47.17
N GLU D 80 14.69 -14.18 47.66
CA GLU D 80 15.40 -14.56 48.89
C GLU D 80 14.44 -14.83 50.04
N GLN D 81 13.48 -13.92 50.23
CA GLN D 81 12.42 -14.06 51.23
C GLN D 81 11.56 -15.28 50.99
N ALA D 82 11.18 -15.49 49.73
CA ALA D 82 10.30 -16.60 49.34
C ALA D 82 10.95 -17.95 49.59
N ILE D 83 12.24 -18.05 49.27
CA ILE D 83 13.03 -19.26 49.49
C ILE D 83 13.10 -19.60 50.98
N ALA D 84 13.32 -18.58 51.81
CA ALA D 84 13.38 -18.77 53.26
C ALA D 84 12.01 -19.12 53.83
N ASP D 85 10.99 -18.40 53.36
CA ASP D 85 9.60 -18.64 53.74
C ASP D 85 9.18 -20.08 53.39
N ALA D 86 9.57 -20.54 52.20
CA ALA D 86 9.24 -21.89 51.75
C ALA D 86 10.02 -23.00 52.47
N GLY D 87 11.11 -22.66 53.14
CA GLY D 87 11.99 -23.64 53.77
C GLY D 87 12.76 -24.48 52.76
N LEU D 88 13.13 -23.84 51.64
CA LEU D 88 13.87 -24.47 50.55
C LEU D 88 15.39 -24.31 50.70
N SER D 89 16.09 -25.44 50.78
CA SER D 89 17.54 -25.42 50.89
C SER D 89 18.18 -25.49 49.50
N PRO D 90 19.37 -24.88 49.32
CA PRO D 90 20.04 -24.87 48.00
C PRO D 90 20.17 -26.25 47.37
N GLU D 91 20.43 -27.29 48.16
CA GLU D 91 20.51 -28.65 47.62
C GLU D 91 19.20 -29.12 47.00
N ALA D 92 18.07 -28.61 47.50
CA ALA D 92 16.76 -28.93 46.94
C ALA D 92 16.43 -28.18 45.64
N TYR D 93 16.70 -26.87 45.59
CA TYR D 93 16.25 -26.07 44.45
C TYR D 93 17.32 -25.70 43.39
N GLN D 94 18.59 -25.73 43.76
CA GLN D 94 19.67 -25.35 42.83
C GLN D 94 20.14 -26.51 41.95
N ASN D 95 20.63 -26.17 40.75
CA ASN D 95 21.05 -27.15 39.74
C ASN D 95 20.01 -28.26 39.54
N ASN D 96 18.74 -27.86 39.48
CA ASN D 96 17.62 -28.78 39.43
C ASN D 96 16.73 -28.45 38.23
N PRO D 97 16.68 -29.36 37.23
CA PRO D 97 15.91 -29.15 35.99
C PRO D 97 14.40 -29.00 36.22
N ARG D 98 13.93 -29.45 37.39
CA ARG D 98 12.51 -29.41 37.73
C ARG D 98 12.12 -28.12 38.44
N VAL D 99 13.07 -27.18 38.54
CA VAL D 99 12.88 -25.91 39.23
C VAL D 99 13.15 -24.76 38.25
N GLY D 100 12.15 -23.90 38.09
CA GLY D 100 12.21 -22.82 37.09
C GLY D 100 11.92 -21.43 37.65
N LEU D 101 11.98 -20.44 36.77
CA LEU D 101 11.77 -19.04 37.17
C LEU D 101 11.06 -18.29 36.06
N ILE D 102 9.90 -17.73 36.40
CA ILE D 102 9.15 -16.87 35.48
C ILE D 102 8.77 -15.58 36.22
N ALA D 103 9.46 -14.50 35.86
CA ALA D 103 9.28 -13.20 36.52
C ALA D 103 9.64 -12.10 35.53
N GLY D 104 8.89 -11.01 35.53
CA GLY D 104 9.11 -9.94 34.57
C GLY D 104 8.86 -8.55 35.11
N SER D 105 8.95 -7.55 34.25
CA SER D 105 8.55 -6.19 34.58
C SER D 105 7.71 -5.64 33.45
N GLY D 106 6.92 -4.61 33.74
CA GLY D 106 6.17 -3.88 32.73
C GLY D 106 7.06 -3.05 31.81
N GLY D 107 8.09 -2.43 32.38
CA GLY D 107 8.91 -1.47 31.62
C GLY D 107 10.41 -1.72 31.46
N GLY D 108 10.92 -2.82 31.98
CA GLY D 108 12.37 -3.09 31.93
C GLY D 108 13.13 -2.11 32.82
N SER D 109 14.01 -1.32 32.20
CA SER D 109 14.59 -0.16 32.89
C SER D 109 14.75 1.07 31.99
N PRO D 110 13.71 1.93 31.92
CA PRO D 110 13.88 3.26 31.32
C PRO D 110 15.05 4.07 31.92
N ARG D 111 15.29 3.97 33.22
CA ARG D 111 16.41 4.70 33.85
C ARG D 111 17.78 4.36 33.25
N PHE D 112 18.07 3.07 33.11
CA PHE D 112 19.37 2.67 32.57
C PHE D 112 19.47 2.75 31.05
N GLN D 113 18.33 2.57 30.38
CA GLN D 113 18.26 2.82 28.95
C GLN D 113 18.58 4.28 28.64
N VAL D 114 18.01 5.19 29.44
CA VAL D 114 18.29 6.62 29.34
C VAL D 114 19.73 6.95 29.77
N PHE D 115 20.20 6.32 30.84
CA PHE D 115 21.60 6.52 31.26
C PHE D 115 22.56 6.17 30.12
N GLY D 116 22.29 5.05 29.46
CA GLY D 116 23.09 4.59 28.32
C GLY D 116 23.10 5.58 27.16
N ALA D 117 21.92 6.07 26.78
CA ALA D 117 21.81 7.06 25.70
C ALA D 117 22.53 8.38 26.05
N ASP D 118 22.30 8.89 27.25
CA ASP D 118 22.93 10.12 27.74
C ASP D 118 24.45 10.03 27.78
N ALA D 119 24.96 8.87 28.21
CA ALA D 119 26.41 8.65 28.31
C ALA D 119 27.04 8.56 26.92
N MET D 120 26.39 7.81 26.04
CA MET D 120 26.86 7.63 24.67
C MET D 120 26.98 8.96 23.90
N ARG D 121 26.06 9.88 24.15
CA ARG D 121 26.04 11.19 23.51
C ARG D 121 27.08 12.16 24.08
N GLY D 122 27.64 11.83 25.23
CA GLY D 122 28.70 12.63 25.83
C GLY D 122 30.05 12.41 25.15
N PRO D 123 31.08 13.15 25.59
CA PRO D 123 32.42 13.07 24.98
C PRO D 123 33.13 11.72 25.11
N ARG D 124 32.83 10.94 26.15
CA ARG D 124 33.49 9.64 26.34
C ARG D 124 32.84 8.47 25.58
N GLY D 125 31.61 8.68 25.09
CA GLY D 125 30.89 7.66 24.33
C GLY D 125 30.82 6.31 25.02
N LEU D 126 31.30 5.29 24.32
CA LEU D 126 31.28 3.88 24.78
C LEU D 126 31.83 3.68 26.20
N LYS D 127 32.90 4.41 26.51
CA LYS D 127 33.58 4.37 27.81
C LYS D 127 32.68 4.83 28.96
N ALA D 128 31.82 5.82 28.68
CA ALA D 128 30.87 6.36 29.64
C ALA D 128 29.72 5.40 29.91
N VAL D 129 29.36 4.61 28.90
CA VAL D 129 28.27 3.64 29.01
C VAL D 129 28.63 2.46 29.92
N GLY D 130 29.82 1.90 29.72
CA GLY D 130 30.26 0.73 30.48
C GLY D 130 29.61 -0.56 29.99
N PRO D 131 30.02 -1.72 30.53
CA PRO D 131 29.59 -3.02 30.02
C PRO D 131 28.35 -3.67 30.66
N TYR D 132 27.65 -2.96 31.54
CA TYR D 132 26.56 -3.57 32.33
C TYR D 132 25.15 -3.14 31.97
N VAL D 133 25.02 -2.25 30.98
CA VAL D 133 23.75 -1.60 30.67
C VAL D 133 22.73 -2.55 30.04
N VAL D 134 23.21 -3.50 29.22
CA VAL D 134 22.32 -4.46 28.55
C VAL D 134 21.45 -5.26 29.52
N THR D 135 22.04 -5.83 30.57
CA THR D 135 21.29 -6.65 31.51
C THR D 135 20.37 -5.83 32.41
N LYS D 136 20.71 -4.55 32.60
CA LYS D 136 19.87 -3.64 33.36
C LYS D 136 18.68 -3.22 32.51
N ALA D 137 18.95 -2.89 31.25
CA ALA D 137 17.98 -2.30 30.35
C ALA D 137 17.06 -3.29 29.60
N MET D 138 17.54 -4.52 29.36
CA MET D 138 16.75 -5.51 28.61
C MET D 138 15.46 -5.91 29.34
N ALA D 139 14.42 -6.23 28.55
CA ALA D 139 13.08 -6.55 29.07
C ALA D 139 13.07 -7.81 29.93
N SER D 140 13.99 -8.73 29.67
CA SER D 140 14.12 -9.97 30.44
C SER D 140 15.05 -9.85 31.65
N GLY D 141 15.40 -8.62 32.02
CA GLY D 141 16.31 -8.34 33.15
C GLY D 141 15.97 -9.04 34.46
N VAL D 142 14.68 -9.00 34.83
CA VAL D 142 14.20 -9.58 36.09
C VAL D 142 14.46 -11.10 36.18
N SER D 143 14.17 -11.82 35.10
CA SER D 143 14.43 -13.26 35.06
C SER D 143 15.92 -13.56 34.97
N ALA D 144 16.61 -12.86 34.08
CA ALA D 144 18.04 -13.08 33.81
C ALA D 144 18.91 -12.88 35.06
N CYS D 145 18.64 -11.79 35.78
CA CYS D 145 19.44 -11.41 36.94
C CYS D 145 19.23 -12.30 38.16
N LEU D 146 18.17 -13.11 38.14
CA LEU D 146 17.83 -13.96 39.26
C LEU D 146 18.12 -15.44 38.99
N ALA D 147 17.88 -15.89 37.75
CA ALA D 147 18.07 -17.29 37.39
C ALA D 147 19.53 -17.73 37.53
N THR D 148 20.45 -16.80 37.23
CA THR D 148 21.89 -17.08 37.30
C THR D 148 22.38 -17.30 38.74
N PRO D 149 22.27 -16.28 39.63
CA PRO D 149 22.78 -16.48 41.00
C PRO D 149 22.04 -17.53 41.82
N PHE D 150 20.73 -17.68 41.59
CA PHE D 150 19.94 -18.70 42.29
C PHE D 150 20.11 -20.11 41.70
N LYS D 151 20.90 -20.19 40.63
CA LYS D 151 21.32 -21.46 40.01
C LYS D 151 20.14 -22.30 39.49
N ILE D 152 19.22 -21.61 38.83
CA ILE D 152 18.03 -22.20 38.26
C ILE D 152 18.38 -22.97 36.98
N HIS D 153 17.88 -24.21 36.88
CA HIS D 153 18.12 -25.05 35.70
C HIS D 153 16.90 -25.30 34.81
N GLY D 154 15.70 -25.06 35.35
CA GLY D 154 14.46 -25.20 34.57
C GLY D 154 14.15 -23.99 33.68
N VAL D 155 12.86 -23.68 33.53
CA VAL D 155 12.44 -22.54 32.72
C VAL D 155 13.03 -21.23 33.25
N ASN D 156 13.37 -20.34 32.32
CA ASN D 156 13.96 -19.06 32.63
C ASN D 156 13.55 -18.04 31.56
N TYR D 157 12.54 -17.24 31.87
CA TYR D 157 12.13 -16.14 31.02
C TYR D 157 11.20 -15.18 31.77
N SER D 158 10.89 -14.06 31.12
CA SER D 158 9.99 -13.06 31.66
C SER D 158 8.70 -13.02 30.84
N ILE D 159 7.56 -13.00 31.53
CA ILE D 159 6.32 -12.63 30.87
C ILE D 159 6.17 -11.14 31.10
N SER D 160 5.75 -10.42 30.05
CA SER D 160 5.39 -9.02 30.19
C SER D 160 4.02 -8.77 29.58
N SER D 161 3.19 -8.02 30.30
CA SER D 161 1.85 -7.64 29.85
C SER D 161 1.35 -6.42 30.63
N ALA D 162 2.19 -5.39 30.71
CA ALA D 162 1.87 -4.17 31.45
C ALA D 162 1.34 -4.45 32.87
N CYS D 163 0.15 -3.95 33.21
CA CYS D 163 -0.37 -4.08 34.58
C CYS D 163 -0.67 -5.53 34.98
N ALA D 164 -0.65 -6.44 34.02
CA ALA D 164 -0.92 -7.85 34.29
C ALA D 164 0.33 -8.73 34.37
N THR D 165 1.52 -8.15 34.17
CA THR D 165 2.71 -8.98 33.89
C THR D 165 2.98 -10.10 34.89
N SER D 166 3.00 -9.79 36.18
CA SER D 166 3.36 -10.79 37.18
C SER D 166 2.24 -11.75 37.53
N ALA D 167 0.99 -11.35 37.25
CA ALA D 167 -0.16 -12.25 37.30
C ALA D 167 -0.07 -13.34 36.23
N HIS D 168 0.28 -12.95 35.00
CA HIS D 168 0.53 -13.91 33.92
C HIS D 168 1.76 -14.78 34.20
N CYS D 169 2.74 -14.22 34.92
CA CYS D 169 3.91 -14.99 35.33
C CYS D 169 3.50 -16.16 36.23
N ILE D 170 2.66 -15.86 37.23
CA ILE D 170 2.15 -16.88 38.15
C ILE D 170 1.33 -17.94 37.42
N GLY D 171 0.47 -17.51 36.50
CA GLY D 171 -0.37 -18.41 35.72
C GLY D 171 0.41 -19.37 34.83
N ASN D 172 1.41 -18.82 34.15
CA ASN D 172 2.35 -19.60 33.33
C ASN D 172 3.09 -20.63 34.18
N ALA D 173 3.53 -20.21 35.37
CA ALA D 173 4.15 -21.10 36.35
C ALA D 173 3.23 -22.28 36.69
N VAL D 174 1.97 -21.97 36.98
CA VAL D 174 0.95 -23.01 37.23
C VAL D 174 0.86 -23.97 36.05
N GLU D 175 0.80 -23.45 34.83
CA GLU D 175 0.80 -24.27 33.61
C GLU D 175 2.01 -25.21 33.50
N GLN D 176 3.17 -24.76 34.00
CA GLN D 176 4.37 -25.61 33.99
C GLN D 176 4.18 -26.83 34.89
N ILE D 177 3.51 -26.61 36.02
CA ILE D 177 3.20 -27.67 36.97
C ILE D 177 2.18 -28.62 36.33
N GLN D 178 1.15 -28.05 35.72
CA GLN D 178 0.08 -28.82 35.05
C GLN D 178 0.60 -29.68 33.90
N LEU D 179 1.59 -29.15 33.17
CA LEU D 179 2.21 -29.88 32.06
C LEU D 179 3.15 -30.98 32.56
N GLY D 180 3.36 -31.02 33.88
CA GLY D 180 4.26 -31.99 34.49
C GLY D 180 5.72 -31.70 34.23
N LYS D 181 6.02 -30.45 33.85
CA LYS D 181 7.37 -30.04 33.43
C LYS D 181 8.25 -29.56 34.58
N GLN D 182 7.62 -29.05 35.63
CA GLN D 182 8.34 -28.45 36.76
C GLN D 182 7.68 -28.83 38.06
N ASP D 183 8.48 -29.00 39.10
CA ASP D 183 7.98 -29.23 40.46
C ASP D 183 7.82 -27.91 41.18
N ILE D 184 8.73 -26.98 40.89
CA ILE D 184 8.74 -25.64 41.48
C ILE D 184 9.01 -24.60 40.39
N VAL D 185 8.22 -23.53 40.40
CA VAL D 185 8.55 -22.35 39.62
C VAL D 185 8.38 -21.14 40.52
N PHE D 186 9.47 -20.39 40.68
CA PHE D 186 9.40 -19.08 41.32
C PHE D 186 8.75 -18.13 40.32
N ALA D 187 7.64 -17.52 40.72
CA ALA D 187 6.87 -16.63 39.85
C ALA D 187 6.68 -15.26 40.50
N GLY D 188 6.86 -14.20 39.73
CA GLY D 188 6.73 -12.86 40.27
C GLY D 188 7.18 -11.79 39.30
N GLY D 189 7.78 -10.73 39.84
CA GLY D 189 8.15 -9.59 39.02
C GLY D 189 8.68 -8.42 39.83
N GLY D 190 9.21 -7.42 39.12
CA GLY D 190 9.71 -6.21 39.75
C GLY D 190 9.48 -5.01 38.86
N GLU D 191 9.51 -3.82 39.44
CA GLU D 191 9.37 -2.58 38.67
C GLU D 191 10.16 -1.50 39.38
N GLU D 192 10.97 -0.77 38.62
CA GLU D 192 11.67 0.38 39.16
C GLU D 192 10.74 1.58 39.27
N LEU D 193 11.14 2.56 40.09
CA LEU D 193 10.39 3.80 40.25
C LEU D 193 11.27 4.98 39.86
N CYS D 194 10.86 5.72 38.83
CA CYS D 194 11.70 6.75 38.23
C CYS D 194 10.89 7.73 37.39
N TRP D 195 11.35 8.97 37.29
CA TRP D 195 10.69 9.97 36.43
C TRP D 195 10.74 9.57 34.96
N GLU D 196 11.83 8.90 34.55
CA GLU D 196 12.05 8.47 33.16
C GLU D 196 10.87 7.69 32.61
N MET D 197 10.35 6.76 33.42
CA MET D 197 9.18 5.98 33.07
C MET D 197 7.89 6.71 33.43
N ALA D 198 7.86 7.27 34.64
CA ALA D 198 6.64 7.90 35.18
C ALA D 198 6.08 9.02 34.29
N CYS D 199 6.97 9.86 33.74
CA CYS D 199 6.55 10.94 32.85
C CYS D 199 5.75 10.47 31.63
N GLU D 200 6.02 9.23 31.19
CA GLU D 200 5.27 8.61 30.09
C GLU D 200 3.80 8.42 30.44
N PHE D 201 3.52 7.98 31.67
CA PHE D 201 2.12 7.79 32.10
C PHE D 201 1.44 9.15 32.36
N ASP D 202 2.18 10.10 32.92
CA ASP D 202 1.68 11.47 33.12
C ASP D 202 1.28 12.07 31.76
N ALA D 203 2.12 11.88 30.75
CA ALA D 203 1.88 12.40 29.40
C ALA D 203 0.65 11.83 28.68
N MET D 204 0.21 10.64 29.09
CA MET D 204 -1.08 10.12 28.62
C MET D 204 -2.26 10.45 29.57
N GLY D 205 -1.99 11.23 30.60
CA GLY D 205 -3.01 11.67 31.58
C GLY D 205 -3.48 10.59 32.53
N ALA D 206 -2.65 9.58 32.76
CA ALA D 206 -3.02 8.39 33.53
C ALA D 206 -2.83 8.52 35.05
N LEU D 207 -1.99 9.48 35.45
CA LEU D 207 -1.59 9.66 36.85
C LEU D 207 -2.39 10.75 37.57
N SER D 208 -2.49 10.61 38.90
CA SER D 208 -3.17 11.59 39.75
C SER D 208 -2.35 12.88 39.88
N THR D 209 -3.01 14.01 39.67
CA THR D 209 -2.34 15.33 39.71
C THR D 209 -2.95 16.34 40.69
N LYS D 210 -4.16 16.05 41.18
CA LYS D 210 -4.94 17.03 41.99
C LYS D 210 -4.71 16.94 43.51
N TYR D 211 -3.93 15.97 43.96
CA TYR D 211 -3.76 15.71 45.39
C TYR D 211 -2.33 15.71 45.89
N ASN D 212 -1.44 16.42 45.19
CA ASN D 212 -0.01 16.43 45.53
C ASN D 212 0.31 16.99 46.91
N ASP D 213 -0.58 17.82 47.45
CA ASP D 213 -0.45 18.42 48.77
C ASP D 213 -0.74 17.40 49.87
N THR D 214 -1.56 16.41 49.55
CA THR D 214 -1.99 15.39 50.48
C THR D 214 -1.75 14.00 49.84
N PRO D 215 -0.47 13.56 49.80
CA PRO D 215 -0.08 12.36 49.03
C PRO D 215 -0.87 11.09 49.38
N GLU D 216 -1.13 10.89 50.67
CA GLU D 216 -1.83 9.70 51.17
C GLU D 216 -3.29 9.59 50.73
N LYS D 217 -3.84 10.68 50.19
CA LYS D 217 -5.24 10.70 49.73
C LYS D 217 -5.40 10.70 48.20
N ALA D 218 -4.27 10.65 47.49
CA ALA D 218 -4.26 10.72 46.02
C ALA D 218 -4.79 9.45 45.37
N SER D 219 -4.41 8.30 45.93
CA SER D 219 -4.90 7.01 45.46
C SER D 219 -6.20 6.71 46.19
N ARG D 220 -7.29 6.70 45.44
CA ARG D 220 -8.63 6.70 46.02
C ARG D 220 -9.63 5.94 45.14
N THR D 221 -9.31 4.69 44.87
CA THR D 221 -10.15 3.82 44.05
C THR D 221 -11.60 3.85 44.54
N TYR D 222 -12.52 4.07 43.60
CA TYR D 222 -13.98 4.13 43.84
C TYR D 222 -14.51 5.46 44.38
N ASP D 223 -13.61 6.36 44.78
CA ASP D 223 -14.02 7.68 45.19
C ASP D 223 -14.47 8.50 43.98
N ALA D 224 -15.53 9.29 44.17
CA ALA D 224 -16.12 10.13 43.11
C ALA D 224 -15.14 11.15 42.54
N HIS D 225 -14.08 11.45 43.29
CA HIS D 225 -13.14 12.50 42.89
C HIS D 225 -11.72 11.99 42.61
N ARG D 226 -11.62 10.72 42.23
CA ARG D 226 -10.39 10.11 41.77
C ARG D 226 -9.96 10.72 40.44
N ASP D 227 -8.64 10.78 40.20
CA ASP D 227 -8.10 11.48 39.04
C ASP D 227 -6.86 10.81 38.42
N GLY D 228 -6.79 9.49 38.51
CA GLY D 228 -5.68 8.71 37.94
C GLY D 228 -4.90 7.92 38.98
N PHE D 229 -4.06 6.99 38.51
CA PHE D 229 -3.31 6.16 39.44
C PHE D 229 -2.07 6.81 40.04
N VAL D 230 -1.62 6.29 41.17
CA VAL D 230 -0.39 6.71 41.79
C VAL D 230 0.66 5.65 41.47
N ILE D 231 1.68 6.08 40.73
CA ILE D 231 2.76 5.23 40.27
C ILE D 231 3.57 4.67 41.45
N ALA D 232 3.95 3.40 41.37
CA ALA D 232 4.75 2.77 42.42
C ALA D 232 5.85 1.86 41.87
N GLY D 233 6.77 1.48 42.74
CA GLY D 233 7.78 0.48 42.42
C GLY D 233 7.80 -0.60 43.49
N GLY D 234 8.52 -1.68 43.22
CA GLY D 234 8.65 -2.78 44.18
C GLY D 234 8.78 -4.13 43.48
N GLY D 235 8.83 -5.19 44.28
CA GLY D 235 8.86 -6.55 43.77
C GLY D 235 8.03 -7.54 44.58
N GLY D 236 7.93 -8.76 44.06
CA GLY D 236 7.23 -9.84 44.75
C GLY D 236 7.57 -11.18 44.10
N MET D 237 7.57 -12.24 44.91
CA MET D 237 7.86 -13.57 44.41
C MET D 237 7.08 -14.60 45.20
N VAL D 238 6.46 -15.52 44.50
CA VAL D 238 5.82 -16.65 45.15
C VAL D 238 6.46 -17.95 44.66
N VAL D 239 6.41 -18.97 45.52
CA VAL D 239 6.89 -20.30 45.17
C VAL D 239 5.67 -21.09 44.73
N VAL D 240 5.59 -21.38 43.43
CA VAL D 240 4.52 -22.18 42.87
C VAL D 240 5.04 -23.61 42.79
N GLU D 241 4.33 -24.52 43.45
CA GLU D 241 4.82 -25.88 43.61
C GLU D 241 3.76 -26.94 43.31
N GLU D 242 4.17 -28.04 42.69
CA GLU D 242 3.27 -29.17 42.49
C GLU D 242 2.86 -29.75 43.85
N LEU D 243 1.59 -30.12 43.99
CA LEU D 243 1.01 -30.49 45.29
C LEU D 243 1.70 -31.65 46.02
N GLU D 244 1.89 -32.78 45.33
CA GLU D 244 2.49 -33.96 45.96
C GLU D 244 3.93 -33.68 46.40
N HIS D 245 4.69 -33.01 45.53
CA HIS D 245 6.02 -32.51 45.87
C HIS D 245 6.01 -31.67 47.15
N ALA D 246 5.08 -30.72 47.24
CA ALA D 246 4.95 -29.89 48.44
C ALA D 246 4.60 -30.71 49.67
N LEU D 247 3.58 -31.56 49.54
CA LEU D 247 3.16 -32.47 50.62
C LEU D 247 4.30 -33.35 51.12
N ALA D 248 5.08 -33.89 50.17
CA ALA D 248 6.18 -34.82 50.48
C ALA D 248 7.28 -34.21 51.34
N ARG D 249 7.47 -32.90 51.26
CA ARG D 249 8.53 -32.24 52.01
C ARG D 249 8.02 -31.46 53.22
N GLY D 250 6.75 -31.65 53.57
CA GLY D 250 6.15 -30.97 54.72
C GLY D 250 6.08 -29.46 54.54
N ALA D 251 5.82 -29.04 53.30
CA ALA D 251 5.70 -27.63 52.96
C ALA D 251 4.55 -26.95 53.71
N HIS D 252 4.75 -25.67 54.03
CA HIS D 252 3.64 -24.83 54.44
C HIS D 252 2.94 -24.35 53.18
N ILE D 253 1.71 -24.81 52.98
CA ILE D 253 0.90 -24.44 51.82
C ILE D 253 -0.04 -23.31 52.25
N TYR D 254 0.09 -22.17 51.58
CA TYR D 254 -0.77 -21.02 51.79
C TYR D 254 -2.12 -21.31 51.15
N ALA D 255 -2.07 -21.74 49.89
CA ALA D 255 -3.26 -21.91 49.06
C ALA D 255 -2.93 -22.67 47.79
N GLU D 256 -3.98 -23.25 47.19
CA GLU D 256 -3.92 -23.83 45.87
C GLU D 256 -4.42 -22.81 44.85
N ILE D 257 -3.74 -22.71 43.72
CA ILE D 257 -4.24 -21.93 42.58
C ILE D 257 -5.25 -22.78 41.83
N VAL D 258 -6.53 -22.50 42.09
CA VAL D 258 -7.62 -23.30 41.52
C VAL D 258 -8.19 -22.67 40.24
N GLY D 259 -7.75 -21.45 39.93
CA GLY D 259 -8.21 -20.76 38.73
C GLY D 259 -7.22 -19.77 38.15
N TYR D 260 -7.08 -19.81 36.83
CA TYR D 260 -6.23 -18.87 36.11
C TYR D 260 -6.87 -18.46 34.79
N GLY D 261 -7.27 -17.20 34.71
CA GLY D 261 -7.84 -16.64 33.50
C GLY D 261 -6.84 -15.77 32.79
N ALA D 262 -6.90 -15.78 31.46
CA ALA D 262 -6.04 -14.95 30.63
C ALA D 262 -6.75 -14.71 29.31
N THR D 263 -7.13 -13.45 29.07
CA THR D 263 -7.91 -13.07 27.90
C THR D 263 -7.41 -11.77 27.28
N SER D 264 -8.00 -11.43 26.15
CA SER D 264 -7.65 -10.23 25.42
C SER D 264 -8.92 -9.47 25.03
N ASP D 265 -8.89 -8.14 25.12
CA ASP D 265 -10.04 -7.32 24.73
C ASP D 265 -10.18 -7.25 23.22
N GLY D 266 -9.05 -7.11 22.53
CA GLY D 266 -9.03 -6.89 21.09
C GLY D 266 -9.93 -5.73 20.67
N ALA D 267 -9.85 -4.63 21.42
CA ALA D 267 -10.75 -3.48 21.20
C ALA D 267 -10.00 -2.14 21.31
N ASP D 268 -9.77 -1.68 22.54
CA ASP D 268 -9.10 -0.40 22.79
C ASP D 268 -7.74 -0.57 23.46
N MET D 269 -6.78 0.25 23.05
CA MET D 269 -5.40 0.16 23.52
C MET D 269 -5.22 0.54 24.98
N VAL D 270 -5.93 1.57 25.42
CA VAL D 270 -5.70 2.13 26.76
C VAL D 270 -6.95 2.20 27.64
N ALA D 271 -8.07 1.69 27.12
CA ALA D 271 -9.32 1.61 27.87
C ALA D 271 -9.88 0.18 27.87
N PRO D 272 -10.32 -0.31 29.06
CA PRO D 272 -10.90 -1.65 29.17
C PRO D 272 -12.26 -1.76 28.49
N SER D 273 -12.52 -2.89 27.85
CA SER D 273 -13.80 -3.09 27.15
C SER D 273 -14.86 -3.65 28.09
N GLY D 274 -14.42 -4.26 29.19
CA GLY D 274 -15.31 -4.93 30.14
C GLY D 274 -15.53 -6.37 29.74
N GLU D 275 -15.85 -6.60 28.46
CA GLU D 275 -16.14 -7.92 27.92
C GLU D 275 -14.98 -8.93 28.09
N GLY D 276 -13.75 -8.47 27.89
CA GLY D 276 -12.57 -9.31 28.13
C GLY D 276 -12.42 -9.66 29.60
N ALA D 277 -12.72 -8.70 30.47
CA ALA D 277 -12.66 -8.88 31.92
C ALA D 277 -13.66 -9.91 32.42
N VAL D 278 -14.87 -9.88 31.88
CA VAL D 278 -15.94 -10.83 32.20
C VAL D 278 -15.47 -12.25 31.86
N ARG D 279 -15.05 -12.46 30.62
CA ARG D 279 -14.50 -13.75 30.16
C ARG D 279 -13.33 -14.23 31.01
N CYS D 280 -12.46 -13.30 31.41
CA CYS D 280 -11.28 -13.62 32.20
C CYS D 280 -11.67 -14.19 33.57
N MET D 281 -12.57 -13.48 34.25
CA MET D 281 -13.06 -13.94 35.56
C MET D 281 -13.82 -15.26 35.46
N LYS D 282 -14.64 -15.43 34.42
CA LYS D 282 -15.36 -16.69 34.16
C LYS D 282 -14.42 -17.88 33.94
N MET D 283 -13.38 -17.67 33.13
CA MET D 283 -12.34 -18.68 32.91
C MET D 283 -11.70 -19.12 34.23
N ALA D 284 -11.37 -18.13 35.07
CA ALA D 284 -10.76 -18.38 36.38
C ALA D 284 -11.72 -19.08 37.34
N MET D 285 -13.01 -18.93 37.11
CA MET D 285 -14.05 -19.54 37.94
C MET D 285 -14.42 -20.95 37.50
N HIS D 286 -14.00 -21.34 36.30
CA HIS D 286 -14.44 -22.60 35.71
C HIS D 286 -14.01 -23.81 36.53
N GLY D 287 -14.99 -24.59 36.97
CA GLY D 287 -14.74 -25.74 37.83
C GLY D 287 -14.36 -25.40 39.27
N VAL D 288 -14.53 -24.14 39.66
CA VAL D 288 -14.35 -23.73 41.05
C VAL D 288 -15.71 -23.81 41.75
N ASP D 289 -15.87 -24.80 42.62
CA ASP D 289 -17.18 -25.14 43.19
C ASP D 289 -17.52 -24.35 44.46
N THR D 290 -16.60 -23.49 44.90
CA THR D 290 -16.81 -22.64 46.07
C THR D 290 -16.95 -21.17 45.67
N PRO D 291 -17.68 -20.38 46.48
CA PRO D 291 -17.86 -18.96 46.17
C PRO D 291 -16.61 -18.12 46.45
N ILE D 292 -16.47 -17.00 45.76
CA ILE D 292 -15.41 -16.03 46.04
C ILE D 292 -15.79 -15.23 47.29
N ASP D 293 -14.94 -15.30 48.30
CA ASP D 293 -15.20 -14.66 49.60
C ASP D 293 -14.63 -13.26 49.63
N TYR D 294 -13.63 -13.02 48.77
CA TYR D 294 -12.97 -11.73 48.68
C TYR D 294 -12.34 -11.59 47.30
N LEU D 295 -12.46 -10.39 46.74
CA LEU D 295 -11.91 -10.05 45.44
C LEU D 295 -11.04 -8.82 45.57
N ASN D 296 -9.74 -9.00 45.30
CA ASN D 296 -8.79 -7.90 45.24
C ASN D 296 -8.85 -7.36 43.81
N SER D 297 -9.42 -6.17 43.66
CA SER D 297 -9.68 -5.62 42.33
C SER D 297 -8.42 -5.07 41.69
N HIS D 298 -8.43 -4.95 40.37
CA HIS D 298 -7.41 -4.21 39.65
C HIS D 298 -7.38 -2.75 40.13
N GLY D 299 -8.56 -2.11 40.12
CA GLY D 299 -8.82 -0.83 40.79
C GLY D 299 -7.66 0.14 41.00
N THR D 300 -7.24 0.77 39.90
CA THR D 300 -6.06 1.65 39.90
C THR D 300 -6.35 3.07 40.39
N SER D 301 -7.63 3.44 40.46
CA SER D 301 -8.08 4.78 40.86
C SER D 301 -8.22 5.73 39.67
N THR D 302 -8.70 5.18 38.56
CA THR D 302 -8.98 5.94 37.35
C THR D 302 -10.50 6.05 37.13
N PRO D 303 -10.98 7.22 36.64
CA PRO D 303 -12.40 7.42 36.30
C PRO D 303 -13.08 6.25 35.57
N VAL D 304 -12.55 5.85 34.41
CA VAL D 304 -13.18 4.82 33.59
C VAL D 304 -12.85 3.40 34.06
N GLY D 305 -11.56 3.14 34.26
CA GLY D 305 -11.09 1.82 34.70
C GLY D 305 -11.80 1.23 35.90
N ASP D 306 -11.86 1.99 37.00
CA ASP D 306 -12.44 1.48 38.26
C ASP D 306 -13.82 0.91 38.04
N VAL D 307 -14.61 1.70 37.31
CA VAL D 307 -16.03 1.47 37.12
C VAL D 307 -16.33 0.40 36.07
N LYS D 308 -15.49 0.34 35.04
CA LYS D 308 -15.58 -0.70 34.00
C LYS D 308 -15.40 -2.11 34.59
N GLU D 309 -14.47 -2.24 35.54
CA GLU D 309 -14.23 -3.50 36.25
C GLU D 309 -15.43 -3.90 37.10
N LEU D 310 -15.98 -2.95 37.85
CA LEU D 310 -17.13 -3.20 38.70
C LEU D 310 -18.34 -3.71 37.91
N ALA D 311 -18.57 -3.14 36.74
CA ALA D 311 -19.64 -3.59 35.85
C ALA D 311 -19.41 -5.03 35.39
N ALA D 312 -18.15 -5.38 35.10
CA ALA D 312 -17.78 -6.74 34.74
C ALA D 312 -18.02 -7.73 35.88
N ILE D 313 -17.66 -7.31 37.11
CA ILE D 313 -17.88 -8.12 38.32
C ILE D 313 -19.38 -8.42 38.53
N ARG D 314 -20.21 -7.39 38.40
CA ARG D 314 -21.67 -7.55 38.46
C ARG D 314 -22.18 -8.63 37.51
N GLU D 315 -21.76 -8.53 36.25
CA GLU D 315 -22.18 -9.46 35.21
C GLU D 315 -21.73 -10.89 35.52
N VAL D 316 -20.50 -11.04 36.02
CA VAL D 316 -19.96 -12.36 36.38
C VAL D 316 -20.71 -12.99 37.56
N PHE D 317 -20.90 -12.22 38.63
CA PHE D 317 -21.44 -12.76 39.89
C PHE D 317 -22.97 -12.64 40.07
N GLY D 318 -23.59 -11.73 39.34
CA GLY D 318 -25.04 -11.55 39.43
C GLY D 318 -25.45 -11.00 40.79
N ASP D 319 -26.35 -11.72 41.46
CA ASP D 319 -26.79 -11.36 42.81
C ASP D 319 -25.94 -12.02 43.91
N LYS D 320 -24.79 -12.56 43.52
CA LYS D 320 -23.88 -13.23 44.44
C LYS D 320 -22.47 -12.63 44.40
N SER D 321 -22.38 -11.31 44.49
CA SER D 321 -21.08 -10.62 44.40
C SER D 321 -20.26 -10.69 45.69
N PRO D 322 -18.93 -10.80 45.56
CA PRO D 322 -18.11 -10.94 46.76
C PRO D 322 -17.74 -9.59 47.37
N ALA D 323 -17.19 -9.65 48.59
CA ALA D 323 -16.54 -8.51 49.21
C ALA D 323 -15.35 -8.05 48.36
N ILE D 324 -15.21 -6.74 48.22
CA ILE D 324 -14.22 -6.12 47.34
C ILE D 324 -13.43 -5.06 48.10
N SER D 325 -12.12 -5.03 47.87
CA SER D 325 -11.33 -3.84 48.17
C SER D 325 -10.22 -3.63 47.14
N ALA D 326 -9.88 -2.37 46.91
CA ALA D 326 -8.75 -2.02 46.06
C ALA D 326 -7.58 -1.59 46.93
N THR D 327 -6.61 -2.49 47.07
CA THR D 327 -5.45 -2.19 47.90
C THR D 327 -4.50 -1.17 47.26
N LYS D 328 -4.68 -0.89 45.96
CA LYS D 328 -3.87 0.16 45.31
C LYS D 328 -4.10 1.52 45.97
N ALA D 329 -5.27 1.70 46.58
CA ALA D 329 -5.55 2.90 47.37
C ALA D 329 -4.51 3.13 48.47
N MET D 330 -4.00 2.04 49.06
CA MET D 330 -2.86 2.10 49.99
C MET D 330 -1.48 2.09 49.30
N THR D 331 -1.34 1.24 48.28
CA THR D 331 -0.01 0.87 47.79
C THR D 331 0.46 1.66 46.56
N GLY D 332 -0.49 2.24 45.83
CA GLY D 332 -0.23 2.74 44.49
C GLY D 332 -0.16 1.59 43.49
N HIS D 333 0.17 1.91 42.25
CA HIS D 333 0.21 0.94 41.15
C HIS D 333 1.66 0.61 40.78
N SER D 334 2.13 -0.57 41.19
CA SER D 334 3.51 -0.98 40.92
C SER D 334 3.70 -1.63 39.55
N LEU D 335 2.68 -1.50 38.70
CA LEU D 335 2.75 -1.89 37.29
C LEU D 335 3.07 -3.37 37.09
N GLY D 336 4.30 -3.69 36.67
CA GLY D 336 4.73 -5.08 36.46
C GLY D 336 4.77 -5.91 37.72
N ALA D 337 4.94 -5.24 38.86
CA ALA D 337 4.94 -5.92 40.15
C ALA D 337 3.54 -6.06 40.79
N ALA D 338 2.53 -5.44 40.18
CA ALA D 338 1.20 -5.38 40.81
C ALA D 338 0.51 -6.75 41.04
N GLY D 339 0.56 -7.61 40.03
CA GLY D 339 -0.07 -8.93 40.07
C GLY D 339 0.42 -9.84 41.18
N VAL D 340 1.73 -9.96 41.32
CA VAL D 340 2.31 -10.82 42.36
C VAL D 340 2.15 -10.20 43.76
N GLN D 341 2.34 -8.89 43.87
CA GLN D 341 2.15 -8.20 45.15
C GLN D 341 0.73 -8.33 45.69
N GLU D 342 -0.25 -8.21 44.80
CA GLU D 342 -1.66 -8.25 45.19
C GLU D 342 -2.17 -9.68 45.37
N ALA D 343 -1.52 -10.64 44.70
CA ALA D 343 -1.74 -12.07 45.00
C ALA D 343 -1.21 -12.37 46.39
N ILE D 344 -0.06 -11.78 46.72
CA ILE D 344 0.50 -11.84 48.08
C ILE D 344 -0.41 -11.19 49.11
N TYR D 345 -0.96 -10.00 48.82
CA TYR D 345 -1.91 -9.34 49.76
C TYR D 345 -3.12 -10.26 50.01
N SER D 346 -3.67 -10.81 48.92
CA SER D 346 -4.80 -11.74 48.97
C SER D 346 -4.48 -13.01 49.76
N LEU D 347 -3.28 -13.55 49.54
CA LEU D 347 -2.78 -14.72 50.27
C LEU D 347 -2.64 -14.46 51.77
N LEU D 348 -2.16 -13.26 52.12
CA LEU D 348 -2.03 -12.86 53.53
C LEU D 348 -3.39 -12.68 54.20
N MET D 349 -4.34 -12.13 53.46
CA MET D 349 -5.72 -12.03 53.93
C MET D 349 -6.34 -13.41 54.16
N LEU D 350 -6.06 -14.35 53.25
CA LEU D 350 -6.52 -15.74 53.37
C LEU D 350 -5.90 -16.45 54.59
N GLU D 351 -4.59 -16.31 54.75
CA GLU D 351 -3.85 -16.93 55.86
C GLU D 351 -4.28 -16.43 57.24
N HIS D 352 -4.44 -15.12 57.34
CA HIS D 352 -4.62 -14.46 58.63
C HIS D 352 -6.07 -14.09 58.91
N GLY D 353 -6.95 -14.39 57.95
CA GLY D 353 -8.39 -14.22 58.13
C GLY D 353 -8.84 -12.79 58.33
N PHE D 354 -8.61 -11.97 57.31
CA PHE D 354 -9.07 -10.57 57.35
C PHE D 354 -9.23 -10.02 55.95
N ILE D 355 -10.03 -8.96 55.84
CA ILE D 355 -10.14 -8.20 54.60
C ILE D 355 -9.52 -6.82 54.82
N ALA D 356 -8.53 -6.50 53.98
CA ALA D 356 -7.87 -5.20 53.97
C ALA D 356 -8.83 -4.13 53.42
N PRO D 357 -8.81 -2.91 54.01
CA PRO D 357 -9.79 -1.91 53.60
C PRO D 357 -9.46 -1.22 52.27
N SER D 358 -10.52 -0.74 51.62
CA SER D 358 -10.41 0.09 50.44
C SER D 358 -10.50 1.52 50.97
N ILE D 359 -9.35 2.17 51.07
CA ILE D 359 -9.27 3.48 51.74
C ILE D 359 -9.54 4.65 50.79
N ASN D 360 -9.69 5.84 51.38
CA ASN D 360 -9.88 7.12 50.67
C ASN D 360 -11.21 7.29 49.92
N ILE D 361 -12.21 6.47 50.23
CA ILE D 361 -13.54 6.65 49.65
C ILE D 361 -14.35 7.62 50.50
N GLU D 362 -14.14 8.91 50.25
CA GLU D 362 -14.87 9.96 50.96
C GLU D 362 -16.28 10.09 50.38
N GLU D 363 -16.40 9.84 49.08
CA GLU D 363 -17.68 9.83 48.41
C GLU D 363 -17.72 8.71 47.37
N LEU D 364 -18.54 7.70 47.64
CA LEU D 364 -18.60 6.49 46.80
C LEU D 364 -19.23 6.78 45.45
N ASP D 365 -18.54 6.40 44.38
CA ASP D 365 -19.03 6.57 43.00
C ASP D 365 -20.39 5.89 42.84
N GLU D 366 -21.30 6.55 42.13
CA GLU D 366 -22.65 6.04 41.91
C GLU D 366 -22.65 4.64 41.27
N GLN D 367 -21.67 4.37 40.41
CA GLN D 367 -21.58 3.09 39.73
C GLN D 367 -21.00 1.96 40.59
N ALA D 368 -20.60 2.30 41.82
CA ALA D 368 -20.11 1.32 42.79
C ALA D 368 -21.19 0.96 43.82
N ALA D 369 -22.38 1.50 43.62
CA ALA D 369 -23.50 1.31 44.54
C ALA D 369 -23.96 -0.15 44.61
N GLY D 370 -24.34 -0.58 45.81
CA GLY D 370 -24.90 -1.91 46.01
C GLY D 370 -23.89 -3.04 45.96
N LEU D 371 -22.61 -2.70 46.08
CA LEU D 371 -21.56 -3.71 46.23
C LEU D 371 -20.93 -3.58 47.60
N ASN D 372 -20.43 -4.69 48.14
CA ASN D 372 -19.70 -4.65 49.40
C ASN D 372 -18.25 -4.20 49.20
N ILE D 373 -18.04 -2.91 48.96
CA ILE D 373 -16.70 -2.35 48.97
C ILE D 373 -16.28 -2.16 50.43
N VAL D 374 -15.38 -3.02 50.89
CA VAL D 374 -14.96 -3.03 52.29
C VAL D 374 -14.04 -1.84 52.63
N THR D 375 -14.47 -1.01 53.58
CA THR D 375 -13.76 0.24 53.90
C THR D 375 -13.10 0.28 55.28
N GLU D 376 -13.34 -0.75 56.09
CA GLU D 376 -12.61 -0.92 57.35
C GLU D 376 -12.07 -2.33 57.43
N THR D 377 -10.92 -2.47 58.07
CA THR D 377 -10.32 -3.78 58.30
C THR D 377 -11.36 -4.69 58.96
N THR D 378 -11.61 -5.85 58.36
CA THR D 378 -12.55 -6.78 58.97
C THR D 378 -12.04 -8.21 59.03
N ASP D 379 -12.01 -8.73 60.25
CA ASP D 379 -11.66 -10.12 60.52
C ASP D 379 -12.77 -11.02 60.00
N ARG D 380 -12.35 -12.04 59.24
CA ARG D 380 -13.28 -12.93 58.59
C ARG D 380 -12.52 -14.13 58.08
N GLU D 381 -13.06 -15.31 58.35
CA GLU D 381 -12.50 -16.54 57.83
C GLU D 381 -12.85 -16.61 56.33
N LEU D 382 -11.81 -16.64 55.50
CA LEU D 382 -11.98 -16.72 54.05
C LEU D 382 -11.50 -18.08 53.55
N THR D 383 -12.02 -18.51 52.40
CA THR D 383 -11.67 -19.82 51.86
C THR D 383 -11.16 -19.69 50.42
N THR D 384 -11.84 -18.88 49.62
CA THR D 384 -11.51 -18.68 48.21
C THR D 384 -11.41 -17.20 47.92
N VAL D 385 -10.28 -16.78 47.34
CA VAL D 385 -10.06 -15.38 46.97
C VAL D 385 -9.76 -15.21 45.48
N MET D 386 -10.12 -14.04 44.95
CA MET D 386 -9.88 -13.73 43.54
C MET D 386 -9.07 -12.43 43.42
N SER D 387 -8.17 -12.39 42.43
CA SER D 387 -7.33 -11.21 42.20
C SER D 387 -7.24 -10.89 40.71
N ASN D 388 -7.64 -9.67 40.35
CA ASN D 388 -7.71 -9.24 38.95
C ASN D 388 -6.52 -8.34 38.57
N SER D 389 -6.06 -8.51 37.34
CA SER D 389 -4.99 -7.68 36.80
C SER D 389 -5.24 -7.45 35.32
N PHE D 390 -5.58 -6.21 34.98
CA PHE D 390 -5.91 -5.83 33.61
C PHE D 390 -4.96 -4.72 33.18
N GLY D 391 -4.17 -4.98 32.14
CA GLY D 391 -3.19 -4.00 31.67
C GLY D 391 -3.51 -3.34 30.34
N PHE D 392 -2.76 -2.29 30.03
CA PHE D 392 -2.82 -1.65 28.71
C PHE D 392 -2.58 -2.68 27.59
N GLY D 393 -3.17 -2.43 26.43
CA GLY D 393 -3.18 -3.39 25.32
C GLY D 393 -4.27 -4.44 25.45
N GLY D 394 -5.27 -4.18 26.30
CA GLY D 394 -6.39 -5.09 26.55
C GLY D 394 -5.97 -6.48 27.00
N THR D 395 -5.02 -6.56 27.92
CA THR D 395 -4.52 -7.84 28.41
C THR D 395 -5.02 -8.13 29.83
N ASN D 396 -5.71 -9.25 29.99
CA ASN D 396 -6.38 -9.57 31.26
C ASN D 396 -5.83 -10.83 31.90
N ALA D 397 -5.69 -10.78 33.22
CA ALA D 397 -5.34 -11.94 34.05
C ALA D 397 -6.20 -11.99 35.32
N THR D 398 -6.59 -13.19 35.73
CA THR D 398 -7.30 -13.40 37.00
C THR D 398 -6.74 -14.63 37.68
N LEU D 399 -6.48 -14.51 38.98
CA LEU D 399 -6.03 -15.64 39.78
C LEU D 399 -7.03 -15.95 40.88
N VAL D 400 -7.37 -17.22 41.02
CA VAL D 400 -8.23 -17.67 42.10
C VAL D 400 -7.47 -18.63 43.00
N MET D 401 -7.45 -18.31 44.29
CA MET D 401 -6.68 -19.06 45.28
C MET D 401 -7.58 -19.56 46.40
N ARG D 402 -7.42 -20.83 46.77
CA ARG D 402 -8.27 -21.49 47.76
C ARG D 402 -7.42 -22.27 48.76
N LYS D 403 -7.84 -22.22 50.03
CA LYS D 403 -7.27 -23.07 51.08
C LYS D 403 -7.37 -24.54 50.72
N LEU D 404 -6.34 -25.32 51.05
CA LEU D 404 -6.39 -26.77 50.89
C LEU D 404 -7.34 -27.40 51.92
O1 TL6 E . 6.75 1.91 -27.93
C1 TL6 E . 6.95 1.27 -28.95
S1 TL6 E . 6.65 1.93 -30.44
C4 TL6 E . 7.22 0.46 -31.25
C10 TL6 E . 8.50 0.78 -32.01
C3 TL6 E . 7.50 -0.52 -30.14
O2 TL6 E . 7.80 -1.80 -30.35
C2 TL6 E . 7.42 0.03 -28.93
C9 TL6 E . 7.83 -0.68 -27.67
C5 TL6 E . 6.16 -0.11 -32.17
C6 TL6 E . 5.42 0.63 -32.99
C7 TL6 E . 4.42 -0.02 -33.84
C8 TL6 E . 4.23 0.37 -35.09
O1 TL6 F . -24.32 13.02 -23.92
C1 TL6 F . -24.47 13.88 -23.08
S1 TL6 F . -23.54 15.26 -23.11
C4 TL6 F . -24.53 16.00 -21.86
C10 TL6 F . -25.36 17.16 -22.45
C3 TL6 F . -25.43 14.90 -21.36
O2 TL6 F . -26.18 15.02 -20.25
C2 TL6 F . -25.38 13.82 -22.10
C9 TL6 F . -26.24 12.61 -21.87
C5 TL6 F . -23.65 16.47 -20.71
C6 TL6 F . -22.56 17.23 -20.87
C7 TL6 F . -21.82 17.58 -19.65
C8 TL6 F . -20.71 18.31 -19.68
O1 TL6 G . -3.78 -0.23 34.78
C1 TL6 G . -4.67 0.05 34.01
S1 TL6 G . -5.28 -1.07 32.96
C4 TL6 G . -6.60 0.00 32.51
C10 TL6 G . -7.91 -0.47 33.14
C3 TL6 G . -6.22 1.34 33.08
O2 TL6 G . -6.81 2.48 32.71
C2 TL6 G . -5.23 1.27 33.97
C9 TL6 G . -4.78 2.40 34.84
C5 TL6 G . -6.70 0.06 31.00
C6 TL6 G . -6.55 -1.03 30.24
C7 TL6 G . -6.65 -0.92 28.78
C8 TL6 G . -7.06 -1.94 28.06
#